data_8EVD
#
_entry.id   8EVD
#
_cell.length_a   188.960
_cell.length_b   91.990
_cell.length_c   151.215
_cell.angle_alpha   90.000
_cell.angle_beta   92.540
_cell.angle_gamma   90.000
#
_symmetry.space_group_name_H-M   'C 1 2 1'
#
loop_
_entity.id
_entity.type
_entity.pdbx_description
1 polymer 'Nanobody VHH101'
2 polymer 'CFTR inhibitory factor'
3 water water
#
loop_
_entity_poly.entity_id
_entity_poly.type
_entity_poly.pdbx_seq_one_letter_code
_entity_poly.pdbx_strand_id
1 'polypeptide(L)'
;MAEVQLVESGGGLVQAGGSLRLTCAASAGSFRGYAMGWFRQAPGKEREFVAAVSVLTWSGDSTNIADSVKGRFTIFRDTA
KNTVYLQMNSLKPEDTAVYYCNGASEIGALQSGASLWSWGQGTQVTVSSGQAGQHHHHHHGAYPYDVPDYAS
;
A,B,E,F,I,J
2 'polypeptide(L)'
;AEEFPVPNGFESAYREVDGVKLHYVKGGQGPLVMLVHGFGQTWYEWHQLMPELAKRFTVIAPDLPGLGQSEPPKTGYSGE
QVAVYLHKLARQFSPDRPFDLVAHDIGIWNTYPMVVKNQADIARLVYMEAPIPDARIYRFPAFTAQGESLVWHFSFFAAD
DRLAETLIAGKERFFLEHFIKSHASNTEVFSERLLDLYARSYAKPHSLNASFEYYRALNESVRQNAELAKTRLQMPTMTL
AGGGHGGMGTFQLEQMKAYAEDVEGHVLPGCGHWLPEECAAPMNRLVIDFLSRGRHHHHHH
;
C,D,G,H,K,L
#
# COMPACT_ATOMS: atom_id res chain seq x y z
N VAL A 4 -16.32 -32.16 -25.07
CA VAL A 4 -15.54 -33.37 -24.87
C VAL A 4 -16.46 -34.57 -24.64
N GLN A 5 -16.21 -35.64 -25.39
CA GLN A 5 -16.92 -36.90 -25.23
C GLN A 5 -15.97 -37.93 -24.66
N LEU A 6 -16.29 -38.42 -23.46
CA LEU A 6 -15.40 -39.30 -22.71
C LEU A 6 -15.75 -40.76 -22.98
N VAL A 7 -14.73 -41.58 -23.14
CA VAL A 7 -14.91 -43.01 -23.33
C VAL A 7 -13.95 -43.75 -22.42
N GLU A 8 -14.50 -44.54 -21.50
CA GLU A 8 -13.71 -45.40 -20.65
C GLU A 8 -13.72 -46.82 -21.20
N SER A 9 -12.66 -47.57 -20.90
CA SER A 9 -12.57 -48.94 -21.35
C SER A 9 -11.58 -49.65 -20.44
N GLY A 10 -11.55 -50.97 -20.53
CA GLY A 10 -10.61 -51.79 -19.78
C GLY A 10 -11.19 -52.53 -18.60
N GLY A 11 -12.46 -52.32 -18.29
CA GLY A 11 -13.10 -53.03 -17.19
C GLY A 11 -13.33 -54.49 -17.51
N GLY A 12 -13.71 -55.25 -16.49
CA GLY A 12 -14.00 -56.64 -16.71
C GLY A 12 -14.19 -57.36 -15.38
N LEU A 13 -14.18 -58.68 -15.45
CA LEU A 13 -14.34 -59.53 -14.28
C LEU A 13 -12.96 -60.07 -13.95
N VAL A 14 -12.53 -59.87 -12.71
CA VAL A 14 -11.19 -60.24 -12.29
C VAL A 14 -11.23 -60.74 -10.86
N GLN A 15 -10.22 -61.50 -10.48
CA GLN A 15 -10.16 -62.10 -9.16
C GLN A 15 -9.47 -61.23 -8.16
N ALA A 16 -9.85 -61.38 -6.91
CA ALA A 16 -9.22 -60.61 -5.84
C ALA A 16 -7.72 -60.86 -5.84
N GLY A 17 -6.97 -59.79 -5.62
CA GLY A 17 -5.52 -59.82 -5.71
C GLY A 17 -4.99 -59.59 -7.11
N GLY A 18 -5.84 -59.66 -8.13
CA GLY A 18 -5.44 -59.41 -9.49
C GLY A 18 -5.34 -57.92 -9.78
N SER A 19 -5.19 -57.61 -11.07
CA SER A 19 -4.94 -56.23 -11.45
C SER A 19 -5.61 -55.94 -12.78
N LEU A 20 -5.91 -54.66 -12.99
CA LEU A 20 -6.53 -54.19 -14.22
C LEU A 20 -5.97 -52.81 -14.54
N ARG A 21 -6.05 -52.41 -15.79
CA ARG A 21 -5.68 -51.08 -16.21
C ARG A 21 -6.82 -50.52 -17.05
N LEU A 22 -7.33 -49.39 -16.63
CA LEU A 22 -8.44 -48.72 -17.30
C LEU A 22 -7.87 -47.62 -18.17
N THR A 23 -8.54 -47.36 -19.28
CA THR A 23 -8.16 -46.30 -20.20
C THR A 23 -9.26 -45.26 -20.27
N CYS A 24 -8.87 -43.99 -20.29
CA CYS A 24 -9.78 -42.89 -20.51
C CYS A 24 -9.34 -42.18 -21.78
N ALA A 25 -10.26 -42.04 -22.74
CA ALA A 25 -10.01 -41.40 -24.04
C ALA A 25 -11.14 -40.45 -24.38
N ALA A 26 -10.88 -39.55 -25.32
CA ALA A 26 -11.90 -38.65 -25.82
C ALA A 26 -12.27 -39.05 -27.24
N SER A 27 -13.54 -39.43 -27.45
CA SER A 27 -13.98 -39.76 -28.81
C SER A 27 -14.28 -38.50 -29.61
N ALA A 28 -14.59 -37.39 -28.95
CA ALA A 28 -14.69 -36.06 -29.56
C ALA A 28 -14.08 -35.05 -28.60
N GLY A 29 -13.47 -34.00 -29.15
CA GLY A 29 -12.80 -33.05 -28.30
C GLY A 29 -11.49 -33.60 -27.75
N SER A 30 -10.97 -32.89 -26.76
CA SER A 30 -9.67 -33.22 -26.19
C SER A 30 -9.63 -32.74 -24.74
N PHE A 31 -9.09 -33.56 -23.85
CA PHE A 31 -8.84 -33.11 -22.50
C PHE A 31 -7.36 -32.83 -22.23
N ARG A 32 -6.56 -32.64 -23.30
CA ARG A 32 -5.14 -32.31 -23.16
C ARG A 32 -4.93 -31.07 -22.27
N GLY A 33 -5.85 -30.10 -22.35
CA GLY A 33 -5.67 -28.86 -21.61
C GLY A 33 -6.13 -28.90 -20.18
N TYR A 34 -6.49 -30.07 -19.63
CA TYR A 34 -7.19 -30.11 -18.36
C TYR A 34 -6.67 -31.21 -17.44
N ALA A 35 -6.76 -30.98 -16.13
CA ALA A 35 -6.56 -32.05 -15.17
C ALA A 35 -7.63 -33.12 -15.35
N MET A 36 -7.27 -34.38 -15.07
CA MET A 36 -8.16 -35.49 -15.27
C MET A 36 -8.24 -36.37 -14.03
N GLY A 37 -9.41 -36.96 -13.81
CA GLY A 37 -9.63 -37.75 -12.63
C GLY A 37 -10.45 -38.99 -12.95
N TRP A 38 -10.31 -39.97 -12.07
CA TRP A 38 -11.13 -41.17 -12.10
C TRP A 38 -12.10 -41.12 -10.94
N PHE A 39 -13.30 -41.61 -11.18
CA PHE A 39 -14.38 -41.71 -10.21
C PHE A 39 -14.96 -43.11 -10.29
N ARG A 40 -15.68 -43.52 -9.25
CA ARG A 40 -16.35 -44.81 -9.31
C ARG A 40 -17.68 -44.72 -8.59
N GLN A 41 -18.63 -45.54 -9.02
CA GLN A 41 -19.93 -45.61 -8.35
C GLN A 41 -20.47 -47.03 -8.38
N ALA A 42 -20.74 -47.62 -7.14
CA ALA A 42 -21.41 -48.91 -7.06
C ALA A 42 -22.94 -48.73 -6.94
N PRO A 43 -23.69 -49.71 -7.45
CA PRO A 43 -25.14 -49.66 -7.36
C PRO A 43 -25.61 -49.68 -5.91
N GLY A 44 -26.04 -48.54 -5.38
CA GLY A 44 -26.44 -48.43 -3.99
C GLY A 44 -25.74 -47.31 -3.27
N LYS A 45 -24.51 -47.01 -3.69
CA LYS A 45 -23.66 -46.01 -3.07
C LYS A 45 -23.55 -44.76 -3.92
N GLU A 46 -22.96 -43.74 -3.30
CA GLU A 46 -22.71 -42.50 -4.01
C GLU A 46 -21.50 -42.61 -4.91
N ARG A 47 -21.47 -41.75 -5.90
CA ARG A 47 -20.30 -41.68 -6.76
C ARG A 47 -19.18 -40.99 -5.99
N GLU A 48 -17.98 -41.54 -6.10
CA GLU A 48 -16.89 -41.06 -5.29
C GLU A 48 -15.63 -40.90 -6.11
N PHE A 49 -14.85 -39.88 -5.74
CA PHE A 49 -13.55 -39.59 -6.33
C PHE A 49 -12.57 -40.71 -6.02
N VAL A 50 -11.74 -41.05 -7.01
CA VAL A 50 -10.75 -42.12 -6.88
C VAL A 50 -9.32 -41.59 -7.01
N ALA A 51 -9.03 -40.85 -8.08
CA ALA A 51 -7.66 -40.42 -8.33
C ALA A 51 -7.68 -39.26 -9.32
N ALA A 52 -6.63 -38.40 -9.27
CA ALA A 52 -6.51 -37.27 -10.18
C ALA A 52 -5.06 -36.97 -10.53
N VAL A 53 -4.85 -36.47 -11.75
CA VAL A 53 -3.53 -36.06 -12.23
C VAL A 53 -3.64 -34.71 -12.94
N SER A 54 -2.67 -33.82 -12.68
CA SER A 54 -2.69 -32.48 -13.25
C SER A 54 -2.24 -32.49 -14.72
N VAL A 55 -2.34 -31.32 -15.37
CA VAL A 55 -1.58 -31.15 -16.60
C VAL A 55 -0.10 -31.03 -16.27
N LEU A 56 0.72 -31.19 -17.30
CA LEU A 56 2.15 -30.96 -17.16
C LEU A 56 2.45 -29.48 -17.31
N THR A 57 3.05 -28.89 -16.28
CA THR A 57 3.56 -27.52 -16.40
C THR A 57 5.08 -27.56 -16.38
N TRP A 58 5.67 -26.37 -16.54
CA TRP A 58 7.13 -26.27 -16.51
C TRP A 58 7.70 -26.73 -15.17
N SER A 59 6.96 -26.56 -14.07
CA SER A 59 7.40 -27.03 -12.75
C SER A 59 7.18 -28.52 -12.53
N GLY A 60 6.49 -29.21 -13.43
CA GLY A 60 6.19 -30.62 -13.24
C GLY A 60 4.69 -30.85 -13.19
N ASP A 61 4.30 -31.89 -12.46
CA ASP A 61 2.88 -32.24 -12.36
C ASP A 61 2.56 -32.64 -10.93
N SER A 62 1.31 -33.02 -10.72
CA SER A 62 0.86 -33.41 -9.40
C SER A 62 -0.27 -34.42 -9.52
N THR A 63 -0.35 -35.29 -8.52
CA THR A 63 -1.39 -36.31 -8.44
C THR A 63 -2.00 -36.30 -7.06
N ASN A 64 -3.21 -36.84 -6.97
CA ASN A 64 -3.83 -37.08 -5.68
C ASN A 64 -4.54 -38.41 -5.75
N ILE A 65 -4.31 -39.26 -4.76
CA ILE A 65 -4.88 -40.60 -4.75
C ILE A 65 -5.78 -40.69 -3.52
N ALA A 66 -7.04 -41.07 -3.72
CA ALA A 66 -7.96 -41.22 -2.60
C ALA A 66 -7.44 -42.26 -1.62
N ASP A 67 -7.60 -41.97 -0.32
CA ASP A 67 -7.08 -42.86 0.71
C ASP A 67 -7.63 -44.28 0.57
N SER A 68 -8.84 -44.43 0.02
CA SER A 68 -9.43 -45.76 -0.09
C SER A 68 -8.63 -46.68 -1.01
N VAL A 69 -7.88 -46.14 -1.96
CA VAL A 69 -7.12 -46.97 -2.88
C VAL A 69 -5.64 -46.65 -2.85
N LYS A 70 -5.21 -45.78 -1.95
CA LYS A 70 -3.81 -45.40 -1.85
C LYS A 70 -2.97 -46.64 -1.59
N GLY A 71 -1.87 -46.79 -2.32
CA GLY A 71 -1.04 -47.96 -2.20
C GLY A 71 -1.42 -49.10 -3.11
N ARG A 72 -2.59 -49.01 -3.78
CA ARG A 72 -3.07 -50.03 -4.70
C ARG A 72 -3.35 -49.49 -6.09
N PHE A 73 -3.94 -48.30 -6.23
CA PHE A 73 -4.22 -47.72 -7.54
C PHE A 73 -3.22 -46.61 -7.79
N THR A 74 -2.86 -46.44 -9.07
CA THR A 74 -2.08 -45.30 -9.54
C THR A 74 -2.71 -44.73 -10.81
N ILE A 75 -2.46 -43.46 -11.06
CA ILE A 75 -2.98 -42.76 -12.23
C ILE A 75 -1.81 -42.15 -13.01
N PHE A 76 -1.91 -42.15 -14.34
CA PHE A 76 -0.88 -41.52 -15.14
C PHE A 76 -1.48 -41.17 -16.49
N ARG A 77 -0.79 -40.29 -17.21
CA ARG A 77 -1.25 -39.77 -18.49
C ARG A 77 -0.27 -40.13 -19.59
N ASP A 78 -0.77 -40.21 -20.83
CA ASP A 78 0.09 -40.31 -22.00
C ASP A 78 -0.14 -39.04 -22.83
N THR A 79 0.88 -38.18 -22.91
CA THR A 79 0.74 -36.91 -23.61
C THR A 79 0.97 -37.00 -25.11
N ALA A 80 1.28 -38.18 -25.65
CA ALA A 80 1.31 -38.39 -27.09
C ALA A 80 -0.04 -38.87 -27.58
N LYS A 81 -0.71 -39.70 -26.79
CA LYS A 81 -2.03 -40.19 -27.10
C LYS A 81 -3.14 -39.30 -26.58
N ASN A 82 -2.84 -38.41 -25.62
CA ASN A 82 -3.86 -37.65 -24.90
C ASN A 82 -4.89 -38.58 -24.27
N THR A 83 -4.38 -39.53 -23.50
CA THR A 83 -5.17 -40.49 -22.75
C THR A 83 -4.73 -40.43 -21.29
N VAL A 84 -5.52 -41.03 -20.41
CA VAL A 84 -5.25 -41.11 -18.98
C VAL A 84 -5.55 -42.55 -18.55
N TYR A 85 -4.78 -43.06 -17.60
CA TYR A 85 -4.89 -44.47 -17.21
C TYR A 85 -5.10 -44.60 -15.71
N LEU A 86 -5.80 -45.66 -15.31
CA LEU A 86 -5.91 -46.04 -13.91
C LEU A 86 -5.37 -47.46 -13.79
N GLN A 87 -4.20 -47.60 -13.16
CA GLN A 87 -3.62 -48.91 -12.90
C GLN A 87 -4.14 -49.40 -11.55
N MET A 88 -4.88 -50.49 -11.57
CA MET A 88 -5.51 -51.01 -10.36
C MET A 88 -4.82 -52.31 -9.98
N ASN A 89 -4.01 -52.27 -8.94
CA ASN A 89 -3.37 -53.47 -8.41
C ASN A 89 -4.08 -53.89 -7.13
N SER A 90 -3.91 -55.16 -6.78
CA SER A 90 -4.42 -55.72 -5.53
C SER A 90 -5.93 -55.53 -5.41
N LEU A 91 -6.65 -55.89 -6.47
CA LEU A 91 -8.08 -55.61 -6.52
C LEU A 91 -8.83 -56.37 -5.43
N LYS A 92 -9.82 -55.70 -4.84
CA LYS A 92 -10.63 -56.23 -3.76
C LYS A 92 -12.07 -56.26 -4.21
N PRO A 93 -12.89 -57.10 -3.63
CA PRO A 93 -14.30 -57.12 -3.97
C PRO A 93 -15.00 -55.79 -3.76
N GLU A 94 -14.66 -55.06 -2.74
CA GLU A 94 -15.30 -53.77 -2.54
C GLU A 94 -14.87 -52.73 -3.58
N ASP A 95 -13.93 -53.05 -4.46
CA ASP A 95 -13.61 -52.17 -5.60
C ASP A 95 -14.61 -52.33 -6.73
N THR A 96 -15.58 -53.23 -6.59
CA THR A 96 -16.56 -53.48 -7.65
C THR A 96 -17.45 -52.26 -7.85
N ALA A 97 -17.54 -51.78 -9.09
CA ALA A 97 -18.24 -50.53 -9.39
C ALA A 97 -18.10 -50.23 -10.87
N VAL A 98 -18.83 -49.23 -11.33
CA VAL A 98 -18.58 -48.64 -12.64
C VAL A 98 -17.59 -47.49 -12.45
N TYR A 99 -16.55 -47.46 -13.28
CA TYR A 99 -15.49 -46.47 -13.17
C TYR A 99 -15.63 -45.45 -14.28
N TYR A 100 -15.47 -44.16 -13.92
CA TYR A 100 -15.68 -43.05 -14.84
C TYR A 100 -14.49 -42.10 -14.78
N CYS A 101 -14.19 -41.43 -15.90
CA CYS A 101 -13.24 -40.34 -15.93
C CYS A 101 -13.92 -39.02 -16.25
N ASN A 102 -13.32 -37.93 -15.79
CA ASN A 102 -13.79 -36.58 -16.08
C ASN A 102 -12.64 -35.61 -15.79
N GLY A 103 -12.82 -34.35 -16.21
CA GLY A 103 -11.77 -33.35 -16.12
C GLY A 103 -12.18 -32.12 -15.33
N ALA A 104 -11.19 -31.30 -15.01
CA ALA A 104 -11.42 -30.04 -14.33
C ALA A 104 -10.21 -29.16 -14.57
N SER A 105 -10.32 -27.89 -14.17
CA SER A 105 -9.21 -26.98 -14.39
C SER A 105 -8.03 -27.31 -13.47
N GLU A 106 -8.26 -28.01 -12.37
CA GLU A 106 -7.20 -28.38 -11.45
C GLU A 106 -7.64 -29.61 -10.65
N ILE A 107 -6.66 -30.33 -10.08
CA ILE A 107 -7.00 -31.58 -9.40
C ILE A 107 -7.81 -31.32 -8.13
N GLY A 108 -7.65 -30.15 -7.50
CA GLY A 108 -8.41 -29.85 -6.29
C GLY A 108 -9.91 -29.87 -6.52
N ALA A 109 -10.36 -29.33 -7.64
CA ALA A 109 -11.78 -29.39 -7.97
C ALA A 109 -12.27 -30.82 -8.09
N LEU A 110 -11.49 -31.69 -8.75
CA LEU A 110 -11.87 -33.10 -8.83
C LEU A 110 -11.95 -33.73 -7.45
N GLN A 111 -11.00 -33.40 -6.57
CA GLN A 111 -11.03 -33.91 -5.20
C GLN A 111 -12.33 -33.54 -4.50
N SER A 112 -12.91 -32.39 -4.86
CA SER A 112 -14.14 -31.95 -4.26
C SER A 112 -15.37 -32.43 -5.02
N GLY A 113 -15.20 -33.36 -5.96
CA GLY A 113 -16.34 -33.93 -6.66
C GLY A 113 -16.83 -33.16 -7.86
N ALA A 114 -16.18 -32.07 -8.20
CA ALA A 114 -16.58 -31.26 -9.33
C ALA A 114 -15.93 -31.72 -10.64
N SER A 115 -16.61 -31.50 -11.75
CA SER A 115 -16.10 -31.92 -13.06
C SER A 115 -16.78 -31.13 -14.17
N LEU A 116 -16.17 -31.16 -15.35
CA LEU A 116 -16.53 -30.26 -16.45
C LEU A 116 -17.51 -30.84 -17.45
N TRP A 117 -17.48 -32.15 -17.73
CA TRP A 117 -18.19 -32.63 -18.90
C TRP A 117 -19.23 -33.69 -18.52
N SER A 118 -20.13 -33.95 -19.47
CA SER A 118 -21.12 -35.01 -19.30
C SER A 118 -20.42 -36.32 -19.05
N TRP A 119 -20.98 -37.13 -18.16
CA TRP A 119 -20.37 -38.41 -17.87
C TRP A 119 -20.50 -39.36 -19.06
N GLY A 120 -19.45 -40.13 -19.31
CA GLY A 120 -19.52 -41.20 -20.29
C GLY A 120 -20.20 -42.39 -19.69
N GLN A 121 -20.24 -43.49 -20.46
CA GLN A 121 -20.92 -44.70 -20.00
C GLN A 121 -20.17 -45.38 -18.86
N GLY A 122 -18.87 -45.09 -18.70
CA GLY A 122 -18.07 -45.75 -17.68
C GLY A 122 -17.72 -47.16 -18.11
N THR A 123 -16.93 -47.82 -17.28
CA THR A 123 -16.55 -49.20 -17.53
C THR A 123 -16.71 -49.99 -16.23
N GLN A 124 -17.39 -51.14 -16.34
CA GLN A 124 -17.74 -51.97 -15.21
C GLN A 124 -16.53 -52.76 -14.74
N VAL A 125 -16.26 -52.71 -13.44
CA VAL A 125 -15.23 -53.52 -12.81
C VAL A 125 -15.91 -54.38 -11.76
N THR A 126 -15.78 -55.69 -11.88
CA THR A 126 -16.34 -56.65 -10.92
C THR A 126 -15.20 -57.51 -10.40
N VAL A 127 -14.99 -57.52 -9.10
CA VAL A 127 -13.94 -58.31 -8.52
C VAL A 127 -14.57 -59.45 -7.73
N SER A 128 -14.39 -60.64 -8.22
CA SER A 128 -15.03 -61.82 -7.62
C SER A 128 -14.15 -62.44 -6.56
N VAL B 4 48.06 -30.23 -10.25
CA VAL B 4 47.29 -29.09 -10.74
C VAL B 4 47.99 -27.77 -10.39
N GLN B 5 48.17 -26.91 -11.39
CA GLN B 5 48.78 -25.61 -11.18
C GLN B 5 47.71 -24.50 -11.35
N LEU B 6 47.42 -23.78 -10.28
CA LEU B 6 46.34 -22.80 -10.27
C LEU B 6 46.84 -21.42 -10.68
N VAL B 7 46.02 -20.72 -11.45
CA VAL B 7 46.33 -19.35 -11.91
C VAL B 7 45.09 -18.49 -11.69
N GLU B 8 45.21 -17.48 -10.82
CA GLU B 8 44.15 -16.51 -10.62
C GLU B 8 44.42 -15.26 -11.43
N SER B 9 43.36 -14.54 -11.78
CA SER B 9 43.48 -13.29 -12.52
C SER B 9 42.19 -12.50 -12.36
N GLY B 10 42.25 -11.24 -12.79
CA GLY B 10 41.10 -10.37 -12.75
C GLY B 10 41.13 -9.34 -11.64
N GLY B 11 42.13 -9.38 -10.77
CA GLY B 11 42.19 -8.41 -9.71
C GLY B 11 42.56 -7.02 -10.23
N GLY B 12 42.38 -6.04 -9.37
CA GLY B 12 42.72 -4.69 -9.72
C GLY B 12 42.26 -3.74 -8.64
N LEU B 13 42.32 -2.45 -8.97
CA LEU B 13 41.99 -1.37 -8.07
C LEU B 13 40.62 -0.84 -8.43
N VAL B 14 39.73 -0.80 -7.45
CA VAL B 14 38.36 -0.35 -7.68
C VAL B 14 37.87 0.51 -6.53
N GLN B 15 36.85 1.31 -6.80
CA GLN B 15 36.28 2.19 -5.80
C GLN B 15 35.12 1.51 -5.11
N ALA B 16 34.89 1.88 -3.85
CA ALA B 16 33.83 1.24 -3.07
C ALA B 16 32.52 1.30 -3.84
N GLY B 17 31.76 0.21 -3.79
CA GLY B 17 30.56 0.07 -4.58
C GLY B 17 30.80 -0.50 -5.95
N GLY B 18 32.05 -0.59 -6.39
CA GLY B 18 32.37 -1.11 -7.69
C GLY B 18 32.34 -2.63 -7.70
N SER B 19 32.80 -3.18 -8.83
CA SER B 19 32.67 -4.60 -9.04
C SER B 19 33.87 -5.11 -9.81
N LEU B 20 34.17 -6.39 -9.59
CA LEU B 20 35.24 -7.06 -10.27
C LEU B 20 34.81 -8.50 -10.48
N ARG B 21 35.40 -9.17 -11.46
CA ARG B 21 35.22 -10.58 -11.64
C ARG B 21 36.57 -11.26 -11.70
N LEU B 22 36.77 -12.23 -10.83
CA LEU B 22 37.99 -13.02 -10.77
C LEU B 22 37.83 -14.33 -11.51
N THR B 23 38.93 -14.77 -12.11
CA THR B 23 38.98 -16.03 -12.84
C THR B 23 40.00 -16.96 -12.21
N CYS B 24 39.63 -18.22 -12.08
CA CYS B 24 40.52 -19.27 -11.64
C CYS B 24 40.68 -20.28 -12.78
N ALA B 25 41.93 -20.55 -13.17
CA ALA B 25 42.20 -21.51 -14.24
C ALA B 25 43.32 -22.44 -13.82
N ALA B 26 43.43 -23.57 -14.52
CA ALA B 26 44.51 -24.52 -14.28
C ALA B 26 45.46 -24.39 -15.46
N SER B 27 46.69 -23.98 -15.17
CA SER B 27 47.70 -23.93 -16.22
C SER B 27 48.33 -25.30 -16.46
N ALA B 28 48.24 -26.20 -15.47
CA ALA B 28 48.57 -27.62 -15.64
C ALA B 28 47.54 -28.45 -14.88
N GLY B 29 47.22 -29.64 -15.42
CA GLY B 29 46.20 -30.47 -14.81
C GLY B 29 44.78 -29.95 -15.03
N SER B 30 43.85 -30.49 -14.24
CA SER B 30 42.44 -30.16 -14.33
C SER B 30 41.79 -30.30 -12.97
N PHE B 31 40.94 -29.34 -12.61
CA PHE B 31 40.10 -29.44 -11.40
C PHE B 31 38.64 -29.71 -11.75
N ARG B 32 38.38 -30.24 -12.97
CA ARG B 32 37.03 -30.61 -13.36
C ARG B 32 36.40 -31.60 -12.38
N GLY B 33 37.20 -32.52 -11.83
CA GLY B 33 36.70 -33.53 -10.94
C GLY B 33 36.55 -33.14 -9.48
N TYR B 34 36.70 -31.86 -9.12
CA TYR B 34 36.77 -31.45 -7.71
C TYR B 34 35.95 -30.21 -7.46
N ALA B 35 35.44 -30.10 -6.23
CA ALA B 35 34.88 -28.85 -5.75
C ALA B 35 35.96 -27.78 -5.77
N MET B 36 35.55 -26.51 -5.96
CA MET B 36 36.48 -25.40 -6.06
C MET B 36 36.04 -24.26 -5.17
N GLY B 37 37.02 -23.53 -4.64
CA GLY B 37 36.76 -22.47 -3.68
C GLY B 37 37.66 -21.26 -3.84
N TRP B 38 37.16 -20.13 -3.36
CA TRP B 38 37.93 -18.91 -3.31
C TRP B 38 38.25 -18.62 -1.85
N PHE B 39 39.47 -18.14 -1.65
CA PHE B 39 40.02 -17.75 -0.36
C PHE B 39 40.64 -16.37 -0.52
N ARG B 40 40.82 -15.65 0.59
CA ARG B 40 41.47 -14.35 0.56
C ARG B 40 42.36 -14.14 1.78
N GLN B 41 43.37 -13.30 1.60
CA GLN B 41 44.31 -12.98 2.65
C GLN B 41 44.64 -11.49 2.65
N ALA B 42 44.29 -10.85 3.67
CA ALA B 42 44.72 -9.46 3.81
C ALA B 42 46.09 -9.41 4.46
N PRO B 43 46.89 -8.37 4.22
CA PRO B 43 48.20 -8.27 4.90
C PRO B 43 47.96 -8.14 6.40
N GLY B 44 48.50 -9.09 7.17
CA GLY B 44 48.29 -9.15 8.59
C GLY B 44 47.43 -10.32 9.01
N LYS B 45 46.52 -10.77 8.14
CA LYS B 45 45.65 -11.86 8.48
C LYS B 45 46.11 -13.12 7.80
N GLU B 46 45.55 -14.23 8.23
CA GLU B 46 45.81 -15.48 7.54
C GLU B 46 44.76 -15.65 6.42
N ARG B 47 45.01 -16.58 5.51
CA ARG B 47 44.07 -16.84 4.42
C ARG B 47 42.78 -17.49 4.93
N GLU B 48 41.63 -17.02 4.42
CA GLU B 48 40.30 -17.40 4.92
C GLU B 48 39.36 -17.73 3.77
N PHE B 49 38.45 -18.65 4.03
CA PHE B 49 37.45 -19.10 3.06
C PHE B 49 36.48 -17.97 2.68
N VAL B 50 36.17 -17.89 1.39
CA VAL B 50 35.23 -16.91 0.84
C VAL B 50 34.00 -17.59 0.24
N ALA B 51 34.20 -18.55 -0.66
CA ALA B 51 33.09 -19.18 -1.36
C ALA B 51 33.54 -20.52 -1.93
N ALA B 52 32.57 -21.40 -2.15
CA ALA B 52 32.82 -22.73 -2.68
C ALA B 52 31.69 -23.15 -3.61
N VAL B 53 32.03 -23.95 -4.62
CA VAL B 53 31.06 -24.52 -5.54
C VAL B 53 31.40 -25.99 -5.77
N SER B 54 30.39 -26.86 -5.73
CA SER B 54 30.64 -28.29 -5.92
C SER B 54 30.85 -28.64 -7.39
N VAL B 55 31.17 -29.92 -7.65
CA VAL B 55 31.01 -30.47 -9.00
C VAL B 55 29.52 -30.61 -9.29
N LEU B 56 29.19 -30.74 -10.57
CA LEU B 56 27.81 -31.04 -10.96
C LEU B 56 27.56 -32.53 -10.85
N THR B 57 26.54 -32.92 -10.10
CA THR B 57 26.07 -34.29 -10.09
C THR B 57 24.72 -34.37 -10.77
N TRP B 58 24.21 -35.59 -10.91
CA TRP B 58 22.90 -35.80 -11.52
C TRP B 58 21.80 -35.08 -10.74
N SER B 59 21.98 -34.91 -9.43
CA SER B 59 21.03 -34.21 -8.57
C SER B 59 21.17 -32.70 -8.62
N GLY B 60 22.21 -32.16 -9.28
CA GLY B 60 22.46 -30.74 -9.31
C GLY B 60 23.80 -30.40 -8.67
N ASP B 61 23.90 -29.18 -8.12
CA ASP B 61 25.15 -28.74 -7.51
C ASP B 61 24.84 -28.01 -6.21
N SER B 62 25.89 -27.52 -5.54
CA SER B 62 25.81 -26.82 -4.26
C SER B 62 26.87 -25.74 -4.18
N THR B 63 26.53 -24.64 -3.48
CA THR B 63 27.46 -23.56 -3.23
C THR B 63 27.36 -23.18 -1.75
N ASN B 64 28.43 -22.61 -1.24
CA ASN B 64 28.46 -22.06 0.11
C ASN B 64 29.22 -20.75 0.03
N ILE B 65 28.66 -19.68 0.56
CA ILE B 65 29.26 -18.35 0.50
C ILE B 65 29.43 -17.85 1.93
N ALA B 66 30.65 -17.40 2.26
CA ALA B 66 30.95 -16.86 3.59
C ALA B 66 30.02 -15.70 3.93
N ASP B 67 29.61 -15.64 5.20
CA ASP B 67 28.66 -14.63 5.64
C ASP B 67 29.16 -13.22 5.36
N SER B 68 30.48 -13.01 5.40
CA SER B 68 31.05 -11.68 5.23
C SER B 68 30.82 -11.11 3.83
N VAL B 69 30.63 -11.96 2.82
CA VAL B 69 30.41 -11.50 1.45
C VAL B 69 29.07 -11.95 0.91
N LYS B 70 28.26 -12.58 1.72
CA LYS B 70 26.96 -13.05 1.29
C LYS B 70 26.05 -11.91 0.83
N GLY B 71 25.44 -12.06 -0.33
CA GLY B 71 24.65 -10.97 -0.87
C GLY B 71 25.43 -9.99 -1.74
N ARG B 72 26.74 -10.12 -1.81
CA ARG B 72 27.59 -9.28 -2.64
C ARG B 72 28.44 -10.09 -3.61
N PHE B 73 28.96 -11.24 -3.19
CA PHE B 73 29.79 -12.11 -4.02
C PHE B 73 29.01 -13.35 -4.46
N THR B 74 29.28 -13.81 -5.67
CA THR B 74 28.77 -15.10 -6.11
C THR B 74 29.89 -15.89 -6.80
N ILE B 75 29.80 -17.22 -6.72
CA ILE B 75 30.78 -18.12 -7.32
C ILE B 75 30.06 -18.98 -8.35
N PHE B 76 30.73 -19.28 -9.46
CA PHE B 76 30.13 -20.14 -10.48
C PHE B 76 31.22 -20.75 -11.34
N ARG B 77 30.87 -21.80 -12.08
CA ARG B 77 31.82 -22.56 -12.88
C ARG B 77 31.42 -22.56 -14.35
N ASP B 78 32.41 -22.78 -15.20
CA ASP B 78 32.17 -23.01 -16.62
C ASP B 78 32.69 -24.41 -16.92
N THR B 79 31.79 -25.34 -17.21
CA THR B 79 32.19 -26.73 -17.44
C THR B 79 32.65 -26.98 -18.87
N ALA B 80 32.62 -25.97 -19.73
CA ALA B 80 33.23 -26.06 -21.05
C ALA B 80 34.70 -25.64 -21.02
N LYS B 81 35.02 -24.60 -20.25
CA LYS B 81 36.40 -24.13 -20.10
C LYS B 81 37.11 -24.80 -18.92
N ASN B 82 36.36 -25.42 -18.02
CA ASN B 82 36.90 -25.93 -16.77
C ASN B 82 37.57 -24.82 -15.97
N THR B 83 36.81 -23.74 -15.76
CA THR B 83 37.28 -22.58 -15.02
C THR B 83 36.29 -22.28 -13.90
N VAL B 84 36.73 -21.44 -12.97
CA VAL B 84 35.94 -21.03 -11.81
C VAL B 84 36.05 -19.51 -11.69
N TYR B 85 34.95 -18.86 -11.28
CA TYR B 85 34.85 -17.40 -11.25
C TYR B 85 34.35 -16.91 -9.91
N LEU B 86 34.79 -15.72 -9.54
CA LEU B 86 34.26 -15.00 -8.39
C LEU B 86 33.75 -13.66 -8.88
N GLN B 87 32.44 -13.47 -8.86
CA GLN B 87 31.84 -12.17 -9.20
C GLN B 87 31.67 -11.37 -7.93
N MET B 88 32.37 -10.26 -7.84
CA MET B 88 32.35 -9.44 -6.65
C MET B 88 31.64 -8.13 -6.90
N ASN B 89 30.44 -8.00 -6.35
CA ASN B 89 29.63 -6.80 -6.43
C ASN B 89 29.70 -6.05 -5.10
N SER B 90 29.35 -4.77 -5.14
CA SER B 90 29.25 -3.94 -3.93
C SER B 90 30.53 -4.00 -3.11
N LEU B 91 31.68 -3.79 -3.77
CA LEU B 91 32.96 -3.94 -3.09
C LEU B 91 33.13 -2.91 -1.98
N LYS B 92 33.73 -3.36 -0.89
CA LYS B 92 34.00 -2.58 0.31
C LYS B 92 35.49 -2.50 0.55
N PRO B 93 35.96 -1.47 1.26
CA PRO B 93 37.40 -1.40 1.56
C PRO B 93 37.90 -2.64 2.31
N GLU B 94 37.06 -3.18 3.14
CA GLU B 94 37.42 -4.32 3.89
C GLU B 94 37.48 -5.62 3.07
N ASP B 95 37.13 -5.55 1.80
CA ASP B 95 37.35 -6.64 0.84
C ASP B 95 38.76 -6.63 0.26
N THR B 96 39.60 -5.67 0.62
CA THR B 96 40.95 -5.60 0.07
C THR B 96 41.78 -6.79 0.56
N ALA B 97 42.38 -7.52 -0.37
CA ALA B 97 43.12 -8.75 -0.06
C ALA B 97 43.67 -9.35 -1.35
N VAL B 98 44.54 -10.34 -1.19
CA VAL B 98 44.91 -11.23 -2.30
C VAL B 98 43.96 -12.41 -2.29
N TYR B 99 43.39 -12.71 -3.46
CA TYR B 99 42.38 -13.75 -3.59
C TYR B 99 42.97 -14.99 -4.28
N TYR B 100 42.67 -16.17 -3.72
CA TYR B 100 43.23 -17.43 -4.21
C TYR B 100 42.12 -18.44 -4.41
N CYS B 101 42.31 -19.34 -5.38
CA CYS B 101 41.41 -20.47 -5.54
C CYS B 101 42.15 -21.77 -5.23
N ASN B 102 41.39 -22.75 -4.78
CA ASN B 102 41.89 -24.08 -4.54
C ASN B 102 40.71 -25.04 -4.55
N GLY B 103 41.01 -26.33 -4.52
CA GLY B 103 40.00 -27.36 -4.66
C GLY B 103 40.00 -28.36 -3.51
N ALA B 104 38.95 -29.16 -3.47
CA ALA B 104 38.83 -30.25 -2.50
C ALA B 104 37.79 -31.23 -3.03
N SER B 105 37.67 -32.38 -2.35
CA SER B 105 36.71 -33.39 -2.78
C SER B 105 35.27 -32.95 -2.53
N GLU B 106 35.05 -31.97 -1.65
CA GLU B 106 33.70 -31.51 -1.38
C GLU B 106 33.78 -30.11 -0.78
N ILE B 107 32.65 -29.38 -0.88
CA ILE B 107 32.67 -28.00 -0.42
C ILE B 107 32.83 -27.91 1.08
N GLY B 108 32.38 -28.93 1.84
CA GLY B 108 32.57 -28.88 3.29
C GLY B 108 34.03 -28.80 3.69
N ALA B 109 34.89 -29.53 3.00
CA ALA B 109 36.33 -29.44 3.27
C ALA B 109 36.84 -28.01 3.04
N LEU B 110 36.42 -27.38 1.94
CA LEU B 110 36.82 -25.99 1.70
C LEU B 110 36.31 -25.08 2.82
N GLN B 111 35.08 -25.28 3.27
CA GLN B 111 34.52 -24.47 4.37
C GLN B 111 35.38 -24.58 5.62
N SER B 112 36.05 -25.73 5.82
CA SER B 112 36.91 -25.96 6.96
C SER B 112 38.37 -25.58 6.69
N GLY B 113 38.66 -24.88 5.60
CA GLY B 113 40.00 -24.39 5.38
C GLY B 113 40.94 -25.36 4.70
N ALA B 114 40.48 -26.54 4.32
CA ALA B 114 41.30 -27.55 3.67
C ALA B 114 41.34 -27.37 2.16
N SER B 115 42.44 -27.81 1.55
CA SER B 115 42.57 -27.72 0.10
C SER B 115 43.60 -28.74 -0.39
N LEU B 116 43.57 -28.99 -1.70
CA LEU B 116 44.31 -30.10 -2.29
C LEU B 116 45.65 -29.70 -2.90
N TRP B 117 45.78 -28.49 -3.42
CA TRP B 117 46.94 -28.20 -4.25
C TRP B 117 47.77 -27.04 -3.70
N SER B 118 48.98 -26.92 -4.24
CA SER B 118 49.81 -25.77 -3.93
C SER B 118 49.09 -24.50 -4.34
N TRP B 119 49.23 -23.45 -3.52
CA TRP B 119 48.60 -22.18 -3.82
C TRP B 119 49.26 -21.54 -5.03
N GLY B 120 48.44 -20.93 -5.87
CA GLY B 120 48.94 -20.12 -6.97
C GLY B 120 49.34 -18.77 -6.42
N GLN B 121 49.69 -17.87 -7.34
CA GLN B 121 50.17 -16.56 -6.93
C GLN B 121 49.08 -15.65 -6.36
N GLY B 122 47.81 -15.96 -6.60
CA GLY B 122 46.72 -15.12 -6.18
C GLY B 122 46.55 -13.92 -7.10
N THR B 123 45.52 -13.12 -6.81
CA THR B 123 45.29 -11.90 -7.55
C THR B 123 44.90 -10.78 -6.58
N GLN B 124 45.53 -9.62 -6.73
CA GLN B 124 45.35 -8.52 -5.78
C GLN B 124 44.04 -7.77 -6.06
N VAL B 125 43.23 -7.58 -5.02
CA VAL B 125 42.03 -6.74 -5.11
C VAL B 125 42.20 -5.61 -4.11
N THR B 126 42.16 -4.37 -4.60
CA THR B 126 42.28 -3.20 -3.74
C THR B 126 41.04 -2.32 -3.93
N VAL B 127 40.33 -2.08 -2.83
CA VAL B 127 39.10 -1.28 -2.87
C VAL B 127 39.32 0.06 -2.17
N GLU C 2 10.55 -10.45 -46.94
CA GLU C 2 9.53 -10.61 -45.92
C GLU C 2 9.26 -12.07 -45.57
N GLU C 3 9.45 -12.42 -44.30
CA GLU C 3 9.28 -13.81 -43.90
C GLU C 3 7.84 -14.16 -43.56
N PHE C 4 7.02 -13.19 -43.19
CA PHE C 4 5.63 -13.42 -42.80
C PHE C 4 4.72 -12.36 -43.39
N PRO C 5 3.44 -12.70 -43.64
CA PRO C 5 2.51 -11.71 -44.19
C PRO C 5 2.33 -10.58 -43.19
N VAL C 6 2.36 -9.36 -43.70
CA VAL C 6 2.23 -8.16 -42.88
C VAL C 6 0.76 -7.74 -42.88
N PRO C 7 0.15 -7.49 -41.73
CA PRO C 7 -1.28 -7.14 -41.72
C PRO C 7 -1.54 -5.82 -42.42
N ASN C 8 -2.72 -5.74 -43.02
CA ASN C 8 -3.14 -4.53 -43.70
C ASN C 8 -3.07 -3.34 -42.75
N GLY C 9 -2.50 -2.22 -43.22
CA GLY C 9 -2.35 -1.05 -42.37
C GLY C 9 -1.06 -0.98 -41.58
N PHE C 10 -0.20 -1.99 -41.68
CA PHE C 10 1.06 -2.06 -40.96
C PHE C 10 2.23 -1.98 -41.93
N GLU C 11 3.35 -1.45 -41.47
CA GLU C 11 4.57 -1.41 -42.28
C GLU C 11 5.62 -2.32 -41.67
N SER C 12 6.32 -3.05 -42.53
CA SER C 12 7.50 -3.80 -42.15
C SER C 12 8.70 -2.91 -42.44
N ALA C 13 9.54 -2.67 -41.43
CA ALA C 13 10.62 -1.71 -41.59
C ALA C 13 11.81 -2.13 -40.76
N TYR C 14 12.90 -1.39 -40.90
CA TYR C 14 14.17 -1.66 -40.24
C TYR C 14 14.71 -0.39 -39.63
N ARG C 15 15.45 -0.52 -38.56
CA ARG C 15 16.07 0.60 -37.93
C ARG C 15 17.36 0.18 -37.22
N GLU C 16 18.42 0.89 -37.47
CA GLU C 16 19.68 0.61 -36.83
C GLU C 16 19.67 1.16 -35.42
N VAL C 17 20.00 0.31 -34.47
CA VAL C 17 20.12 0.66 -33.07
C VAL C 17 21.46 0.13 -32.58
N ASP C 18 22.32 1.03 -32.07
CA ASP C 18 23.63 0.63 -31.55
C ASP C 18 24.38 -0.27 -32.50
N GLY C 19 24.30 0.04 -33.80
CA GLY C 19 25.06 -0.72 -34.75
C GLY C 19 24.41 -1.98 -35.24
N VAL C 20 23.25 -2.34 -34.70
CA VAL C 20 22.51 -3.55 -35.08
C VAL C 20 21.21 -3.16 -35.79
N LYS C 21 20.95 -3.77 -36.96
CA LYS C 21 19.76 -3.48 -37.75
C LYS C 21 18.60 -4.34 -37.27
N LEU C 22 17.62 -3.71 -36.62
CA LEU C 22 16.45 -4.42 -36.09
C LEU C 22 15.28 -4.37 -37.06
N HIS C 23 14.59 -5.50 -37.22
CA HIS C 23 13.35 -5.55 -37.99
C HIS C 23 12.16 -5.37 -37.07
N TYR C 24 11.15 -4.64 -37.55
CA TYR C 24 9.90 -4.51 -36.81
C TYR C 24 8.74 -4.30 -37.77
N VAL C 25 7.54 -4.53 -37.25
CA VAL C 25 6.29 -4.25 -37.96
C VAL C 25 5.52 -3.26 -37.08
N LYS C 26 5.01 -2.20 -37.70
CA LYS C 26 4.44 -1.08 -36.96
C LYS C 26 3.15 -0.59 -37.61
N GLY C 27 2.22 -0.17 -36.79
CA GLY C 27 0.98 0.40 -37.32
C GLY C 27 0.25 1.11 -36.20
N GLY C 28 -0.83 1.79 -36.58
CA GLY C 28 -1.68 2.46 -35.63
C GLY C 28 -1.21 3.86 -35.27
N GLN C 29 -1.98 4.47 -34.37
CA GLN C 29 -1.74 5.81 -33.90
C GLN C 29 -2.07 5.89 -32.42
N GLY C 30 -1.37 6.78 -31.71
CA GLY C 30 -1.56 6.94 -30.29
C GLY C 30 -0.34 6.55 -29.49
N PRO C 31 -0.52 6.37 -28.17
CA PRO C 31 0.60 5.99 -27.32
C PRO C 31 1.22 4.66 -27.77
N LEU C 32 2.49 4.48 -27.46
CA LEU C 32 3.23 3.33 -27.97
C LEU C 32 3.04 2.09 -27.09
N VAL C 33 2.80 0.96 -27.75
CA VAL C 33 2.85 -0.36 -27.13
C VAL C 33 3.84 -1.20 -27.93
N MET C 34 4.85 -1.73 -27.25
CA MET C 34 5.82 -2.65 -27.85
C MET C 34 5.49 -4.07 -27.43
N LEU C 35 5.43 -4.97 -28.41
CA LEU C 35 5.14 -6.39 -28.25
C LEU C 35 6.41 -7.17 -28.60
N VAL C 36 6.89 -8.00 -27.67
CA VAL C 36 8.16 -8.69 -27.83
C VAL C 36 7.90 -10.20 -27.79
N HIS C 37 8.18 -10.87 -28.90
CA HIS C 37 7.93 -12.29 -29.07
C HIS C 37 8.97 -13.14 -28.32
N GLY C 38 8.77 -14.45 -28.38
CA GLY C 38 9.67 -15.39 -27.74
C GLY C 38 10.26 -16.45 -28.66
N PHE C 39 10.83 -17.48 -28.06
CA PHE C 39 11.57 -18.50 -28.82
C PHE C 39 10.66 -19.38 -29.67
N GLY C 40 11.12 -19.69 -30.87
CA GLY C 40 10.34 -20.48 -31.78
C GLY C 40 9.42 -19.66 -32.65
N GLN C 41 9.40 -18.35 -32.43
CA GLN C 41 8.53 -17.47 -33.18
C GLN C 41 9.21 -16.16 -33.51
N THR C 42 8.43 -15.24 -34.03
CA THR C 42 8.91 -13.92 -34.44
C THR C 42 7.80 -12.93 -34.08
N TRP C 43 7.93 -11.69 -34.59
CA TRP C 43 6.87 -10.69 -34.46
C TRP C 43 5.51 -11.23 -34.88
N TYR C 44 5.49 -12.19 -35.81
CA TYR C 44 4.26 -12.65 -36.43
C TYR C 44 3.31 -13.28 -35.42
N GLU C 45 3.82 -13.77 -34.27
CA GLU C 45 2.89 -14.33 -33.29
C GLU C 45 1.90 -13.30 -32.80
N TRP C 46 2.22 -12.00 -32.94
CA TRP C 46 1.34 -10.93 -32.50
C TRP C 46 0.37 -10.47 -33.60
N HIS C 47 0.36 -11.12 -34.76
CA HIS C 47 -0.36 -10.55 -35.90
C HIS C 47 -1.88 -10.54 -35.72
N GLN C 48 -2.44 -11.35 -34.82
CA GLN C 48 -3.86 -11.25 -34.54
C GLN C 48 -4.18 -10.18 -33.51
N LEU C 49 -3.27 -9.92 -32.58
CA LEU C 49 -3.51 -8.90 -31.58
C LEU C 49 -3.26 -7.49 -32.13
N MET C 50 -2.27 -7.36 -33.00
CA MET C 50 -1.86 -6.04 -33.49
C MET C 50 -2.98 -5.20 -34.12
N PRO C 51 -3.80 -5.70 -35.05
CA PRO C 51 -4.85 -4.84 -35.64
C PRO C 51 -5.83 -4.34 -34.61
N GLU C 52 -6.07 -5.10 -33.55
CA GLU C 52 -7.00 -4.70 -32.51
C GLU C 52 -6.43 -3.59 -31.65
N LEU C 53 -5.18 -3.78 -31.19
CA LEU C 53 -4.51 -2.76 -30.39
C LEU C 53 -4.31 -1.49 -31.18
N ALA C 54 -4.11 -1.61 -32.49
CA ALA C 54 -3.83 -0.47 -33.35
C ALA C 54 -5.03 0.44 -33.52
N LYS C 55 -6.20 0.04 -33.04
CA LYS C 55 -7.32 0.96 -33.10
C LYS C 55 -7.16 2.10 -32.11
N ARG C 56 -6.34 1.92 -31.08
CA ARG C 56 -6.17 2.93 -30.05
C ARG C 56 -4.72 3.26 -29.73
N PHE C 57 -3.75 2.48 -30.23
CA PHE C 57 -2.35 2.62 -29.88
C PHE C 57 -1.50 2.57 -31.13
N THR C 58 -0.30 3.15 -31.03
CA THR C 58 0.75 2.84 -31.99
C THR C 58 1.41 1.55 -31.51
N VAL C 59 1.45 0.56 -32.38
CA VAL C 59 1.86 -0.79 -32.03
C VAL C 59 3.15 -1.08 -32.78
N ILE C 60 4.18 -1.51 -32.07
CA ILE C 60 5.43 -1.94 -32.71
C ILE C 60 5.77 -3.33 -32.21
N ALA C 61 6.09 -4.23 -33.14
CA ALA C 61 6.45 -5.61 -32.79
C ALA C 61 7.80 -5.92 -33.44
N PRO C 62 8.90 -5.83 -32.70
CA PRO C 62 10.22 -6.14 -33.27
C PRO C 62 10.51 -7.64 -33.28
N ASP C 63 11.46 -8.00 -34.13
CA ASP C 63 12.12 -9.31 -34.06
C ASP C 63 13.28 -9.18 -33.08
N LEU C 64 13.38 -10.12 -32.15
CA LEU C 64 14.51 -10.14 -31.25
C LEU C 64 15.81 -10.22 -32.06
N PRO C 65 16.88 -9.59 -31.57
CA PRO C 65 18.16 -9.62 -32.29
C PRO C 65 18.55 -11.06 -32.65
N GLY C 66 18.94 -11.24 -33.90
CA GLY C 66 19.30 -12.54 -34.42
C GLY C 66 18.15 -13.37 -34.93
N LEU C 67 16.92 -13.07 -34.50
CA LEU C 67 15.74 -13.85 -34.87
C LEU C 67 14.88 -13.07 -35.87
N GLY C 68 13.97 -13.79 -36.52
CA GLY C 68 13.19 -13.15 -37.56
C GLY C 68 14.14 -12.50 -38.53
N GLN C 69 13.94 -11.20 -38.81
CA GLN C 69 14.78 -10.47 -39.77
C GLN C 69 15.70 -9.45 -39.10
N SER C 70 15.90 -9.55 -37.77
CA SER C 70 16.81 -8.67 -37.06
C SER C 70 18.23 -9.27 -37.05
N GLU C 71 19.21 -8.38 -37.19
CA GLU C 71 20.61 -8.79 -37.09
C GLU C 71 20.92 -9.26 -35.67
N PRO C 72 21.90 -10.15 -35.51
CA PRO C 72 22.31 -10.57 -34.17
C PRO C 72 22.87 -9.40 -33.36
N PRO C 73 22.84 -9.49 -32.03
CA PRO C 73 23.43 -8.43 -31.21
C PRO C 73 24.95 -8.43 -31.36
N LYS C 74 25.54 -7.24 -31.17
CA LYS C 74 27.00 -7.13 -31.23
C LYS C 74 27.64 -7.22 -29.86
N THR C 75 26.88 -6.92 -28.80
CA THR C 75 27.42 -7.04 -27.44
C THR C 75 27.31 -8.48 -26.96
N GLY C 76 26.10 -8.97 -26.76
CA GLY C 76 25.92 -10.34 -26.32
C GLY C 76 24.45 -10.63 -26.12
N TYR C 77 24.16 -11.84 -25.65
CA TYR C 77 22.80 -12.33 -25.59
C TYR C 77 22.20 -12.35 -24.19
N SER C 78 22.89 -11.82 -23.19
CA SER C 78 22.28 -11.78 -21.87
C SER C 78 21.14 -10.76 -21.86
N GLY C 79 20.22 -10.92 -20.92
CA GLY C 79 19.06 -10.04 -20.87
C GLY C 79 19.42 -8.57 -20.80
N GLU C 80 20.41 -8.21 -19.98
CA GLU C 80 20.79 -6.81 -19.83
C GLU C 80 21.40 -6.23 -21.11
N GLN C 81 22.13 -7.05 -21.86
CA GLN C 81 22.73 -6.58 -23.12
C GLN C 81 21.66 -6.39 -24.20
N VAL C 82 20.75 -7.34 -24.31
CA VAL C 82 19.72 -7.32 -25.32
C VAL C 82 18.68 -6.25 -25.06
N ALA C 83 18.40 -6.01 -23.78
CA ALA C 83 17.42 -5.03 -23.37
C ALA C 83 17.78 -3.64 -23.84
N VAL C 84 19.07 -3.41 -24.07
CA VAL C 84 19.53 -2.10 -24.49
C VAL C 84 18.93 -1.81 -25.86
N TYR C 85 19.07 -2.77 -26.76
CA TYR C 85 18.56 -2.60 -28.12
C TYR C 85 17.05 -2.33 -28.11
N LEU C 86 16.30 -3.10 -27.33
CA LEU C 86 14.85 -2.93 -27.34
C LEU C 86 14.44 -1.62 -26.69
N HIS C 87 15.16 -1.20 -25.68
CA HIS C 87 14.85 0.03 -25.01
C HIS C 87 15.07 1.22 -25.96
N LYS C 88 16.20 1.21 -26.67
CA LYS C 88 16.53 2.29 -27.59
C LYS C 88 15.56 2.31 -28.76
N LEU C 89 15.18 1.14 -29.28
CA LEU C 89 14.19 1.11 -30.34
C LEU C 89 12.88 1.76 -29.91
N ALA C 90 12.37 1.37 -28.74
CA ALA C 90 11.11 1.92 -28.26
C ALA C 90 11.22 3.44 -28.06
N ARG C 91 12.34 3.91 -27.51
CA ARG C 91 12.50 5.35 -27.25
C ARG C 91 12.59 6.17 -28.52
N GLN C 92 13.03 5.56 -29.62
CA GLN C 92 13.07 6.30 -30.86
C GLN C 92 11.67 6.70 -31.29
N PHE C 93 10.67 5.91 -30.92
CA PHE C 93 9.28 6.16 -31.28
C PHE C 93 8.46 6.82 -30.19
N SER C 94 8.95 6.82 -28.95
CA SER C 94 8.27 7.48 -27.84
C SER C 94 9.33 8.13 -26.95
N PRO C 95 10.04 9.14 -27.48
CA PRO C 95 11.11 9.77 -26.68
C PRO C 95 10.60 10.65 -25.56
N ASP C 96 9.34 11.09 -25.56
CA ASP C 96 8.89 12.03 -24.54
C ASP C 96 7.82 11.47 -23.60
N ARG C 97 7.38 10.23 -23.80
CA ARG C 97 6.30 9.66 -23.02
C ARG C 97 6.63 8.21 -22.71
N PRO C 98 6.12 7.66 -21.62
CA PRO C 98 6.31 6.24 -21.33
C PRO C 98 5.49 5.40 -22.30
N PHE C 99 5.93 4.16 -22.48
CA PHE C 99 5.25 3.26 -23.39
C PHE C 99 4.84 1.99 -22.64
N ASP C 100 3.91 1.25 -23.22
CA ASP C 100 3.50 -0.01 -22.63
C ASP C 100 4.35 -1.14 -23.23
N LEU C 101 4.48 -2.22 -22.47
CA LEU C 101 5.28 -3.35 -22.92
C LEU C 101 4.50 -4.63 -22.74
N VAL C 102 4.44 -5.46 -23.79
CA VAL C 102 3.91 -6.81 -23.70
C VAL C 102 5.00 -7.76 -24.18
N ALA C 103 5.30 -8.80 -23.38
CA ALA C 103 6.35 -9.76 -23.72
C ALA C 103 5.90 -11.19 -23.45
N HIS C 104 6.37 -12.09 -24.32
CA HIS C 104 6.05 -13.51 -24.26
C HIS C 104 7.36 -14.30 -24.24
N ASP C 105 7.44 -15.29 -23.35
CA ASP C 105 8.55 -16.27 -23.36
C ASP C 105 9.88 -15.52 -23.19
N ILE C 106 10.90 -15.78 -24.01
CA ILE C 106 12.18 -15.12 -23.80
C ILE C 106 12.12 -13.61 -24.09
N GLY C 107 11.02 -13.13 -24.68
CA GLY C 107 10.77 -11.69 -24.67
C GLY C 107 10.79 -11.10 -23.27
N ILE C 108 10.41 -11.88 -22.27
CA ILE C 108 10.53 -11.49 -20.88
C ILE C 108 12.00 -11.34 -20.49
N TRP C 109 12.82 -12.34 -20.81
CA TRP C 109 14.24 -12.30 -20.43
C TRP C 109 14.89 -11.05 -20.99
N ASN C 110 14.52 -10.67 -22.21
CA ASN C 110 15.21 -9.60 -22.91
C ASN C 110 14.63 -8.23 -22.66
N THR C 111 13.58 -8.11 -21.81
CA THR C 111 13.04 -6.80 -21.45
C THR C 111 13.10 -6.49 -19.95
N TYR C 112 13.07 -7.50 -19.08
CA TYR C 112 13.05 -7.20 -17.64
C TYR C 112 14.13 -6.21 -17.20
N PRO C 113 15.39 -6.33 -17.63
CA PRO C 113 16.40 -5.34 -17.21
C PRO C 113 16.09 -3.91 -17.62
N MET C 114 15.52 -3.70 -18.80
CA MET C 114 15.14 -2.37 -19.29
C MET C 114 14.06 -1.80 -18.40
N VAL C 115 13.12 -2.67 -18.05
CA VAL C 115 11.95 -2.25 -17.29
C VAL C 115 12.39 -1.83 -15.90
N VAL C 116 13.19 -2.66 -15.23
CA VAL C 116 13.54 -2.40 -13.84
C VAL C 116 14.48 -1.20 -13.72
N LYS C 117 15.33 -0.97 -14.71
CA LYS C 117 16.30 0.13 -14.68
C LYS C 117 15.75 1.45 -15.20
N ASN C 118 14.63 1.43 -15.92
CA ASN C 118 14.04 2.61 -16.55
C ASN C 118 12.53 2.66 -16.31
N GLN C 119 12.14 2.56 -15.03
CA GLN C 119 10.73 2.40 -14.70
C GLN C 119 9.89 3.59 -15.15
N ALA C 120 10.46 4.79 -15.21
CA ALA C 120 9.67 5.94 -15.67
C ALA C 120 9.27 5.80 -17.14
N ASP C 121 9.97 4.99 -17.92
CA ASP C 121 9.68 4.79 -19.34
C ASP C 121 8.56 3.80 -19.61
N ILE C 122 8.15 3.00 -18.63
CA ILE C 122 7.20 1.93 -18.84
C ILE C 122 5.91 2.34 -18.14
N ALA C 123 4.82 2.45 -18.90
CA ALA C 123 3.55 2.82 -18.29
C ALA C 123 2.87 1.61 -17.66
N ARG C 124 2.56 0.60 -18.45
CA ARG C 124 2.00 -0.65 -17.97
C ARG C 124 2.78 -1.82 -18.55
N LEU C 125 2.69 -2.99 -17.92
CA LEU C 125 3.50 -4.14 -18.29
C LEU C 125 2.63 -5.39 -18.33
N VAL C 126 2.77 -6.16 -19.39
CA VAL C 126 2.12 -7.46 -19.51
C VAL C 126 3.22 -8.50 -19.81
N TYR C 127 3.35 -9.50 -18.95
CA TYR C 127 4.30 -10.60 -19.11
C TYR C 127 3.52 -11.91 -19.19
N MET C 128 3.85 -12.77 -20.15
CA MET C 128 3.14 -14.03 -20.29
C MET C 128 4.09 -15.18 -20.60
N GLU C 129 3.85 -16.30 -19.93
CA GLU C 129 4.37 -17.61 -20.30
C GLU C 129 5.90 -17.63 -20.41
N ALA C 130 6.57 -17.35 -19.27
CA ALA C 130 7.97 -17.69 -19.08
C ALA C 130 8.44 -17.17 -17.73
N PRO C 131 9.41 -17.81 -17.11
CA PRO C 131 9.99 -17.26 -15.88
C PRO C 131 10.94 -16.10 -16.15
N ILE C 132 10.91 -15.13 -15.24
CA ILE C 132 12.02 -14.19 -15.21
C ILE C 132 13.26 -14.99 -14.82
N PRO C 133 14.39 -14.85 -15.49
CA PRO C 133 15.57 -15.64 -15.13
C PRO C 133 16.01 -15.37 -13.70
N ASP C 134 15.87 -16.37 -12.83
CA ASP C 134 16.43 -16.36 -11.48
C ASP C 134 16.58 -17.82 -11.04
N ALA C 135 17.01 -18.01 -9.78
CA ALA C 135 17.37 -19.35 -9.32
C ALA C 135 16.19 -20.32 -9.31
N ARG C 136 14.95 -19.83 -9.41
CA ARG C 136 13.80 -20.73 -9.47
C ARG C 136 13.86 -21.69 -10.66
N ILE C 137 14.47 -21.26 -11.78
CA ILE C 137 14.52 -22.11 -12.97
C ILE C 137 15.38 -23.36 -12.76
N TYR C 138 16.26 -23.35 -11.76
CA TYR C 138 17.09 -24.51 -11.42
C TYR C 138 16.32 -25.58 -10.67
N ARG C 139 15.03 -25.35 -10.40
CA ARG C 139 14.20 -26.32 -9.72
C ARG C 139 13.31 -27.10 -10.69
N PHE C 140 13.15 -26.64 -11.92
CA PHE C 140 12.31 -27.32 -12.91
C PHE C 140 12.85 -28.73 -13.17
N PRO C 141 11.99 -29.76 -13.20
CA PRO C 141 12.48 -31.15 -13.38
C PRO C 141 12.91 -31.49 -14.81
N ALA C 142 13.97 -32.30 -14.90
CA ALA C 142 14.45 -32.77 -16.19
C ALA C 142 13.49 -33.77 -16.84
N PHE C 143 12.86 -34.59 -16.03
CA PHE C 143 12.04 -35.71 -16.47
C PHE C 143 10.85 -35.80 -15.53
N THR C 144 9.71 -36.27 -16.03
CA THR C 144 8.49 -36.23 -15.22
C THR C 144 7.75 -37.56 -15.30
N ALA C 145 6.78 -37.73 -14.39
CA ALA C 145 5.92 -38.91 -14.45
C ALA C 145 5.06 -38.93 -15.70
N GLN C 146 5.00 -37.85 -16.45
CA GLN C 146 4.32 -37.82 -17.73
C GLN C 146 5.29 -37.94 -18.90
N GLY C 147 6.56 -38.22 -18.60
CA GLY C 147 7.57 -38.35 -19.64
C GLY C 147 8.34 -37.06 -19.90
N GLU C 148 8.63 -36.80 -21.18
CA GLU C 148 9.35 -35.62 -21.62
C GLU C 148 8.90 -34.36 -20.90
N SER C 149 9.83 -33.70 -20.21
CA SER C 149 9.54 -32.45 -19.52
C SER C 149 9.49 -31.26 -20.49
N LEU C 150 9.03 -30.12 -19.98
CA LEU C 150 8.87 -28.91 -20.79
C LEU C 150 10.10 -28.02 -20.80
N VAL C 151 11.13 -28.35 -20.02
CA VAL C 151 12.28 -27.47 -19.84
C VAL C 151 13.60 -28.14 -20.17
N TRP C 152 13.60 -29.41 -20.61
CA TRP C 152 14.89 -30.04 -20.93
C TRP C 152 15.66 -29.30 -22.03
N HIS C 153 14.97 -28.59 -22.92
CA HIS C 153 15.65 -27.84 -23.98
C HIS C 153 16.59 -26.76 -23.44
N PHE C 154 16.35 -26.25 -22.23
CA PHE C 154 17.28 -25.29 -21.64
C PHE C 154 18.71 -25.80 -21.70
N SER C 155 18.93 -27.03 -21.24
CA SER C 155 20.27 -27.63 -21.22
C SER C 155 20.74 -28.06 -22.61
N PHE C 156 19.86 -28.67 -23.43
CA PHE C 156 20.20 -28.98 -24.81
C PHE C 156 20.74 -27.75 -25.53
N PHE C 157 20.01 -26.64 -25.42
CA PHE C 157 20.42 -25.42 -26.11
C PHE C 157 21.68 -24.82 -25.48
N ALA C 158 21.82 -24.94 -24.16
CA ALA C 158 23.01 -24.37 -23.53
C ALA C 158 24.24 -25.25 -23.70
N ALA C 159 24.09 -26.48 -24.21
CA ALA C 159 25.23 -27.40 -24.29
C ALA C 159 26.33 -26.82 -25.17
N ASP C 160 27.57 -27.10 -24.80
CA ASP C 160 28.70 -26.60 -25.57
C ASP C 160 28.91 -27.47 -26.80
N ASP C 161 30.01 -27.22 -27.52
CA ASP C 161 30.38 -27.97 -28.72
C ASP C 161 29.39 -27.71 -29.86
N ARG C 162 28.56 -26.69 -29.75
CA ARG C 162 27.50 -26.40 -30.72
C ARG C 162 26.61 -27.62 -30.95
N LEU C 163 26.31 -28.33 -29.86
CA LEU C 163 25.51 -29.55 -29.93
C LEU C 163 24.18 -29.33 -30.64
N ALA C 164 23.44 -28.27 -30.25
CA ALA C 164 22.09 -28.05 -30.77
C ALA C 164 22.12 -27.69 -32.25
N GLU C 165 23.02 -26.79 -32.65
CA GLU C 165 23.15 -26.46 -34.08
C GLU C 165 23.49 -27.71 -34.89
N THR C 166 24.42 -28.52 -34.39
CA THR C 166 24.85 -29.69 -35.13
C THR C 166 23.71 -30.69 -35.31
N LEU C 167 22.93 -30.94 -34.24
CA LEU C 167 21.84 -31.90 -34.35
C LEU C 167 20.63 -31.35 -35.10
N ILE C 168 20.30 -30.08 -34.94
CA ILE C 168 19.05 -29.57 -35.51
C ILE C 168 19.20 -29.07 -36.96
N ALA C 169 20.39 -28.63 -37.35
CA ALA C 169 20.58 -28.12 -38.72
C ALA C 169 20.12 -29.15 -39.75
N GLY C 170 19.27 -28.71 -40.67
CA GLY C 170 18.66 -29.59 -41.65
C GLY C 170 17.38 -30.25 -41.17
N LYS C 171 17.08 -30.18 -39.88
CA LYS C 171 15.86 -30.73 -39.31
C LYS C 171 15.10 -29.67 -38.53
N GLU C 172 15.26 -28.40 -38.92
CA GLU C 172 14.66 -27.30 -38.17
C GLU C 172 13.15 -27.43 -38.14
N ARG C 173 12.55 -27.81 -39.28
CA ARG C 173 11.11 -27.93 -39.33
C ARG C 173 10.60 -29.04 -38.42
N PHE C 174 11.29 -30.18 -38.42
CA PHE C 174 10.89 -31.30 -37.57
C PHE C 174 11.07 -30.94 -36.09
N PHE C 175 12.19 -30.33 -35.73
CA PHE C 175 12.39 -30.01 -34.33
C PHE C 175 11.34 -29.00 -33.86
N LEU C 176 11.10 -27.96 -34.67
CA LEU C 176 10.20 -26.90 -34.23
C LEU C 176 8.77 -27.39 -34.10
N GLU C 177 8.31 -28.28 -34.98
CA GLU C 177 6.97 -28.84 -34.82
C GLU C 177 6.84 -29.61 -33.51
N HIS C 178 7.82 -30.47 -33.22
CA HIS C 178 7.80 -31.18 -31.94
C HIS C 178 7.85 -30.19 -30.79
N PHE C 179 8.76 -29.23 -30.84
CA PHE C 179 8.89 -28.26 -29.74
C PHE C 179 7.58 -27.52 -29.50
N ILE C 180 7.02 -26.94 -30.56
CA ILE C 180 5.79 -26.17 -30.42
C ILE C 180 4.64 -27.06 -29.94
N LYS C 181 4.41 -28.19 -30.61
CA LYS C 181 3.26 -29.00 -30.23
C LYS C 181 3.39 -29.58 -28.83
N SER C 182 4.60 -29.97 -28.44
CA SER C 182 4.76 -30.51 -27.10
C SER C 182 4.51 -29.46 -26.03
N HIS C 183 4.62 -28.16 -26.35
CA HIS C 183 4.36 -27.11 -25.37
C HIS C 183 2.96 -26.52 -25.51
N ALA C 184 2.11 -27.12 -26.34
CA ALA C 184 0.77 -26.61 -26.59
C ALA C 184 -0.29 -27.55 -26.04
N SER C 185 -1.44 -26.97 -25.67
CA SER C 185 -2.66 -27.73 -25.46
C SER C 185 -3.54 -27.75 -26.70
N ASN C 186 -3.69 -26.60 -27.32
CA ASN C 186 -4.43 -26.43 -28.56
C ASN C 186 -3.43 -26.58 -29.70
N THR C 187 -3.10 -27.84 -30.00
CA THR C 187 -2.07 -28.12 -31.00
C THR C 187 -2.55 -27.87 -32.43
N GLU C 188 -3.84 -27.87 -32.67
CA GLU C 188 -4.33 -27.77 -34.03
C GLU C 188 -4.19 -26.42 -34.69
N VAL C 189 -3.99 -25.39 -33.91
CA VAL C 189 -3.87 -24.05 -34.47
C VAL C 189 -2.60 -23.89 -35.29
N PHE C 190 -1.63 -24.79 -35.14
CA PHE C 190 -0.35 -24.69 -35.86
C PHE C 190 -0.43 -25.52 -37.12
N SER C 191 -0.85 -24.86 -38.20
CA SER C 191 -0.96 -25.46 -39.51
C SER C 191 0.41 -25.85 -40.06
N GLU C 192 0.39 -26.74 -41.05
CA GLU C 192 1.62 -27.12 -41.75
C GLU C 192 2.32 -25.88 -42.30
N ARG C 193 1.55 -24.96 -42.88
CA ARG C 193 2.14 -23.78 -43.49
C ARG C 193 2.71 -22.82 -42.45
N LEU C 194 2.00 -22.61 -41.35
CA LEU C 194 2.53 -21.75 -40.29
C LEU C 194 3.84 -22.30 -39.76
N LEU C 195 3.91 -23.61 -39.53
CA LEU C 195 5.14 -24.22 -39.06
C LEU C 195 6.26 -24.07 -40.09
N ASP C 196 5.93 -24.21 -41.38
CA ASP C 196 6.93 -23.98 -42.42
C ASP C 196 7.47 -22.55 -42.38
N LEU C 197 6.62 -21.57 -42.13
CA LEU C 197 7.09 -20.18 -42.08
C LEU C 197 8.06 -19.97 -40.91
N TYR C 198 7.72 -20.45 -39.72
CA TYR C 198 8.63 -20.29 -38.58
C TYR C 198 9.92 -21.07 -38.82
N ALA C 199 9.81 -22.28 -39.38
CA ALA C 199 11.01 -23.07 -39.62
C ALA C 199 11.93 -22.40 -40.65
N ARG C 200 11.35 -21.79 -41.68
CA ARG C 200 12.13 -21.09 -42.69
C ARG C 200 12.97 -20.00 -42.02
N SER C 201 12.34 -19.24 -41.14
CA SER C 201 13.04 -18.17 -40.42
C SER C 201 14.13 -18.71 -39.50
N TYR C 202 13.82 -19.73 -38.69
CA TYR C 202 14.80 -20.21 -37.74
C TYR C 202 15.93 -20.99 -38.38
N ALA C 203 15.72 -21.50 -39.59
CA ALA C 203 16.76 -22.23 -40.30
C ALA C 203 17.85 -21.32 -40.88
N LYS C 204 17.67 -20.00 -40.90
CA LYS C 204 18.78 -19.12 -41.27
C LYS C 204 19.92 -19.35 -40.29
N PRO C 205 21.17 -19.57 -40.75
CA PRO C 205 22.24 -20.00 -39.83
C PRO C 205 22.43 -19.07 -38.65
N HIS C 206 22.38 -17.75 -38.87
CA HIS C 206 22.59 -16.87 -37.73
C HIS C 206 21.40 -16.87 -36.79
N SER C 207 20.19 -17.20 -37.29
CA SER C 207 19.03 -17.29 -36.41
C SER C 207 19.02 -18.60 -35.62
N LEU C 208 19.46 -19.69 -36.23
CA LEU C 208 19.59 -20.95 -35.50
C LEU C 208 20.56 -20.78 -34.33
N ASN C 209 21.75 -20.20 -34.60
CA ASN C 209 22.72 -19.96 -33.54
C ASN C 209 22.18 -18.98 -32.49
N ALA C 210 21.64 -17.83 -32.94
CA ALA C 210 21.14 -16.83 -31.98
C ALA C 210 20.11 -17.42 -31.03
N SER C 211 19.19 -18.26 -31.56
CA SER C 211 18.21 -18.94 -30.72
C SER C 211 18.87 -19.53 -29.48
N PHE C 212 19.92 -20.31 -29.71
CA PHE C 212 20.58 -21.03 -28.63
C PHE C 212 21.47 -20.14 -27.78
N GLU C 213 21.99 -19.05 -28.36
CA GLU C 213 22.81 -18.15 -27.57
C GLU C 213 22.02 -17.48 -26.44
N TYR C 214 20.72 -17.26 -26.61
CA TYR C 214 19.91 -16.77 -25.51
C TYR C 214 19.96 -17.71 -24.30
N TYR C 215 19.94 -19.02 -24.54
CA TYR C 215 19.99 -19.99 -23.44
C TYR C 215 21.41 -20.16 -22.92
N ARG C 216 22.41 -19.98 -23.78
CA ARG C 216 23.79 -20.01 -23.33
C ARG C 216 24.13 -18.82 -22.44
N ALA C 217 23.35 -17.75 -22.53
CA ALA C 217 23.55 -16.57 -21.69
C ALA C 217 22.63 -16.54 -20.49
N LEU C 218 21.80 -17.57 -20.32
CA LEU C 218 20.78 -17.57 -19.27
C LEU C 218 21.39 -17.48 -17.87
N ASN C 219 22.50 -18.18 -17.61
CA ASN C 219 23.06 -18.10 -16.27
C ASN C 219 23.63 -16.71 -15.97
N GLU C 220 24.18 -16.04 -16.98
CA GLU C 220 24.58 -14.65 -16.79
C GLU C 220 23.35 -13.77 -16.53
N SER C 221 22.25 -14.02 -17.26
CA SER C 221 21.03 -13.27 -17.01
C SER C 221 20.55 -13.44 -15.57
N VAL C 222 20.61 -14.67 -15.05
CA VAL C 222 20.25 -14.94 -13.65
C VAL C 222 21.09 -14.10 -12.71
N ARG C 223 22.40 -14.06 -12.94
CA ARG C 223 23.31 -13.29 -12.07
C ARG C 223 23.02 -11.79 -12.15
N GLN C 224 22.78 -11.29 -13.36
CA GLN C 224 22.35 -9.90 -13.53
C GLN C 224 21.06 -9.63 -12.74
N ASN C 225 20.08 -10.53 -12.85
CA ASN C 225 18.77 -10.25 -12.24
C ASN C 225 18.80 -10.36 -10.71
N ALA C 226 19.75 -11.12 -10.15
CA ALA C 226 19.90 -11.15 -8.71
C ALA C 226 20.21 -9.74 -8.16
N GLU C 227 21.03 -8.97 -8.88
CA GLU C 227 21.30 -7.58 -8.49
C GLU C 227 20.12 -6.66 -8.83
N LEU C 228 19.60 -6.76 -10.06
CA LEU C 228 18.55 -5.86 -10.51
C LEU C 228 17.27 -5.97 -9.67
N ALA C 229 16.94 -7.18 -9.21
CA ALA C 229 15.70 -7.41 -8.50
C ALA C 229 15.73 -6.86 -7.07
N LYS C 230 16.82 -6.20 -6.68
CA LYS C 230 16.79 -5.48 -5.41
C LYS C 230 15.85 -4.29 -5.49
N THR C 231 15.45 -3.88 -6.68
CA THR C 231 14.46 -2.84 -6.89
C THR C 231 13.20 -3.48 -7.43
N ARG C 232 12.10 -3.30 -6.71
CA ARG C 232 10.83 -3.85 -7.15
C ARG C 232 10.22 -3.01 -8.27
N LEU C 233 9.45 -3.67 -9.11
CA LEU C 233 8.71 -2.99 -10.16
C LEU C 233 7.51 -2.27 -9.58
N GLN C 234 7.33 -1.02 -10.00
CA GLN C 234 6.33 -0.14 -9.43
C GLN C 234 5.14 0.14 -10.34
N MET C 235 5.25 -0.14 -11.63
CA MET C 235 4.18 0.16 -12.57
C MET C 235 3.13 -0.95 -12.53
N PRO C 236 1.90 -0.67 -12.98
CA PRO C 236 0.88 -1.73 -13.03
C PRO C 236 1.33 -2.86 -13.95
N THR C 237 1.20 -4.09 -13.45
CA THR C 237 1.66 -5.28 -14.16
C THR C 237 0.55 -6.32 -14.23
N MET C 238 0.50 -7.04 -15.36
CA MET C 238 -0.41 -8.18 -15.50
C MET C 238 0.38 -9.38 -16.00
N THR C 239 0.18 -10.54 -15.40
CA THR C 239 0.76 -11.76 -15.91
C THR C 239 -0.32 -12.64 -16.52
N LEU C 240 0.05 -13.35 -17.58
CA LEU C 240 -0.85 -14.33 -18.16
C LEU C 240 -0.10 -15.65 -18.26
N ALA C 241 -0.79 -16.73 -17.94
CA ALA C 241 -0.20 -18.06 -18.06
C ALA C 241 -1.26 -19.02 -18.61
N GLY C 242 -0.79 -20.05 -19.29
CA GLY C 242 -1.67 -21.10 -19.72
C GLY C 242 -1.96 -22.06 -18.57
N GLY C 243 -3.20 -22.52 -18.49
CA GLY C 243 -3.59 -23.49 -17.49
C GLY C 243 -3.61 -24.92 -17.98
N GLY C 244 -3.31 -25.14 -19.27
CA GLY C 244 -3.29 -26.47 -19.83
C GLY C 244 -1.87 -27.02 -19.90
N HIS C 245 -1.79 -28.21 -20.50
CA HIS C 245 -0.50 -28.82 -20.79
C HIS C 245 0.38 -27.85 -21.55
N GLY C 246 1.62 -27.70 -21.10
CA GLY C 246 2.58 -26.86 -21.79
C GLY C 246 2.78 -25.50 -21.16
N GLY C 247 1.87 -25.07 -20.28
CA GLY C 247 1.93 -23.73 -19.70
C GLY C 247 2.69 -23.62 -18.38
N MET C 248 2.79 -22.36 -17.90
CA MET C 248 3.42 -22.12 -16.60
C MET C 248 2.45 -22.32 -15.44
N GLY C 249 1.15 -22.24 -15.68
CA GLY C 249 0.19 -22.32 -14.57
C GLY C 249 0.41 -21.21 -13.56
N THR C 250 0.28 -21.55 -12.27
CA THR C 250 0.35 -20.56 -11.19
C THR C 250 1.74 -20.00 -10.96
N PHE C 251 2.77 -20.64 -11.51
CA PHE C 251 4.14 -20.14 -11.30
C PHE C 251 4.29 -18.68 -11.75
N GLN C 252 3.71 -18.34 -12.90
CA GLN C 252 3.92 -17.01 -13.48
C GLN C 252 3.53 -15.90 -12.49
N LEU C 253 2.32 -15.94 -11.95
CA LEU C 253 1.91 -14.90 -10.99
C LEU C 253 2.70 -15.00 -9.69
N GLU C 254 2.93 -16.22 -9.20
CA GLU C 254 3.61 -16.40 -7.92
C GLU C 254 5.04 -15.85 -7.98
N GLN C 255 5.74 -16.08 -9.10
CA GLN C 255 7.06 -15.48 -9.23
C GLN C 255 6.95 -13.97 -9.33
N MET C 256 5.99 -13.49 -10.13
CA MET C 256 5.90 -12.05 -10.37
C MET C 256 5.64 -11.29 -9.06
N LYS C 257 4.92 -11.90 -8.11
CA LYS C 257 4.69 -11.23 -6.83
C LYS C 257 5.98 -10.91 -6.09
N ALA C 258 7.06 -11.62 -6.37
CA ALA C 258 8.34 -11.27 -5.75
C ALA C 258 9.05 -10.13 -6.46
N TYR C 259 8.63 -9.77 -7.67
CA TYR C 259 9.29 -8.73 -8.42
C TYR C 259 8.51 -7.44 -8.51
N ALA C 260 7.19 -7.47 -8.35
CA ALA C 260 6.33 -6.32 -8.62
C ALA C 260 5.38 -6.11 -7.45
N GLU C 261 5.13 -4.83 -7.16
CA GLU C 261 4.21 -4.45 -6.10
C GLU C 261 2.77 -4.56 -6.54
N ASP C 262 2.47 -4.24 -7.78
CA ASP C 262 1.12 -4.05 -8.29
C ASP C 262 0.96 -5.01 -9.49
N VAL C 263 0.43 -6.20 -9.23
CA VAL C 263 0.35 -7.25 -10.25
C VAL C 263 -0.99 -7.94 -10.14
N GLU C 264 -1.64 -8.16 -11.28
CA GLU C 264 -2.80 -9.04 -11.35
C GLU C 264 -2.45 -10.18 -12.30
N GLY C 265 -2.90 -11.38 -11.99
CA GLY C 265 -2.55 -12.52 -12.81
C GLY C 265 -3.79 -13.30 -13.21
N HIS C 266 -3.70 -13.89 -14.41
CA HIS C 266 -4.74 -14.75 -14.94
C HIS C 266 -4.09 -16.00 -15.50
N VAL C 267 -4.77 -17.12 -15.29
CA VAL C 267 -4.40 -18.41 -15.87
C VAL C 267 -5.51 -18.78 -16.83
N LEU C 268 -5.17 -18.98 -18.10
CA LEU C 268 -6.17 -19.29 -19.12
C LEU C 268 -6.37 -20.80 -19.18
N PRO C 269 -7.49 -21.32 -18.73
CA PRO C 269 -7.69 -22.76 -18.72
C PRO C 269 -7.74 -23.35 -20.12
N GLY C 270 -7.21 -24.56 -20.25
CA GLY C 270 -7.16 -25.28 -21.51
C GLY C 270 -6.13 -24.75 -22.50
N CYS C 271 -5.29 -23.81 -22.11
CA CYS C 271 -4.33 -23.18 -23.01
C CYS C 271 -2.92 -23.56 -22.59
N GLY C 272 -2.07 -23.82 -23.57
CA GLY C 272 -0.68 -24.12 -23.24
C GLY C 272 0.24 -22.91 -23.25
N HIS C 273 1.46 -23.08 -23.78
CA HIS C 273 2.49 -22.04 -23.76
C HIS C 273 2.21 -20.90 -24.73
N TRP C 274 1.57 -21.18 -25.86
CA TRP C 274 1.50 -20.24 -26.98
C TRP C 274 0.18 -19.47 -26.97
N LEU C 275 -0.02 -18.67 -25.92
CA LEU C 275 -1.32 -18.02 -25.71
C LEU C 275 -1.80 -17.23 -26.92
N PRO C 276 -0.98 -16.40 -27.58
CA PRO C 276 -1.52 -15.60 -28.69
C PRO C 276 -2.10 -16.44 -29.82
N GLU C 277 -1.56 -17.62 -30.06
CA GLU C 277 -2.12 -18.46 -31.12
C GLU C 277 -3.15 -19.47 -30.60
N GLU C 278 -2.90 -20.08 -29.43
CA GLU C 278 -3.77 -21.13 -28.90
C GLU C 278 -5.08 -20.57 -28.35
N CYS C 279 -5.04 -19.39 -27.75
CA CYS C 279 -6.19 -18.79 -27.05
C CYS C 279 -6.30 -17.29 -27.39
N ALA C 280 -6.42 -16.99 -28.70
CA ALA C 280 -6.30 -15.63 -29.20
C ALA C 280 -7.36 -14.69 -28.65
N ALA C 281 -8.64 -15.05 -28.79
CA ALA C 281 -9.69 -14.11 -28.38
C ALA C 281 -9.63 -13.79 -26.88
N PRO C 282 -9.58 -14.77 -25.97
CA PRO C 282 -9.51 -14.42 -24.54
C PRO C 282 -8.25 -13.68 -24.14
N MET C 283 -7.09 -14.07 -24.70
CA MET C 283 -5.85 -13.39 -24.39
C MET C 283 -5.86 -11.96 -24.91
N ASN C 284 -6.25 -11.78 -26.18
CA ASN C 284 -6.28 -10.43 -26.76
C ASN C 284 -7.15 -9.50 -25.93
N ARG C 285 -8.35 -9.97 -25.56
CA ARG C 285 -9.24 -9.16 -24.72
C ARG C 285 -8.56 -8.75 -23.41
N LEU C 286 -7.89 -9.70 -22.75
CA LEU C 286 -7.23 -9.38 -21.48
C LEU C 286 -6.17 -8.31 -21.67
N VAL C 287 -5.34 -8.45 -22.71
CA VAL C 287 -4.27 -7.47 -22.94
C VAL C 287 -4.87 -6.10 -23.26
N ILE C 288 -5.82 -6.04 -24.20
CA ILE C 288 -6.43 -4.78 -24.61
C ILE C 288 -7.10 -4.11 -23.41
N ASP C 289 -7.86 -4.90 -22.65
CA ASP C 289 -8.51 -4.41 -21.43
C ASP C 289 -7.49 -3.81 -20.47
N PHE C 290 -6.43 -4.56 -20.15
CA PHE C 290 -5.45 -4.08 -19.17
C PHE C 290 -4.76 -2.81 -19.65
N LEU C 291 -4.51 -2.70 -20.96
CA LEU C 291 -3.84 -1.51 -21.45
C LEU C 291 -4.80 -0.35 -21.70
N SER C 292 -6.10 -0.59 -21.78
CA SER C 292 -7.04 0.49 -22.11
C SER C 292 -7.71 1.08 -20.90
N ARG C 293 -7.77 0.36 -19.81
CA ARG C 293 -8.54 0.81 -18.69
C ARG C 293 -8.00 2.09 -18.06
N GLY C 294 -8.87 3.07 -17.89
CA GLY C 294 -8.51 4.31 -17.24
C GLY C 294 -7.89 5.38 -18.10
N ARG C 295 -7.88 5.17 -19.39
CA ARG C 295 -7.28 6.08 -20.31
C ARG C 295 -8.34 6.64 -21.23
N GLU D 2 32.74 -59.08 -35.01
CA GLU D 2 33.05 -58.52 -33.69
C GLU D 2 33.23 -57.01 -33.67
N GLU D 3 32.45 -56.32 -32.83
CA GLU D 3 32.50 -54.87 -32.80
C GLU D 3 33.65 -54.36 -31.95
N PHE D 4 34.12 -55.15 -30.97
CA PHE D 4 35.18 -54.76 -30.06
C PHE D 4 36.17 -55.90 -29.91
N PRO D 5 37.45 -55.60 -29.65
CA PRO D 5 38.43 -56.68 -29.49
C PRO D 5 38.15 -57.51 -28.24
N VAL D 6 38.24 -58.83 -28.40
CA VAL D 6 37.95 -59.77 -27.32
C VAL D 6 39.24 -60.08 -26.57
N PRO D 7 39.25 -60.04 -25.24
CA PRO D 7 40.48 -60.33 -24.50
C PRO D 7 40.92 -61.77 -24.67
N ASN D 8 42.23 -61.97 -24.65
CA ASN D 8 42.81 -63.30 -24.73
C ASN D 8 42.26 -64.18 -23.61
N GLY D 9 41.83 -65.39 -23.97
CA GLY D 9 41.21 -66.27 -23.00
C GLY D 9 39.69 -66.16 -22.90
N PHE D 10 39.06 -65.25 -23.63
CA PHE D 10 37.61 -65.07 -23.58
C PHE D 10 37.01 -65.46 -24.92
N GLU D 11 35.77 -65.93 -24.90
CA GLU D 11 35.04 -66.27 -26.11
C GLU D 11 33.88 -65.31 -26.30
N SER D 12 33.65 -64.92 -27.54
CA SER D 12 32.47 -64.18 -27.96
C SER D 12 31.44 -65.16 -28.50
N ALA D 13 30.22 -65.16 -27.94
CA ALA D 13 29.26 -66.20 -28.26
C ALA D 13 27.83 -65.65 -28.16
N TYR D 14 26.87 -66.50 -28.53
CA TYR D 14 25.45 -66.12 -28.52
C TYR D 14 24.63 -67.22 -27.86
N ARG D 15 23.52 -66.82 -27.23
CA ARG D 15 22.55 -67.75 -26.67
C ARG D 15 21.17 -67.14 -26.86
N GLU D 16 20.24 -67.96 -27.33
CA GLU D 16 18.86 -67.57 -27.53
C GLU D 16 18.11 -67.72 -26.21
N VAL D 17 17.46 -66.65 -25.77
CA VAL D 17 16.67 -66.69 -24.54
C VAL D 17 15.30 -66.12 -24.85
N ASP D 18 14.26 -66.92 -24.62
CA ASP D 18 12.89 -66.50 -24.90
C ASP D 18 12.76 -65.92 -26.31
N GLY D 19 13.44 -66.56 -27.26
CA GLY D 19 13.35 -66.15 -28.64
C GLY D 19 14.29 -65.05 -29.07
N VAL D 20 15.09 -64.49 -28.16
CA VAL D 20 15.98 -63.37 -28.45
C VAL D 20 17.43 -63.83 -28.38
N LYS D 21 18.20 -63.52 -29.42
CA LYS D 21 19.60 -63.94 -29.47
C LYS D 21 20.48 -62.89 -28.78
N LEU D 22 21.01 -63.25 -27.62
CA LEU D 22 21.86 -62.36 -26.81
C LEU D 22 23.33 -62.61 -27.10
N HIS D 23 24.10 -61.54 -27.25
CA HIS D 23 25.55 -61.65 -27.38
C HIS D 23 26.21 -61.49 -26.01
N TYR D 24 27.29 -62.23 -25.79
CA TYR D 24 28.06 -62.07 -24.56
C TYR D 24 29.50 -62.47 -24.82
N VAL D 25 30.37 -62.06 -23.90
CA VAL D 25 31.77 -62.46 -23.88
C VAL D 25 32.01 -63.16 -22.55
N LYS D 26 32.68 -64.32 -22.59
CA LYS D 26 32.77 -65.19 -21.43
C LYS D 26 34.18 -65.75 -21.30
N GLY D 27 34.64 -65.89 -20.06
CA GLY D 27 35.94 -66.48 -19.78
C GLY D 27 36.10 -66.76 -18.30
N GLY D 28 37.17 -67.47 -17.98
CA GLY D 28 37.50 -67.82 -16.60
C GLY D 28 36.80 -69.08 -16.14
N GLN D 29 37.05 -69.42 -14.88
CA GLN D 29 36.52 -70.59 -14.22
C GLN D 29 36.18 -70.31 -12.76
N GLY D 30 35.15 -70.96 -12.24
CA GLY D 30 34.70 -70.75 -10.88
C GLY D 30 33.27 -70.24 -10.84
N PRO D 31 32.84 -69.72 -9.70
CA PRO D 31 31.49 -69.17 -9.57
C PRO D 31 31.25 -68.05 -10.57
N LEU D 32 30.00 -67.83 -10.90
CA LEU D 32 29.64 -66.92 -11.97
C LEU D 32 29.51 -65.48 -11.47
N VAL D 33 30.08 -64.54 -12.23
CA VAL D 33 29.87 -63.10 -12.10
C VAL D 33 29.37 -62.59 -13.45
N MET D 34 28.21 -61.92 -13.45
CA MET D 34 27.70 -61.27 -14.64
C MET D 34 27.90 -59.76 -14.50
N LEU D 35 28.45 -59.14 -15.55
CA LEU D 35 28.72 -57.70 -15.62
C LEU D 35 27.81 -57.10 -16.70
N VAL D 36 27.01 -56.10 -16.32
CA VAL D 36 25.98 -55.56 -17.21
C VAL D 36 26.30 -54.08 -17.47
N HIS D 37 26.56 -53.77 -18.73
CA HIS D 37 26.95 -52.46 -19.18
C HIS D 37 25.75 -51.51 -19.19
N GLY D 38 26.01 -50.25 -19.52
CA GLY D 38 24.98 -49.22 -19.57
C GLY D 38 24.94 -48.50 -20.91
N PHE D 39 24.20 -47.40 -20.94
CA PHE D 39 23.98 -46.66 -22.18
C PHE D 39 25.27 -46.00 -22.64
N GLY D 40 25.47 -46.01 -23.96
CA GLY D 40 26.64 -45.44 -24.56
C GLY D 40 27.79 -46.40 -24.65
N GLN D 41 27.57 -47.60 -24.12
CA GLN D 41 28.60 -48.61 -24.13
C GLN D 41 28.06 -49.98 -24.43
N THR D 42 28.94 -50.95 -24.25
CA THR D 42 28.62 -52.33 -24.56
C THR D 42 29.36 -53.16 -23.52
N TRP D 43 29.36 -54.48 -23.73
CA TRP D 43 30.15 -55.37 -22.88
C TRP D 43 31.57 -54.87 -22.73
N TYR D 44 32.08 -54.18 -23.76
CA TYR D 44 33.49 -53.82 -23.84
C TYR D 44 33.94 -52.91 -22.71
N GLU D 45 33.03 -52.15 -22.08
CA GLU D 45 33.46 -51.33 -20.96
C GLU D 45 34.05 -52.18 -19.82
N TRP D 46 33.73 -53.46 -19.76
CA TRP D 46 34.26 -54.34 -18.71
C TRP D 46 35.58 -55.00 -19.09
N HIS D 47 36.17 -54.67 -20.25
CA HIS D 47 37.28 -55.48 -20.75
C HIS D 47 38.54 -55.37 -19.91
N GLN D 48 38.70 -54.32 -19.09
CA GLN D 48 39.86 -54.25 -18.19
C GLN D 48 39.61 -55.01 -16.89
N LEU D 49 38.37 -55.08 -16.44
CA LEU D 49 38.06 -55.78 -15.21
C LEU D 49 37.97 -57.29 -15.40
N MET D 50 37.45 -57.73 -16.56
CA MET D 50 37.21 -59.15 -16.83
C MET D 50 38.43 -60.05 -16.67
N PRO D 51 39.60 -59.75 -17.25
CA PRO D 51 40.75 -60.65 -17.05
C PRO D 51 41.16 -60.80 -15.59
N GLU D 52 40.97 -59.76 -14.77
CA GLU D 52 41.31 -59.89 -13.35
C GLU D 52 40.33 -60.81 -12.64
N LEU D 53 39.03 -60.57 -12.84
CA LEU D 53 37.99 -61.39 -12.24
C LEU D 53 38.04 -62.84 -12.74
N ALA D 54 38.45 -63.04 -13.99
CA ALA D 54 38.51 -64.39 -14.53
C ALA D 54 39.60 -65.24 -13.90
N LYS D 55 40.49 -64.67 -13.08
CA LYS D 55 41.45 -65.53 -12.40
C LYS D 55 40.79 -66.37 -11.33
N ARG D 56 39.62 -65.97 -10.86
CA ARG D 56 38.91 -66.68 -9.81
C ARG D 56 37.44 -66.97 -10.11
N PHE D 57 36.88 -66.41 -11.19
CA PHE D 57 35.46 -66.49 -11.45
C PHE D 57 35.23 -66.87 -12.90
N THR D 58 34.05 -67.44 -13.16
CA THR D 58 33.51 -67.47 -14.51
C THR D 58 32.81 -66.13 -14.72
N VAL D 59 33.24 -65.41 -15.74
CA VAL D 59 32.82 -64.02 -15.99
C VAL D 59 32.04 -63.99 -17.30
N ILE D 60 30.84 -63.40 -17.29
CA ILE D 60 30.03 -63.22 -18.50
C ILE D 60 29.61 -61.76 -18.59
N ALA D 61 29.78 -61.16 -19.76
CA ALA D 61 29.39 -59.77 -20.01
C ALA D 61 28.48 -59.75 -21.23
N PRO D 62 27.17 -59.71 -21.04
CA PRO D 62 26.26 -59.64 -22.17
C PRO D 62 26.12 -58.23 -22.69
N ASP D 63 25.70 -58.16 -23.96
CA ASP D 63 25.17 -56.94 -24.56
C ASP D 63 23.68 -56.85 -24.24
N LEU D 64 23.23 -55.70 -23.77
CA LEU D 64 21.80 -55.51 -23.50
C LEU D 64 20.98 -55.69 -24.78
N PRO D 65 19.75 -56.20 -24.67
CA PRO D 65 18.91 -56.38 -25.87
C PRO D 65 18.83 -55.14 -26.73
N GLY D 66 19.06 -55.32 -28.03
CA GLY D 66 19.09 -54.24 -28.98
C GLY D 66 20.43 -53.54 -29.09
N LEU D 67 21.28 -53.67 -28.08
CA LEU D 67 22.57 -52.97 -28.08
C LEU D 67 23.71 -53.93 -28.36
N GLY D 68 24.85 -53.35 -28.73
CA GLY D 68 25.98 -54.17 -29.11
C GLY D 68 25.52 -55.12 -30.19
N GLN D 69 25.76 -56.42 -29.96
CA GLN D 69 25.43 -57.47 -30.92
C GLN D 69 24.23 -58.31 -30.47
N SER D 70 23.46 -57.85 -29.49
CA SER D 70 22.27 -58.56 -29.03
C SER D 70 21.02 -58.11 -29.77
N GLU D 71 20.14 -59.06 -30.07
CA GLU D 71 18.85 -58.76 -30.70
C GLU D 71 17.96 -57.96 -29.77
N PRO D 72 17.05 -57.14 -30.32
CA PRO D 72 16.11 -56.43 -29.48
C PRO D 72 15.19 -57.38 -28.73
N PRO D 73 14.66 -56.93 -27.60
CA PRO D 73 13.70 -57.76 -26.86
C PRO D 73 12.41 -57.89 -27.66
N LYS D 74 11.69 -58.96 -27.38
CA LYS D 74 10.40 -59.23 -28.00
C LYS D 74 9.24 -58.78 -27.12
N THR D 75 9.45 -58.70 -25.81
CA THR D 75 8.39 -58.24 -24.91
C THR D 75 8.39 -56.71 -24.84
N GLY D 76 9.45 -56.14 -24.28
CA GLY D 76 9.53 -54.69 -24.17
C GLY D 76 10.82 -54.31 -23.48
N TYR D 77 10.95 -53.01 -23.26
CA TYR D 77 12.19 -52.42 -22.76
C TYR D 77 12.09 -51.96 -21.31
N SER D 78 10.99 -52.22 -20.62
CA SER D 78 10.90 -51.89 -19.21
C SER D 78 11.83 -52.82 -18.44
N GLY D 79 12.24 -52.35 -17.25
CA GLY D 79 13.22 -53.11 -16.48
C GLY D 79 12.76 -54.52 -16.18
N GLU D 80 11.51 -54.68 -15.79
CA GLU D 80 11.00 -56.00 -15.46
C GLU D 80 11.02 -56.92 -16.68
N GLN D 81 10.74 -56.37 -17.87
CA GLN D 81 10.76 -57.21 -19.05
C GLN D 81 12.18 -57.62 -19.43
N VAL D 82 13.11 -56.68 -19.43
CA VAL D 82 14.48 -56.92 -19.84
C VAL D 82 15.24 -57.83 -18.87
N ALA D 83 14.96 -57.67 -17.60
CA ALA D 83 15.56 -58.45 -16.58
C ALA D 83 15.29 -59.95 -16.79
N VAL D 84 14.16 -60.28 -17.40
CA VAL D 84 13.84 -61.68 -17.66
C VAL D 84 14.93 -62.32 -18.53
N TYR D 85 15.32 -61.64 -19.61
CA TYR D 85 16.37 -62.13 -20.49
C TYR D 85 17.68 -62.31 -19.75
N LEU D 86 18.09 -61.31 -18.96
CA LEU D 86 19.40 -61.39 -18.32
C LEU D 86 19.43 -62.46 -17.25
N HIS D 87 18.33 -62.62 -16.51
CA HIS D 87 18.24 -63.67 -15.49
C HIS D 87 18.34 -65.05 -16.11
N LYS D 88 17.59 -65.29 -17.20
CA LYS D 88 17.64 -66.61 -17.81
C LYS D 88 19.01 -66.90 -18.39
N LEU D 89 19.66 -65.89 -18.95
CA LEU D 89 21.02 -66.08 -19.46
C LEU D 89 21.98 -66.51 -18.33
N ALA D 90 21.97 -65.77 -17.21
CA ALA D 90 22.84 -66.11 -16.10
C ALA D 90 22.52 -67.51 -15.55
N ARG D 91 21.24 -67.86 -15.47
CA ARG D 91 20.86 -69.18 -14.97
C ARG D 91 21.29 -70.29 -15.91
N GLN D 92 21.51 -69.99 -17.19
CA GLN D 92 21.99 -71.01 -18.10
C GLN D 92 23.41 -71.44 -17.73
N PHE D 93 24.21 -70.54 -17.17
CA PHE D 93 25.58 -70.84 -16.81
C PHE D 93 25.77 -71.13 -15.32
N SER D 94 24.79 -70.81 -14.48
CA SER D 94 24.84 -71.13 -13.06
C SER D 94 23.44 -71.53 -12.61
N PRO D 95 22.94 -72.66 -13.12
CA PRO D 95 21.56 -73.04 -12.80
C PRO D 95 21.38 -73.57 -11.38
N ASP D 96 22.45 -73.94 -10.69
CA ASP D 96 22.33 -74.61 -9.40
C ASP D 96 22.91 -73.80 -8.25
N ARG D 97 23.56 -72.68 -8.52
CA ARG D 97 24.28 -71.91 -7.52
C ARG D 97 24.05 -70.43 -7.78
N PRO D 98 24.11 -69.61 -6.73
CA PRO D 98 23.91 -68.17 -6.93
C PRO D 98 25.09 -67.56 -7.64
N PHE D 99 24.85 -66.43 -8.30
CA PHE D 99 25.91 -65.73 -9.01
C PHE D 99 25.98 -64.29 -8.52
N ASP D 100 27.12 -63.67 -8.80
CA ASP D 100 27.31 -62.28 -8.44
C ASP D 100 26.87 -61.41 -9.62
N LEU D 101 26.44 -60.18 -9.33
CA LEU D 101 26.00 -59.26 -10.36
C LEU D 101 26.68 -57.90 -10.16
N VAL D 102 27.28 -57.39 -11.24
CA VAL D 102 27.81 -56.03 -11.30
C VAL D 102 27.11 -55.33 -12.45
N ALA D 103 26.55 -54.15 -12.18
CA ALA D 103 25.82 -53.41 -13.21
C ALA D 103 26.17 -51.93 -13.14
N HIS D 104 26.16 -51.28 -14.29
CA HIS D 104 26.51 -49.88 -14.47
C HIS D 104 25.41 -49.15 -15.23
N ASP D 105 25.08 -47.95 -14.79
CA ASP D 105 24.11 -47.14 -15.48
C ASP D 105 22.80 -47.93 -15.70
N ILE D 106 22.29 -47.95 -16.92
CA ILE D 106 21.04 -48.64 -17.20
C ILE D 106 21.07 -50.14 -17.03
N GLY D 107 22.25 -50.71 -16.92
CA GLY D 107 22.42 -52.04 -16.40
C GLY D 107 21.68 -52.24 -15.08
N ILE D 108 21.67 -51.22 -14.26
CA ILE D 108 20.92 -51.24 -13.01
C ILE D 108 19.43 -51.35 -13.27
N TRP D 109 18.89 -50.49 -14.16
CA TRP D 109 17.48 -50.53 -14.50
C TRP D 109 17.08 -51.91 -14.98
N ASN D 110 17.96 -52.56 -15.72
CA ASN D 110 17.60 -53.80 -16.38
C ASN D 110 17.90 -55.03 -15.54
N THR D 111 18.37 -54.86 -14.30
CA THR D 111 18.64 -56.00 -13.42
C THR D 111 17.92 -55.92 -12.09
N TYR D 112 17.57 -54.72 -11.64
CA TYR D 112 16.95 -54.63 -10.33
C TYR D 112 15.74 -55.56 -10.19
N PRO D 113 14.83 -55.60 -11.16
CA PRO D 113 13.69 -56.50 -10.95
C PRO D 113 14.08 -57.97 -10.82
N MET D 114 15.07 -58.44 -11.55
CA MET D 114 15.57 -59.77 -11.37
C MET D 114 16.07 -59.97 -9.95
N VAL D 115 16.88 -59.05 -9.47
CA VAL D 115 17.51 -59.19 -8.17
C VAL D 115 16.50 -59.30 -7.04
N VAL D 116 15.53 -58.41 -7.02
CA VAL D 116 14.61 -58.35 -5.92
C VAL D 116 13.63 -59.52 -5.92
N LYS D 117 13.31 -60.01 -7.11
CA LYS D 117 12.38 -61.13 -7.25
C LYS D 117 13.06 -62.49 -7.13
N ASN D 118 14.38 -62.56 -7.23
CA ASN D 118 15.10 -63.85 -7.20
C ASN D 118 16.32 -63.74 -6.30
N GLN D 119 16.11 -63.27 -5.07
CA GLN D 119 17.24 -62.94 -4.19
C GLN D 119 18.11 -64.16 -3.89
N ALA D 120 17.52 -65.35 -3.83
CA ALA D 120 18.32 -66.55 -3.57
C ALA D 120 19.30 -66.85 -4.70
N ASP D 121 19.06 -66.33 -5.91
CA ASP D 121 19.95 -66.51 -7.06
C ASP D 121 21.13 -65.54 -7.07
N ILE D 122 21.12 -64.50 -6.23
CA ILE D 122 22.14 -63.46 -6.25
C ILE D 122 22.96 -63.60 -4.98
N ALA D 123 24.27 -63.82 -5.13
CA ALA D 123 25.15 -63.94 -3.97
C ALA D 123 25.57 -62.57 -3.44
N ARG D 124 26.16 -61.77 -4.32
CA ARG D 124 26.58 -60.42 -4.01
C ARG D 124 26.07 -59.47 -5.10
N LEU D 125 26.05 -58.18 -4.80
CA LEU D 125 25.54 -57.20 -5.76
C LEU D 125 26.44 -55.97 -5.74
N VAL D 126 26.83 -55.50 -6.94
CA VAL D 126 27.59 -54.25 -7.06
C VAL D 126 26.85 -53.38 -8.07
N TYR D 127 26.40 -52.21 -7.60
CA TYR D 127 25.70 -51.25 -8.46
C TYR D 127 26.52 -49.97 -8.57
N MET D 128 26.71 -49.46 -9.79
CA MET D 128 27.49 -48.25 -9.94
C MET D 128 26.86 -47.28 -10.94
N GLU D 129 26.85 -46.01 -10.52
CA GLU D 129 26.61 -44.85 -11.38
C GLU D 129 25.28 -44.94 -12.16
N ALA D 130 24.18 -44.97 -11.41
CA ALA D 130 22.84 -44.69 -11.95
C ALA D 130 21.79 -44.81 -10.86
N PRO D 131 20.69 -44.08 -10.96
CA PRO D 131 19.60 -44.30 -10.02
C PRO D 131 18.81 -45.56 -10.35
N ILE D 132 18.38 -46.25 -9.32
CA ILE D 132 17.30 -47.22 -9.54
C ILE D 132 16.06 -46.42 -9.91
N PRO D 133 15.31 -46.80 -10.98
CA PRO D 133 14.14 -46.01 -11.38
C PRO D 133 13.10 -45.92 -10.28
N ASP D 134 12.91 -44.72 -9.74
CA ASP D 134 11.81 -44.44 -8.81
C ASP D 134 11.54 -42.95 -8.89
N ALA D 135 10.60 -42.48 -8.07
CA ALA D 135 10.16 -41.10 -8.17
C ALA D 135 11.25 -40.07 -7.86
N ARG D 136 12.36 -40.47 -7.23
CA ARG D 136 13.45 -39.54 -6.98
C ARG D 136 14.00 -38.95 -8.28
N ILE D 137 13.94 -39.71 -9.38
CA ILE D 137 14.46 -39.19 -10.63
C ILE D 137 13.63 -38.03 -11.14
N TYR D 138 12.40 -37.86 -10.66
CA TYR D 138 11.60 -36.70 -11.08
C TYR D 138 12.03 -35.41 -10.40
N ARG D 139 13.01 -35.48 -9.53
CA ARG D 139 13.51 -34.31 -8.86
C ARG D 139 14.82 -33.78 -9.44
N PHE D 140 15.49 -34.53 -10.29
CA PHE D 140 16.71 -34.06 -10.93
C PHE D 140 16.41 -32.82 -11.78
N PRO D 141 17.23 -31.77 -11.68
CA PRO D 141 16.92 -30.52 -12.41
C PRO D 141 17.16 -30.58 -13.92
N ALA D 142 16.29 -29.89 -14.67
CA ALA D 142 16.48 -29.79 -16.11
C ALA D 142 17.70 -28.96 -16.47
N PHE D 143 17.97 -27.91 -15.69
CA PHE D 143 18.99 -26.91 -15.99
C PHE D 143 19.65 -26.47 -14.68
N THR D 144 20.93 -26.11 -14.72
CA THR D 144 21.66 -25.82 -13.48
C THR D 144 22.42 -24.50 -13.59
N ALA D 145 22.93 -24.02 -12.44
CA ALA D 145 23.80 -22.84 -12.43
C ALA D 145 25.14 -23.09 -13.10
N GLN D 146 25.46 -24.33 -13.45
CA GLN D 146 26.64 -24.64 -14.23
C GLN D 146 26.30 -24.89 -15.68
N GLY D 147 25.08 -24.59 -16.09
CA GLY D 147 24.69 -24.81 -17.47
C GLY D 147 24.03 -26.16 -17.69
N GLU D 148 24.38 -26.81 -18.80
CA GLU D 148 23.86 -28.12 -19.19
C GLU D 148 23.87 -29.10 -18.02
N SER D 149 22.69 -29.61 -17.66
CA SER D 149 22.56 -30.60 -16.62
C SER D 149 22.96 -31.98 -17.14
N LEU D 150 23.08 -32.93 -16.24
CA LEU D 150 23.50 -34.28 -16.58
C LEU D 150 22.34 -35.19 -16.90
N VAL D 151 21.12 -34.69 -16.78
CA VAL D 151 19.95 -35.53 -16.87
C VAL D 151 18.92 -35.13 -17.94
N TRP D 152 19.14 -34.04 -18.63
CA TRP D 152 18.27 -33.62 -19.70
C TRP D 152 18.00 -34.68 -20.77
N HIS D 153 18.98 -35.56 -21.00
CA HIS D 153 18.82 -36.61 -22.00
C HIS D 153 17.69 -37.59 -21.68
N PHE D 154 17.29 -37.73 -20.39
CA PHE D 154 16.12 -38.56 -20.09
C PHE D 154 14.92 -38.17 -20.95
N SER D 155 14.58 -36.87 -20.96
CA SER D 155 13.42 -36.39 -21.70
C SER D 155 13.68 -36.37 -23.20
N PHE D 156 14.89 -35.98 -23.61
CA PHE D 156 15.25 -36.03 -25.03
C PHE D 156 15.04 -37.43 -25.58
N PHE D 157 15.60 -38.44 -24.89
CA PHE D 157 15.47 -39.82 -25.35
C PHE D 157 14.03 -40.31 -25.22
N ALA D 158 13.29 -39.86 -24.19
CA ALA D 158 11.91 -40.34 -24.03
C ALA D 158 10.91 -39.65 -24.94
N ALA D 159 11.30 -38.58 -25.63
CA ALA D 159 10.34 -37.81 -26.42
C ALA D 159 9.71 -38.68 -27.50
N ASP D 160 8.44 -38.40 -27.78
CA ASP D 160 7.76 -39.09 -28.85
C ASP D 160 8.25 -38.54 -30.19
N ASP D 161 7.63 -39.00 -31.27
CA ASP D 161 7.95 -38.56 -32.62
C ASP D 161 9.33 -39.00 -33.05
N ARG D 162 9.92 -39.94 -32.31
CA ARG D 162 11.29 -40.37 -32.57
C ARG D 162 12.22 -39.17 -32.73
N LEU D 163 12.12 -38.22 -31.79
CA LEU D 163 12.94 -37.02 -31.85
C LEU D 163 14.42 -37.35 -31.85
N ALA D 164 14.85 -38.19 -30.88
CA ALA D 164 16.27 -38.44 -30.68
C ALA D 164 16.88 -39.15 -31.87
N GLU D 165 16.24 -40.20 -32.39
CA GLU D 165 16.77 -40.89 -33.57
C GLU D 165 16.90 -39.94 -34.75
N THR D 166 15.86 -39.14 -34.99
CA THR D 166 15.81 -38.27 -36.15
C THR D 166 16.94 -37.25 -36.11
N LEU D 167 17.20 -36.66 -34.93
CA LEU D 167 18.25 -35.68 -34.78
C LEU D 167 19.63 -36.31 -34.73
N ILE D 168 19.77 -37.51 -34.17
CA ILE D 168 21.11 -38.07 -33.97
C ILE D 168 21.59 -38.94 -35.13
N ALA D 169 20.68 -39.57 -35.88
CA ALA D 169 21.06 -40.48 -36.95
C ALA D 169 22.06 -39.84 -37.90
N GLY D 170 23.17 -40.55 -38.16
CA GLY D 170 24.23 -40.03 -38.99
C GLY D 170 25.19 -39.16 -38.23
N LYS D 171 24.87 -38.78 -37.01
CA LYS D 171 25.74 -37.93 -36.20
C LYS D 171 26.06 -38.62 -34.88
N GLU D 172 26.05 -39.97 -34.90
CA GLU D 172 26.22 -40.75 -33.68
C GLU D 172 27.57 -40.50 -33.05
N ARG D 173 28.61 -40.37 -33.88
CA ARG D 173 29.95 -40.20 -33.34
C ARG D 173 30.09 -38.85 -32.62
N PHE D 174 29.53 -37.80 -33.21
CA PHE D 174 29.56 -36.49 -32.58
C PHE D 174 28.74 -36.47 -31.30
N PHE D 175 27.52 -37.01 -31.34
CA PHE D 175 26.68 -36.98 -30.15
C PHE D 175 27.31 -37.80 -29.02
N LEU D 176 27.82 -38.99 -29.34
CA LEU D 176 28.35 -39.86 -28.29
C LEU D 176 29.57 -39.24 -27.61
N GLU D 177 30.44 -38.59 -28.40
CA GLU D 177 31.57 -37.91 -27.78
C GLU D 177 31.10 -36.80 -26.83
N HIS D 178 30.13 -35.99 -27.24
CA HIS D 178 29.61 -34.98 -26.33
C HIS D 178 29.00 -35.61 -25.09
N PHE D 179 28.14 -36.61 -25.31
CA PHE D 179 27.46 -37.26 -24.19
C PHE D 179 28.45 -37.87 -23.19
N ILE D 180 29.42 -38.64 -23.69
CA ILE D 180 30.39 -39.27 -22.81
C ILE D 180 31.24 -38.24 -22.09
N LYS D 181 31.84 -37.29 -22.83
CA LYS D 181 32.71 -36.31 -22.18
C LYS D 181 31.93 -35.42 -21.22
N SER D 182 30.69 -35.05 -21.56
CA SER D 182 29.96 -34.19 -20.62
C SER D 182 29.62 -34.91 -19.32
N HIS D 183 29.59 -36.24 -19.31
CA HIS D 183 29.34 -37.01 -18.08
C HIS D 183 30.63 -37.53 -17.46
N ALA D 184 31.80 -37.06 -17.93
CA ALA D 184 33.11 -37.48 -17.47
C ALA D 184 33.83 -36.36 -16.72
N SER D 185 34.68 -36.76 -15.77
CA SER D 185 35.68 -35.86 -15.19
C SER D 185 37.02 -36.02 -15.89
N ASN D 186 37.45 -37.26 -16.10
CA ASN D 186 38.65 -37.54 -16.92
C ASN D 186 38.16 -37.74 -18.36
N THR D 187 37.95 -36.61 -19.04
CA THR D 187 37.34 -36.61 -20.37
C THR D 187 38.25 -37.18 -21.44
N GLU D 188 39.55 -37.13 -21.22
CA GLU D 188 40.46 -37.51 -22.28
C GLU D 188 40.83 -38.99 -22.28
N VAL D 189 40.23 -39.79 -21.38
CA VAL D 189 40.61 -41.21 -21.32
C VAL D 189 40.10 -41.98 -22.53
N PHE D 190 39.17 -41.42 -23.27
CA PHE D 190 38.48 -42.09 -24.37
C PHE D 190 39.23 -41.85 -25.67
N SER D 191 39.99 -42.84 -26.14
CA SER D 191 40.71 -42.63 -27.39
C SER D 191 39.75 -42.41 -28.56
N GLU D 192 40.25 -41.76 -29.61
CA GLU D 192 39.43 -41.56 -30.80
C GLU D 192 38.91 -42.88 -31.34
N ARG D 193 39.74 -43.90 -31.31
CA ARG D 193 39.31 -45.18 -31.82
C ARG D 193 38.24 -45.82 -30.94
N LEU D 194 38.39 -45.67 -29.64
CA LEU D 194 37.37 -46.21 -28.75
C LEU D 194 36.02 -45.58 -29.02
N LEU D 195 36.00 -44.25 -29.16
CA LEU D 195 34.75 -43.57 -29.48
C LEU D 195 34.23 -43.98 -30.84
N ASP D 196 35.13 -44.19 -31.81
CA ASP D 196 34.71 -44.67 -33.13
C ASP D 196 34.00 -46.00 -33.02
N LEU D 197 34.54 -46.91 -32.19
CA LEU D 197 33.97 -48.25 -32.06
C LEU D 197 32.59 -48.20 -31.42
N TYR D 198 32.43 -47.41 -30.35
CA TYR D 198 31.12 -47.27 -29.72
C TYR D 198 30.11 -46.61 -30.66
N ALA D 199 30.53 -45.57 -31.40
CA ALA D 199 29.59 -44.91 -32.30
C ALA D 199 29.14 -45.84 -33.42
N ARG D 200 30.09 -46.62 -33.95
CA ARG D 200 29.78 -47.59 -34.99
C ARG D 200 28.73 -48.59 -34.51
N SER D 201 28.87 -49.08 -33.29
CA SER D 201 27.91 -50.00 -32.71
C SER D 201 26.54 -49.34 -32.56
N TYR D 202 26.51 -48.12 -32.02
CA TYR D 202 25.24 -47.46 -31.78
C TYR D 202 24.57 -46.91 -33.05
N ALA D 203 25.34 -46.70 -34.12
CA ALA D 203 24.79 -46.23 -35.40
C ALA D 203 24.00 -47.30 -36.14
N LYS D 204 24.05 -48.56 -35.70
CA LYS D 204 23.16 -49.56 -36.28
C LYS D 204 21.73 -49.11 -36.03
N PRO D 205 20.87 -49.02 -37.06
CA PRO D 205 19.55 -48.42 -36.83
C PRO D 205 18.78 -49.04 -35.68
N HIS D 206 18.79 -50.37 -35.52
CA HIS D 206 18.02 -50.91 -34.42
C HIS D 206 18.67 -50.64 -33.07
N SER D 207 19.99 -50.42 -33.02
CA SER D 207 20.67 -50.12 -31.75
C SER D 207 20.45 -48.67 -31.34
N LEU D 208 20.44 -47.77 -32.32
CA LEU D 208 20.09 -46.39 -32.02
C LEU D 208 18.69 -46.30 -31.42
N ASN D 209 17.72 -46.96 -32.06
CA ASN D 209 16.34 -46.97 -31.56
C ASN D 209 16.24 -47.67 -30.21
N ALA D 210 16.85 -48.86 -30.09
CA ALA D 210 16.78 -49.59 -28.82
C ALA D 210 17.31 -48.75 -27.66
N SER D 211 18.41 -48.03 -27.88
CA SER D 211 18.96 -47.11 -26.88
C SER D 211 17.87 -46.25 -26.25
N PHE D 212 17.05 -45.62 -27.09
CA PHE D 212 16.06 -44.67 -26.60
C PHE D 212 14.82 -45.34 -26.04
N GLU D 213 14.51 -46.56 -26.50
CA GLU D 213 13.34 -47.26 -25.97
C GLU D 213 13.49 -47.57 -24.49
N TYR D 214 14.72 -47.78 -24.02
CA TYR D 214 14.95 -47.95 -22.59
C TYR D 214 14.45 -46.73 -21.80
N TYR D 215 14.65 -45.53 -22.36
CA TYR D 215 14.18 -44.30 -21.70
C TYR D 215 12.69 -44.07 -21.91
N ARG D 216 12.16 -44.53 -23.05
CA ARG D 216 10.72 -44.43 -23.29
C ARG D 216 9.93 -45.35 -22.37
N ALA D 217 10.57 -46.37 -21.82
CA ALA D 217 9.97 -47.28 -20.87
C ALA D 217 10.28 -46.93 -19.42
N LEU D 218 11.00 -45.83 -19.17
CA LEU D 218 11.44 -45.51 -17.81
C LEU D 218 10.26 -45.29 -16.85
N ASN D 219 9.20 -44.59 -17.31
CA ASN D 219 8.04 -44.37 -16.42
C ASN D 219 7.37 -45.68 -16.05
N GLU D 220 7.32 -46.63 -17.00
CA GLU D 220 6.77 -47.93 -16.66
C GLU D 220 7.67 -48.67 -15.65
N SER D 221 9.00 -48.58 -15.83
CA SER D 221 9.94 -49.14 -14.86
C SER D 221 9.76 -48.55 -13.46
N VAL D 222 9.61 -47.22 -13.39
CA VAL D 222 9.34 -46.57 -12.10
C VAL D 222 8.12 -47.18 -11.44
N ARG D 223 7.03 -47.34 -12.20
CA ARG D 223 5.79 -47.90 -11.66
C ARG D 223 5.97 -49.36 -11.23
N GLN D 224 6.68 -50.15 -12.03
CA GLN D 224 7.00 -51.51 -11.63
C GLN D 224 7.74 -51.54 -10.32
N ASN D 225 8.77 -50.70 -10.18
CA ASN D 225 9.63 -50.76 -9.01
C ASN D 225 8.92 -50.27 -7.74
N ALA D 226 7.91 -49.42 -7.89
CA ALA D 226 7.10 -49.02 -6.73
C ALA D 226 6.46 -50.23 -6.07
N GLU D 227 6.04 -51.21 -6.87
CA GLU D 227 5.53 -52.45 -6.31
C GLU D 227 6.65 -53.34 -5.82
N LEU D 228 7.69 -53.53 -6.64
CA LEU D 228 8.76 -54.45 -6.29
C LEU D 228 9.49 -54.05 -5.02
N ALA D 229 9.68 -52.73 -4.81
CA ALA D 229 10.50 -52.29 -3.69
C ALA D 229 9.83 -52.49 -2.33
N LYS D 230 8.65 -53.08 -2.29
CA LYS D 230 8.06 -53.50 -1.02
C LYS D 230 8.84 -54.64 -0.37
N THR D 231 9.76 -55.26 -1.12
CA THR D 231 10.67 -56.26 -0.60
C THR D 231 12.07 -55.65 -0.63
N ARG D 232 12.72 -55.53 0.53
CA ARG D 232 14.08 -55.03 0.55
C ARG D 232 15.08 -56.12 0.16
N LEU D 233 16.19 -55.70 -0.43
CA LEU D 233 17.25 -56.61 -0.82
C LEU D 233 18.02 -57.08 0.41
N GLN D 234 18.31 -58.39 0.46
CA GLN D 234 18.93 -59.01 1.61
C GLN D 234 20.40 -59.38 1.41
N MET D 235 20.87 -59.48 0.17
CA MET D 235 22.21 -59.95 -0.09
C MET D 235 23.22 -58.84 0.11
N PRO D 236 24.50 -59.17 0.34
CA PRO D 236 25.52 -58.12 0.47
C PRO D 236 25.65 -57.29 -0.80
N THR D 237 25.66 -55.99 -0.61
CA THR D 237 25.71 -55.01 -1.67
C THR D 237 26.76 -53.95 -1.50
N MET D 238 27.31 -53.49 -2.60
CA MET D 238 28.20 -52.37 -2.63
C MET D 238 27.76 -51.45 -3.74
N THR D 239 27.78 -50.17 -3.47
CA THR D 239 27.57 -49.15 -4.49
C THR D 239 28.86 -48.38 -4.71
N LEU D 240 29.08 -47.99 -5.95
CA LEU D 240 30.18 -47.11 -6.33
C LEU D 240 29.61 -45.92 -7.09
N ALA D 241 30.15 -44.74 -6.82
CA ALA D 241 29.77 -43.52 -7.55
C ALA D 241 31.00 -42.66 -7.77
N GLY D 242 30.97 -41.89 -8.84
CA GLY D 242 32.01 -40.91 -9.06
C GLY D 242 31.78 -39.68 -8.19
N GLY D 243 32.86 -39.15 -7.65
CA GLY D 243 32.82 -37.94 -6.86
C GLY D 243 33.12 -36.69 -7.63
N GLY D 244 33.39 -36.80 -8.93
CA GLY D 244 33.66 -35.66 -9.78
C GLY D 244 32.46 -35.25 -10.61
N HIS D 245 32.72 -34.29 -11.50
CA HIS D 245 31.72 -33.85 -12.47
C HIS D 245 31.22 -35.05 -13.29
N GLY D 246 29.90 -35.20 -13.40
CA GLY D 246 29.28 -36.23 -14.21
C GLY D 246 28.78 -37.42 -13.41
N GLY D 247 29.24 -37.58 -12.15
CA GLY D 247 28.89 -38.71 -11.32
C GLY D 247 27.65 -38.48 -10.49
N MET D 248 27.24 -39.54 -9.77
CA MET D 248 26.08 -39.50 -8.89
C MET D 248 26.40 -38.95 -7.51
N GLY D 249 27.66 -38.95 -7.11
CA GLY D 249 28.02 -38.48 -5.77
C GLY D 249 27.34 -39.33 -4.71
N THR D 250 26.91 -38.67 -3.63
CA THR D 250 26.33 -39.39 -2.49
C THR D 250 24.94 -39.96 -2.77
N PHE D 251 24.31 -39.56 -3.87
CA PHE D 251 22.97 -40.06 -4.16
C PHE D 251 22.95 -41.58 -4.24
N GLN D 252 23.97 -42.17 -4.87
CA GLN D 252 23.98 -43.61 -5.12
C GLN D 252 23.81 -44.41 -3.83
N LEU D 253 24.67 -44.17 -2.84
CA LEU D 253 24.56 -44.91 -1.58
C LEU D 253 23.27 -44.55 -0.85
N GLU D 254 22.90 -43.25 -0.84
CA GLU D 254 21.73 -42.82 -0.08
C GLU D 254 20.45 -43.45 -0.61
N GLN D 255 20.30 -43.52 -1.92
CA GLN D 255 19.14 -44.23 -2.47
C GLN D 255 19.24 -45.71 -2.14
N MET D 256 20.42 -46.31 -2.31
CA MET D 256 20.52 -47.75 -2.11
C MET D 256 20.15 -48.15 -0.69
N LYS D 257 20.44 -47.28 0.29
CA LYS D 257 20.09 -47.58 1.68
C LYS D 257 18.59 -47.77 1.87
N ALA D 258 17.77 -47.20 1.01
CA ALA D 258 16.34 -47.41 1.08
C ALA D 258 15.90 -48.71 0.44
N TYR D 259 16.77 -49.36 -0.34
CA TYR D 259 16.42 -50.59 -1.02
C TYR D 259 17.05 -51.84 -0.42
N ALA D 260 18.17 -51.71 0.28
CA ALA D 260 18.96 -52.84 0.72
C ALA D 260 19.31 -52.72 2.20
N GLU D 261 19.33 -53.85 2.90
CA GLU D 261 19.68 -53.88 4.32
C GLU D 261 21.18 -53.78 4.53
N ASP D 262 21.95 -54.41 3.65
CA ASP D 262 23.37 -54.62 3.88
C ASP D 262 24.10 -53.97 2.70
N VAL D 263 24.55 -52.75 2.93
CA VAL D 263 25.16 -51.98 1.86
C VAL D 263 26.35 -51.15 2.34
N GLU D 264 27.39 -51.22 1.53
CA GLU D 264 28.61 -50.50 1.71
C GLU D 264 28.70 -49.61 0.45
N GLY D 265 29.11 -48.37 0.61
CA GLY D 265 29.22 -47.47 -0.52
C GLY D 265 30.53 -46.72 -0.62
N HIS D 266 30.94 -46.41 -1.83
CA HIS D 266 32.17 -45.65 -2.03
C HIS D 266 31.94 -44.60 -3.11
N VAL D 267 32.53 -43.43 -2.89
CA VAL D 267 32.56 -42.37 -3.88
C VAL D 267 34.01 -42.17 -4.28
N LEU D 268 34.30 -42.30 -5.58
CA LEU D 268 35.67 -42.19 -6.07
C LEU D 268 35.96 -40.74 -6.42
N PRO D 269 36.83 -40.05 -5.69
CA PRO D 269 37.04 -38.62 -5.98
C PRO D 269 37.70 -38.39 -7.33
N GLY D 270 37.29 -37.29 -7.94
CA GLY D 270 37.81 -36.89 -9.23
C GLY D 270 37.33 -37.70 -10.41
N CYS D 271 36.36 -38.59 -10.22
CA CYS D 271 35.89 -39.50 -11.26
C CYS D 271 34.45 -39.17 -11.59
N GLY D 272 34.10 -39.23 -12.87
CA GLY D 272 32.74 -38.99 -13.32
C GLY D 272 31.85 -40.23 -13.43
N HIS D 273 31.04 -40.26 -14.47
CA HIS D 273 30.04 -41.33 -14.65
C HIS D 273 30.68 -42.65 -15.07
N TRP D 274 31.79 -42.60 -15.80
CA TRP D 274 32.30 -43.78 -16.51
C TRP D 274 33.43 -44.45 -15.73
N LEU D 275 33.08 -44.97 -14.55
CA LEU D 275 34.11 -45.46 -13.63
C LEU D 275 35.07 -46.46 -14.26
N PRO D 276 34.60 -47.48 -15.01
CA PRO D 276 35.53 -48.50 -15.52
C PRO D 276 36.62 -47.93 -16.41
N GLU D 277 36.33 -46.83 -17.08
CA GLU D 277 37.29 -46.20 -17.97
C GLU D 277 38.02 -45.05 -17.32
N GLU D 278 37.30 -44.23 -16.59
CA GLU D 278 37.88 -43.02 -16.00
C GLU D 278 38.82 -43.32 -14.84
N CYS D 279 38.48 -44.31 -14.02
CA CYS D 279 39.21 -44.62 -12.80
C CYS D 279 39.33 -46.14 -12.65
N ALA D 280 39.98 -46.77 -13.65
CA ALA D 280 39.97 -48.22 -13.80
C ALA D 280 40.60 -48.93 -12.61
N ALA D 281 41.83 -48.57 -12.26
CA ALA D 281 42.54 -49.31 -11.21
C ALA D 281 41.82 -49.25 -9.87
N PRO D 282 41.43 -48.09 -9.33
CA PRO D 282 40.73 -48.11 -8.04
C PRO D 282 39.39 -48.83 -8.08
N MET D 283 38.63 -48.63 -9.15
CA MET D 283 37.32 -49.27 -9.26
C MET D 283 37.47 -50.78 -9.35
N ASN D 284 38.39 -51.25 -10.20
CA ASN D 284 38.61 -52.68 -10.35
C ASN D 284 38.98 -53.30 -9.01
N ARG D 285 39.91 -52.67 -8.31
CA ARG D 285 40.33 -53.15 -6.99
C ARG D 285 39.13 -53.29 -6.05
N LEU D 286 38.27 -52.27 -6.02
CA LEU D 286 37.11 -52.31 -5.11
C LEU D 286 36.17 -53.47 -5.44
N VAL D 287 35.90 -53.66 -6.71
CA VAL D 287 35.00 -54.73 -7.09
C VAL D 287 35.57 -56.09 -6.77
N ILE D 288 36.82 -56.30 -7.16
CA ILE D 288 37.50 -57.57 -6.92
C ILE D 288 37.56 -57.86 -5.43
N ASP D 289 37.93 -56.85 -4.64
CA ASP D 289 37.98 -57.01 -3.21
C ASP D 289 36.63 -57.43 -2.64
N PHE D 290 35.58 -56.66 -2.97
CA PHE D 290 34.26 -56.96 -2.46
C PHE D 290 33.77 -58.33 -2.83
N LEU D 291 34.13 -58.79 -4.02
CA LEU D 291 33.68 -60.07 -4.46
C LEU D 291 34.55 -61.21 -3.95
N SER D 292 35.76 -60.89 -3.55
CA SER D 292 36.70 -61.88 -3.16
C SER D 292 36.63 -62.20 -1.69
N ARG D 293 36.19 -61.23 -0.92
CA ARG D 293 36.13 -61.25 0.52
C ARG D 293 35.38 -62.42 1.14
N GLY D 294 35.98 -63.09 2.12
CA GLY D 294 35.34 -64.15 2.84
C GLY D 294 35.14 -65.39 2.04
N ARG D 295 35.73 -65.46 0.87
CA ARG D 295 35.57 -66.63 0.05
C ARG D 295 36.93 -67.30 -0.14
N GLU E 3 -24.73 17.43 32.62
CA GLU E 3 -23.53 17.04 33.36
C GLU E 3 -23.68 15.58 33.81
N VAL E 4 -22.53 14.91 33.92
CA VAL E 4 -22.45 13.47 34.13
C VAL E 4 -21.67 13.24 35.41
N GLN E 5 -22.17 12.34 36.24
CA GLN E 5 -21.45 11.95 37.41
C GLN E 5 -20.96 10.56 37.20
N LEU E 6 -19.65 10.40 37.30
CA LEU E 6 -18.99 9.15 36.98
C LEU E 6 -18.76 8.30 38.23
N VAL E 7 -18.95 7.00 38.13
CA VAL E 7 -18.61 6.10 39.21
C VAL E 7 -17.80 4.94 38.70
N GLU E 8 -16.58 4.79 39.19
CA GLU E 8 -15.73 3.67 38.85
C GLU E 8 -15.83 2.60 39.93
N SER E 9 -15.63 1.36 39.54
CA SER E 9 -15.71 0.25 40.48
C SER E 9 -14.96 -0.95 39.91
N GLY E 10 -14.70 -1.92 40.77
CA GLY E 10 -14.06 -3.14 40.35
C GLY E 10 -12.59 -3.23 40.70
N GLY E 11 -12.02 -2.19 41.28
CA GLY E 11 -10.64 -2.24 41.65
C GLY E 11 -10.43 -3.13 42.85
N GLY E 12 -9.16 -3.42 43.11
CA GLY E 12 -8.84 -4.23 44.26
C GLY E 12 -7.37 -4.59 44.29
N LEU E 13 -7.05 -5.53 45.16
CA LEU E 13 -5.69 -5.98 45.39
C LEU E 13 -5.52 -7.30 44.66
N VAL E 14 -4.47 -7.40 43.86
CA VAL E 14 -4.24 -8.63 43.12
C VAL E 14 -2.79 -8.89 42.93
N GLN E 15 -2.45 -10.16 42.68
CA GLN E 15 -1.07 -10.57 42.57
C GLN E 15 -0.56 -10.26 41.17
N ALA E 16 0.74 -10.07 41.07
CA ALA E 16 1.33 -9.83 39.76
C ALA E 16 1.03 -10.99 38.84
N GLY E 17 0.70 -10.68 37.59
CA GLY E 17 0.28 -11.67 36.63
C GLY E 17 -1.21 -11.95 36.62
N GLY E 18 -1.95 -11.51 37.63
CA GLY E 18 -3.38 -11.69 37.67
C GLY E 18 -4.10 -10.71 36.76
N SER E 19 -5.42 -10.65 36.95
CA SER E 19 -6.26 -9.84 36.08
C SER E 19 -7.42 -9.24 36.87
N LEU E 20 -7.95 -8.13 36.36
CA LEU E 20 -9.08 -7.42 36.92
C LEU E 20 -9.93 -6.85 35.79
N ARG E 21 -11.18 -6.54 36.09
CA ARG E 21 -12.05 -5.82 35.18
C ARG E 21 -12.69 -4.66 35.90
N LEU E 22 -12.43 -3.47 35.43
CA LEU E 22 -12.97 -2.24 36.01
C LEU E 22 -14.23 -1.81 35.27
N THR E 23 -15.13 -1.18 36.01
CA THR E 23 -16.38 -0.70 35.44
C THR E 23 -16.46 0.82 35.57
N CYS E 24 -16.88 1.46 34.49
CA CYS E 24 -17.15 2.89 34.47
C CYS E 24 -18.64 3.05 34.20
N ALA E 25 -19.34 3.73 35.10
CA ALA E 25 -20.77 3.95 34.95
C ALA E 25 -21.08 5.39 35.28
N ALA E 26 -22.26 5.83 34.87
CA ALA E 26 -22.74 7.17 35.20
C ALA E 26 -23.75 7.02 36.32
N SER E 27 -23.44 7.59 37.49
CA SER E 27 -24.42 7.50 38.57
C SER E 27 -25.57 8.47 38.32
N ALA E 28 -25.34 9.52 37.53
CA ALA E 28 -26.39 10.41 37.03
C ALA E 28 -26.04 10.85 35.62
N GLY E 29 -27.05 11.12 34.80
CA GLY E 29 -26.76 11.47 33.41
C GLY E 29 -26.33 10.26 32.59
N SER E 30 -25.76 10.54 31.42
CA SER E 30 -25.36 9.48 30.50
C SER E 30 -24.19 9.94 29.64
N PHE E 31 -23.22 9.07 29.44
CA PHE E 31 -22.13 9.31 28.48
C PHE E 31 -22.31 8.50 27.20
N ARG E 32 -23.52 8.02 26.93
CA ARG E 32 -23.83 7.30 25.69
C ARG E 32 -23.38 8.07 24.45
N GLY E 33 -23.44 9.40 24.50
CA GLY E 33 -23.13 10.25 23.36
C GLY E 33 -21.67 10.57 23.14
N TYR E 34 -20.75 9.96 23.89
CA TYR E 34 -19.36 10.39 23.88
C TYR E 34 -18.42 9.20 23.87
N ALA E 35 -17.24 9.43 23.30
CA ALA E 35 -16.13 8.53 23.51
C ALA E 35 -15.76 8.52 24.99
N MET E 36 -15.23 7.40 25.45
CA MET E 36 -14.89 7.26 26.85
C MET E 36 -13.45 6.74 26.96
N GLY E 37 -12.76 7.14 28.01
CA GLY E 37 -11.38 6.76 28.19
C GLY E 37 -11.10 6.41 29.63
N TRP E 38 -10.04 5.62 29.82
CA TRP E 38 -9.55 5.27 31.14
C TRP E 38 -8.23 5.98 31.39
N PHE E 39 -8.07 6.48 32.61
CA PHE E 39 -6.88 7.16 33.04
C PHE E 39 -6.44 6.56 34.36
N ARG E 40 -5.16 6.70 34.68
CA ARG E 40 -4.65 6.20 35.94
C ARG E 40 -3.65 7.20 36.49
N GLN E 41 -3.56 7.24 37.82
CA GLN E 41 -2.65 8.16 38.49
C GLN E 41 -2.07 7.49 39.72
N ALA E 42 -0.75 7.44 39.79
CA ALA E 42 -0.01 6.94 40.94
C ALA E 42 0.19 8.06 41.96
N PRO E 43 0.44 7.73 43.24
CA PRO E 43 0.54 8.77 44.27
C PRO E 43 1.59 9.83 43.99
N GLY E 44 2.69 9.48 43.30
CA GLY E 44 3.75 10.43 43.03
C GLY E 44 3.64 11.10 41.68
N LYS E 45 2.96 10.43 40.75
CA LYS E 45 2.99 10.71 39.33
C LYS E 45 1.88 11.64 38.84
N GLU E 46 1.98 11.91 37.53
CA GLU E 46 1.01 12.59 36.71
C GLU E 46 -0.13 11.64 36.40
N ARG E 47 -1.25 12.20 36.00
CA ARG E 47 -2.34 11.39 35.50
C ARG E 47 -1.97 10.99 34.12
N GLU E 48 -2.22 9.73 33.74
CA GLU E 48 -1.81 9.29 32.42
C GLU E 48 -2.93 8.54 31.70
N PHE E 49 -3.00 8.75 30.40
CA PHE E 49 -3.97 8.08 29.56
C PHE E 49 -3.66 6.58 29.46
N VAL E 50 -4.73 5.77 29.50
CA VAL E 50 -4.62 4.30 29.45
C VAL E 50 -5.27 3.75 28.18
N ALA E 51 -6.53 4.10 27.94
CA ALA E 51 -7.26 3.56 26.80
C ALA E 51 -8.52 4.39 26.55
N ALA E 52 -8.99 4.35 25.31
CA ALA E 52 -10.22 5.06 24.93
C ALA E 52 -10.99 4.25 23.88
N VAL E 53 -12.30 4.38 23.91
CA VAL E 53 -13.19 3.74 22.94
C VAL E 53 -14.14 4.80 22.41
N SER E 54 -14.37 4.79 21.08
CA SER E 54 -15.25 5.77 20.47
C SER E 54 -16.72 5.40 20.68
N VAL E 55 -17.61 6.31 20.27
CA VAL E 55 -19.01 5.92 20.10
C VAL E 55 -19.12 5.02 18.87
N LEU E 56 -20.24 4.32 18.78
CA LEU E 56 -20.54 3.51 17.60
C LEU E 56 -21.18 4.40 16.54
N THR E 57 -20.56 4.46 15.35
CA THR E 57 -21.14 5.11 14.17
C THR E 57 -21.51 4.04 13.16
N TRP E 58 -22.15 4.48 12.06
CA TRP E 58 -22.56 3.54 11.02
C TRP E 58 -21.37 2.80 10.45
N SER E 59 -20.20 3.43 10.45
CA SER E 59 -18.96 2.84 9.97
C SER E 59 -18.27 1.92 10.96
N GLY E 60 -18.73 1.87 12.20
CA GLY E 60 -18.10 1.06 13.23
C GLY E 60 -17.62 1.93 14.37
N ASP E 61 -16.57 1.46 15.05
CA ASP E 61 -15.99 2.19 16.17
C ASP E 61 -14.48 2.08 16.08
N SER E 62 -13.80 2.69 17.05
CA SER E 62 -12.36 2.63 17.10
C SER E 62 -11.93 2.73 18.56
N THR E 63 -10.77 2.17 18.85
CA THR E 63 -10.19 2.20 20.17
C THR E 63 -8.76 2.69 20.06
N ASN E 64 -8.21 3.18 21.17
CA ASN E 64 -6.80 3.51 21.24
C ASN E 64 -6.28 3.06 22.60
N ILE E 65 -5.15 2.36 22.61
CA ILE E 65 -4.58 1.82 23.84
C ILE E 65 -3.15 2.33 24.00
N ALA E 66 -2.83 2.89 25.18
CA ALA E 66 -1.48 3.36 25.47
C ALA E 66 -0.45 2.23 25.36
N ASP E 67 0.71 2.54 24.76
CA ASP E 67 1.72 1.52 24.50
C ASP E 67 2.14 0.79 25.78
N SER E 68 2.17 1.50 26.91
CA SER E 68 2.61 0.91 28.16
C SER E 68 1.70 -0.23 28.62
N VAL E 69 0.46 -0.28 28.13
CA VAL E 69 -0.46 -1.36 28.48
C VAL E 69 -0.94 -2.13 27.25
N LYS E 70 -0.50 -1.77 26.05
CA LYS E 70 -0.94 -2.47 24.86
C LYS E 70 -0.51 -3.93 24.94
N GLY E 71 -1.43 -4.83 24.57
CA GLY E 71 -1.20 -6.26 24.68
C GLY E 71 -1.63 -6.88 25.99
N ARG E 72 -2.00 -6.06 26.98
CA ARG E 72 -2.46 -6.47 28.30
C ARG E 72 -3.80 -5.88 28.69
N PHE E 73 -4.07 -4.62 28.34
CA PHE E 73 -5.36 -4.00 28.65
C PHE E 73 -6.19 -3.89 27.37
N THR E 74 -7.49 -4.13 27.51
CA THR E 74 -8.44 -3.86 26.43
C THR E 74 -9.63 -3.11 27.02
N ILE E 75 -10.26 -2.32 26.18
CA ILE E 75 -11.41 -1.49 26.57
C ILE E 75 -12.59 -1.85 25.69
N PHE E 76 -13.79 -1.83 26.25
CA PHE E 76 -15.00 -2.12 25.48
C PHE E 76 -16.22 -1.55 26.19
N ARG E 77 -17.34 -1.44 25.45
CA ARG E 77 -18.56 -0.82 25.94
C ARG E 77 -19.75 -1.78 25.92
N ASP E 78 -20.72 -1.47 26.76
CA ASP E 78 -22.04 -2.11 26.80
C ASP E 78 -23.06 -1.02 26.48
N THR E 79 -23.66 -1.08 25.28
CA THR E 79 -24.58 -0.04 24.86
C THR E 79 -26.01 -0.29 25.33
N ALA E 80 -26.24 -1.36 26.07
CA ALA E 80 -27.53 -1.56 26.71
C ALA E 80 -27.55 -0.95 28.10
N LYS E 81 -26.43 -1.05 28.81
CA LYS E 81 -26.29 -0.46 30.13
C LYS E 81 -25.73 0.96 30.08
N ASN E 82 -25.13 1.34 28.97
CA ASN E 82 -24.32 2.56 28.85
C ASN E 82 -23.18 2.56 29.86
N THR E 83 -22.36 1.50 29.80
CA THR E 83 -21.20 1.37 30.66
C THR E 83 -19.98 1.09 29.79
N VAL E 84 -18.81 1.22 30.39
CA VAL E 84 -17.52 1.01 29.74
C VAL E 84 -16.67 0.18 30.69
N TYR E 85 -15.86 -0.71 30.12
CA TYR E 85 -15.10 -1.66 30.93
C TYR E 85 -13.63 -1.57 30.53
N LEU E 86 -12.76 -1.80 31.52
CA LEU E 86 -11.33 -1.94 31.29
C LEU E 86 -10.92 -3.33 31.75
N GLN E 87 -10.58 -4.20 30.81
CA GLN E 87 -10.11 -5.54 31.12
C GLN E 87 -8.60 -5.49 31.23
N MET E 88 -8.08 -5.77 32.41
CA MET E 88 -6.64 -5.69 32.66
C MET E 88 -6.11 -7.10 32.87
N ASN E 89 -5.35 -7.60 31.90
CA ASN E 89 -4.67 -8.89 32.02
C ASN E 89 -3.19 -8.66 32.28
N SER E 90 -2.55 -9.70 32.85
CA SER E 90 -1.10 -9.71 33.07
C SER E 90 -0.67 -8.53 33.93
N LEU E 91 -1.34 -8.34 35.05
CA LEU E 91 -1.12 -7.17 35.88
C LEU E 91 0.28 -7.14 36.48
N LYS E 92 0.85 -5.94 36.55
CA LYS E 92 2.18 -5.64 37.03
C LYS E 92 2.14 -4.64 38.18
N PRO E 93 3.14 -4.61 39.07
CA PRO E 93 3.15 -3.63 40.15
C PRO E 93 3.13 -2.18 39.68
N GLU E 94 3.79 -1.87 38.56
CA GLU E 94 3.75 -0.50 38.06
C GLU E 94 2.39 -0.11 37.52
N ASP E 95 1.46 -1.06 37.44
CA ASP E 95 0.07 -0.76 37.12
C ASP E 95 -0.70 -0.26 38.33
N THR E 96 -0.05 -0.26 39.49
CA THR E 96 -0.69 0.20 40.72
C THR E 96 -0.97 1.68 40.61
N ALA E 97 -2.22 2.08 40.84
CA ALA E 97 -2.67 3.45 40.68
C ALA E 97 -4.15 3.48 41.01
N VAL E 98 -4.68 4.69 41.10
CA VAL E 98 -6.12 4.91 41.07
C VAL E 98 -6.53 5.10 39.62
N TYR E 99 -7.59 4.40 39.20
CA TYR E 99 -8.05 4.43 37.81
C TYR E 99 -9.34 5.23 37.71
N TYR E 100 -9.41 6.10 36.69
CA TYR E 100 -10.52 7.02 36.46
C TYR E 100 -10.99 6.91 35.03
N CYS E 101 -12.28 7.13 34.81
CA CYS E 101 -12.82 7.27 33.47
C CYS E 101 -13.33 8.69 33.24
N ASN E 102 -13.35 9.11 31.97
CA ASN E 102 -13.91 10.39 31.56
C ASN E 102 -14.22 10.32 30.06
N GLY E 103 -14.94 11.33 29.56
CA GLY E 103 -15.42 11.31 28.20
C GLY E 103 -15.03 12.55 27.41
N ALA E 104 -15.21 12.44 26.10
CA ALA E 104 -15.03 13.54 25.17
C ALA E 104 -15.72 13.16 23.87
N SER E 105 -15.83 14.13 22.95
CA SER E 105 -16.49 13.83 21.69
C SER E 105 -15.65 12.90 20.81
N GLU E 106 -14.35 12.79 21.04
CA GLU E 106 -13.55 11.87 20.25
C GLU E 106 -12.35 11.40 21.06
N ILE E 107 -11.80 10.25 20.65
CA ILE E 107 -10.75 9.62 21.45
C ILE E 107 -9.48 10.46 21.42
N GLY E 108 -9.24 11.20 20.34
CA GLY E 108 -8.05 12.04 20.29
C GLY E 108 -8.00 13.06 21.42
N ALA E 109 -9.14 13.64 21.76
CA ALA E 109 -9.19 14.55 22.90
C ALA E 109 -8.77 13.86 24.19
N LEU E 110 -9.32 12.66 24.44
CA LEU E 110 -8.93 11.88 25.62
C LEU E 110 -7.44 11.54 25.61
N GLN E 111 -6.89 11.20 24.43
CA GLN E 111 -5.48 10.86 24.33
C GLN E 111 -4.58 11.96 24.86
N SER E 112 -4.98 13.22 24.64
CA SER E 112 -4.19 14.36 25.09
C SER E 112 -4.60 14.87 26.47
N GLY E 113 -5.38 14.12 27.23
CA GLY E 113 -5.72 14.49 28.59
C GLY E 113 -6.93 15.40 28.75
N ALA E 114 -7.61 15.78 27.67
CA ALA E 114 -8.77 16.65 27.77
C ALA E 114 -10.04 15.82 28.00
N SER E 115 -11.00 16.41 28.71
CA SER E 115 -12.22 15.67 29.04
C SER E 115 -13.33 16.65 29.37
N LEU E 116 -14.54 16.10 29.46
CA LEU E 116 -15.76 16.89 29.56
C LEU E 116 -16.23 17.12 30.99
N TRP E 117 -16.03 16.16 31.88
CA TRP E 117 -16.74 16.18 33.15
C TRP E 117 -15.78 16.17 34.32
N SER E 118 -16.34 16.50 35.47
CA SER E 118 -15.60 16.42 36.72
C SER E 118 -15.15 14.99 36.94
N TRP E 119 -13.93 14.83 37.42
CA TRP E 119 -13.43 13.49 37.70
C TRP E 119 -14.22 12.85 38.82
N GLY E 120 -14.42 11.54 38.71
CA GLY E 120 -15.00 10.79 39.81
C GLY E 120 -13.93 10.50 40.82
N GLN E 121 -14.31 9.72 41.83
CA GLN E 121 -13.36 9.37 42.88
C GLN E 121 -12.37 8.29 42.45
N GLY E 122 -12.63 7.60 41.35
CA GLY E 122 -11.74 6.55 40.89
C GLY E 122 -11.87 5.24 41.65
N THR E 123 -11.09 4.26 41.22
CA THR E 123 -11.04 2.97 41.88
C THR E 123 -9.59 2.55 42.00
N GLN E 124 -9.21 2.15 43.21
CA GLN E 124 -7.84 1.79 43.54
C GLN E 124 -7.50 0.42 42.99
N VAL E 125 -6.38 0.33 42.29
CA VAL E 125 -5.84 -0.96 41.85
C VAL E 125 -4.44 -1.09 42.43
N THR E 126 -4.21 -2.15 43.20
CA THR E 126 -2.90 -2.39 43.79
C THR E 126 -2.44 -3.77 43.40
N VAL E 127 -1.28 -3.84 42.76
CA VAL E 127 -0.71 -5.10 42.29
C VAL E 127 0.53 -5.42 43.12
N SER E 128 0.56 -6.63 43.69
CA SER E 128 1.74 -7.10 44.40
C SER E 128 2.31 -8.32 43.68
N GLU F 3 -26.14 -30.39 -15.89
CA GLU F 3 -26.18 -29.18 -16.70
C GLU F 3 -27.21 -28.18 -16.20
N VAL F 4 -27.03 -26.96 -16.71
CA VAL F 4 -27.92 -25.83 -16.54
C VAL F 4 -28.31 -25.42 -17.95
N GLN F 5 -29.59 -25.11 -18.15
CA GLN F 5 -30.02 -24.66 -19.47
C GLN F 5 -30.26 -23.16 -19.36
N LEU F 6 -29.44 -22.39 -20.07
CA LEU F 6 -29.42 -20.95 -19.94
C LEU F 6 -30.37 -20.31 -20.93
N VAL F 7 -31.08 -19.27 -20.47
CA VAL F 7 -32.03 -18.54 -21.30
C VAL F 7 -31.75 -17.05 -21.12
N GLU F 8 -31.36 -16.39 -22.21
CA GLU F 8 -31.17 -14.94 -22.25
C GLU F 8 -32.38 -14.29 -22.88
N SER F 9 -32.66 -13.05 -22.48
CA SER F 9 -33.79 -12.30 -23.02
C SER F 9 -33.59 -10.82 -22.74
N GLY F 10 -34.40 -10.00 -23.40
CA GLY F 10 -34.39 -8.56 -23.22
C GLY F 10 -33.72 -7.77 -24.33
N GLY F 11 -33.12 -8.42 -25.32
CA GLY F 11 -32.46 -7.70 -26.38
C GLY F 11 -33.46 -7.01 -27.29
N GLY F 12 -32.94 -6.17 -28.16
CA GLY F 12 -33.78 -5.51 -29.14
C GLY F 12 -33.02 -4.42 -29.86
N LEU F 13 -33.78 -3.62 -30.60
CA LEU F 13 -33.22 -2.51 -31.38
C LEU F 13 -33.53 -1.20 -30.66
N VAL F 14 -32.48 -0.39 -30.44
CA VAL F 14 -32.58 0.88 -29.73
C VAL F 14 -31.62 1.86 -30.39
N GLN F 15 -31.84 3.14 -30.18
CA GLN F 15 -30.99 4.11 -30.81
C GLN F 15 -29.77 4.40 -29.96
N ALA F 16 -28.73 4.91 -30.57
CA ALA F 16 -27.50 5.22 -29.87
C ALA F 16 -27.76 6.21 -28.73
N GLY F 17 -27.11 5.97 -27.60
CA GLY F 17 -27.38 6.75 -26.41
C GLY F 17 -28.47 6.16 -25.53
N GLY F 18 -29.21 5.19 -26.03
CA GLY F 18 -30.27 4.55 -25.27
C GLY F 18 -29.76 3.52 -24.28
N SER F 19 -30.71 2.75 -23.73
CA SER F 19 -30.38 1.79 -22.70
C SER F 19 -31.29 0.57 -22.83
N LEU F 20 -30.79 -0.57 -22.35
CA LEU F 20 -31.49 -1.83 -22.36
C LEU F 20 -31.12 -2.62 -21.12
N ARG F 21 -31.92 -3.59 -20.76
CA ARG F 21 -31.61 -4.48 -19.67
C ARG F 21 -31.87 -5.90 -20.06
N LEU F 22 -30.83 -6.71 -20.01
CA LEU F 22 -30.89 -8.11 -20.35
C LEU F 22 -31.07 -8.95 -19.09
N THR F 23 -31.77 -10.08 -19.26
CA THR F 23 -32.03 -11.02 -18.19
C THR F 23 -31.42 -12.37 -18.55
N CYS F 24 -30.80 -13.00 -17.58
CA CYS F 24 -30.28 -14.35 -17.71
C CYS F 24 -30.99 -15.22 -16.69
N ALA F 25 -31.61 -16.31 -17.15
CA ALA F 25 -32.31 -17.23 -16.26
C ALA F 25 -31.98 -18.66 -16.66
N ALA F 26 -32.27 -19.59 -15.76
CA ALA F 26 -32.07 -21.03 -15.98
C ALA F 26 -33.42 -21.69 -16.17
N SER F 27 -33.65 -22.30 -17.32
CA SER F 27 -34.88 -23.06 -17.55
C SER F 27 -34.81 -24.46 -16.94
N ALA F 28 -33.61 -24.99 -16.77
CA ALA F 28 -33.39 -26.22 -16.02
C ALA F 28 -32.12 -26.05 -15.21
N GLY F 29 -32.10 -26.66 -14.05
CA GLY F 29 -30.97 -26.46 -13.15
C GLY F 29 -30.97 -25.06 -12.54
N SER F 30 -29.85 -24.74 -11.89
CA SER F 30 -29.71 -23.48 -11.18
C SER F 30 -28.25 -23.06 -11.19
N PHE F 31 -28.01 -21.78 -11.44
CA PHE F 31 -26.65 -21.25 -11.30
C PHE F 31 -26.48 -20.42 -10.02
N ARG F 32 -27.39 -20.62 -9.05
CA ARG F 32 -27.25 -19.97 -7.74
C ARG F 32 -25.88 -20.21 -7.12
N GLY F 33 -25.31 -21.39 -7.35
CA GLY F 33 -24.06 -21.74 -6.71
C GLY F 33 -22.80 -21.28 -7.45
N TYR F 34 -22.91 -20.46 -8.49
CA TYR F 34 -21.77 -20.19 -9.36
C TYR F 34 -21.68 -18.72 -9.70
N ALA F 35 -20.46 -18.27 -9.98
CA ALA F 35 -20.28 -16.96 -10.58
C ALA F 35 -20.94 -16.95 -11.95
N MET F 36 -21.41 -15.78 -12.35
CA MET F 36 -22.12 -15.63 -13.61
C MET F 36 -21.55 -14.46 -14.38
N GLY F 37 -21.54 -14.58 -15.71
CA GLY F 37 -20.94 -13.59 -16.54
C GLY F 37 -21.75 -13.39 -17.81
N TRP F 38 -21.55 -12.23 -18.41
CA TRP F 38 -22.13 -11.89 -19.70
C TRP F 38 -21.03 -11.87 -20.74
N PHE F 39 -21.36 -12.39 -21.93
CA PHE F 39 -20.49 -12.47 -23.09
C PHE F 39 -21.25 -11.91 -24.29
N ARG F 40 -20.50 -11.50 -25.32
CA ARG F 40 -21.13 -11.02 -26.53
C ARG F 40 -20.31 -11.46 -27.73
N GLN F 41 -20.98 -11.58 -28.87
CA GLN F 41 -20.33 -11.98 -30.11
C GLN F 41 -20.88 -11.11 -31.21
N ALA F 42 -19.99 -10.37 -31.85
CA ALA F 42 -20.32 -9.57 -33.00
C ALA F 42 -20.27 -10.43 -34.25
N PRO F 43 -21.01 -10.07 -35.30
CA PRO F 43 -21.03 -10.91 -36.51
C PRO F 43 -19.63 -11.02 -37.10
N GLY F 44 -19.24 -12.25 -37.41
CA GLY F 44 -17.92 -12.54 -37.89
C GLY F 44 -16.89 -12.77 -36.81
N LYS F 45 -17.05 -12.15 -35.64
CA LYS F 45 -16.00 -12.16 -34.62
C LYS F 45 -16.20 -13.24 -33.56
N GLU F 46 -15.16 -13.36 -32.72
CA GLU F 46 -15.19 -14.33 -31.63
C GLU F 46 -15.97 -13.76 -30.44
N ARG F 47 -16.49 -14.70 -29.64
CA ARG F 47 -17.21 -14.32 -28.44
C ARG F 47 -16.24 -13.85 -27.36
N GLU F 48 -16.62 -12.77 -26.65
CA GLU F 48 -15.73 -12.12 -25.69
C GLU F 48 -16.46 -11.79 -24.39
N PHE F 49 -15.69 -11.81 -23.31
CA PHE F 49 -16.21 -11.47 -21.98
C PHE F 49 -16.68 -10.02 -21.91
N VAL F 50 -17.81 -9.79 -21.22
CA VAL F 50 -18.38 -8.46 -21.04
C VAL F 50 -18.37 -8.04 -19.56
N ALA F 51 -18.86 -8.91 -18.68
CA ALA F 51 -19.02 -8.57 -17.25
C ALA F 51 -19.20 -9.85 -16.46
N ALA F 52 -18.84 -9.82 -15.16
CA ALA F 52 -19.03 -10.99 -14.31
C ALA F 52 -19.40 -10.58 -12.88
N VAL F 53 -20.16 -11.44 -12.20
CA VAL F 53 -20.48 -11.22 -10.80
C VAL F 53 -20.30 -12.52 -10.03
N SER F 54 -19.67 -12.44 -8.87
CA SER F 54 -19.39 -13.62 -8.07
C SER F 54 -20.65 -14.10 -7.36
N VAL F 55 -20.54 -15.24 -6.67
CA VAL F 55 -21.55 -15.59 -5.66
C VAL F 55 -21.38 -14.68 -4.44
N LEU F 56 -22.41 -14.61 -3.60
CA LEU F 56 -22.35 -13.88 -2.34
C LEU F 56 -21.73 -14.80 -1.29
N THR F 57 -20.62 -14.34 -0.67
CA THR F 57 -20.04 -15.02 0.49
C THR F 57 -20.26 -14.14 1.72
N TRP F 58 -19.86 -14.67 2.89
CA TRP F 58 -20.01 -13.91 4.14
C TRP F 58 -19.23 -12.60 4.07
N SER F 59 -18.13 -12.59 3.33
CA SER F 59 -17.29 -11.43 3.11
C SER F 59 -17.82 -10.46 2.08
N GLY F 60 -18.89 -10.78 1.35
CA GLY F 60 -19.41 -9.91 0.31
C GLY F 60 -19.35 -10.58 -1.05
N ASP F 61 -19.27 -9.77 -2.10
CA ASP F 61 -19.19 -10.29 -3.45
C ASP F 61 -18.18 -9.46 -4.23
N SER F 62 -18.05 -9.78 -5.52
CA SER F 62 -17.15 -9.01 -6.36
C SER F 62 -17.67 -9.02 -7.78
N THR F 63 -17.35 -7.96 -8.52
CA THR F 63 -17.74 -7.84 -9.91
C THR F 63 -16.52 -7.45 -10.71
N ASN F 64 -16.57 -7.74 -11.99
CA ASN F 64 -15.60 -7.24 -12.95
C ASN F 64 -16.34 -6.92 -14.22
N ILE F 65 -16.08 -5.74 -14.78
CA ILE F 65 -16.72 -5.27 -16.01
C ILE F 65 -15.61 -5.00 -17.02
N ALA F 66 -15.77 -5.55 -18.22
CA ALA F 66 -14.79 -5.33 -19.28
C ALA F 66 -14.62 -3.85 -19.56
N ASP F 67 -13.37 -3.43 -19.79
CA ASP F 67 -13.10 -2.02 -19.99
C ASP F 67 -13.88 -1.44 -21.18
N SER F 68 -14.20 -2.28 -22.17
CA SER F 68 -14.95 -1.80 -23.34
C SER F 68 -16.33 -1.28 -22.98
N VAL F 69 -16.89 -1.68 -21.84
CA VAL F 69 -18.19 -1.19 -21.40
C VAL F 69 -18.15 -0.54 -20.04
N LYS F 70 -16.96 -0.41 -19.44
CA LYS F 70 -16.86 0.17 -18.10
C LYS F 70 -17.38 1.59 -18.12
N GLY F 71 -18.21 1.92 -17.12
CA GLY F 71 -18.83 3.22 -17.08
C GLY F 71 -20.16 3.29 -17.81
N ARG F 72 -20.54 2.23 -18.51
CA ARG F 72 -21.80 2.21 -19.26
C ARG F 72 -22.69 1.02 -18.90
N PHE F 73 -22.12 -0.17 -18.75
CA PHE F 73 -22.86 -1.37 -18.41
C PHE F 73 -22.59 -1.73 -16.95
N THR F 74 -23.57 -2.33 -16.31
CA THR F 74 -23.38 -2.85 -14.99
C THR F 74 -24.06 -4.21 -14.92
N ILE F 75 -23.59 -5.07 -14.03
CA ILE F 75 -24.13 -6.41 -13.86
C ILE F 75 -24.57 -6.56 -12.42
N PHE F 76 -25.67 -7.29 -12.21
CA PHE F 76 -26.11 -7.53 -10.84
C PHE F 76 -26.97 -8.78 -10.83
N ARG F 77 -27.18 -9.34 -9.63
CA ARG F 77 -27.90 -10.59 -9.47
C ARG F 77 -29.12 -10.37 -8.60
N ASP F 78 -30.11 -11.24 -8.78
CA ASP F 78 -31.26 -11.31 -7.87
C ASP F 78 -31.21 -12.70 -7.23
N THR F 79 -30.92 -12.76 -5.92
CA THR F 79 -30.80 -14.04 -5.24
C THR F 79 -32.16 -14.57 -4.75
N ALA F 80 -33.25 -13.84 -4.98
CA ALA F 80 -34.57 -14.41 -4.71
C ALA F 80 -35.10 -15.11 -5.97
N LYS F 81 -34.80 -14.56 -7.14
CA LYS F 81 -35.16 -15.17 -8.40
C LYS F 81 -34.08 -16.10 -8.97
N ASN F 82 -32.83 -16.00 -8.49
CA ASN F 82 -31.69 -16.71 -9.08
C ASN F 82 -31.55 -16.35 -10.56
N THR F 83 -31.49 -15.05 -10.82
CA THR F 83 -31.33 -14.48 -12.14
C THR F 83 -30.14 -13.53 -12.13
N VAL F 84 -29.69 -13.16 -13.32
CA VAL F 84 -28.57 -12.25 -13.49
C VAL F 84 -28.96 -11.24 -14.56
N TYR F 85 -28.53 -10.00 -14.40
CA TYR F 85 -28.96 -8.93 -15.28
C TYR F 85 -27.74 -8.18 -15.80
N LEU F 86 -27.91 -7.61 -16.99
CA LEU F 86 -26.92 -6.71 -17.53
C LEU F 86 -27.64 -5.42 -17.90
N GLN F 87 -27.37 -4.36 -17.15
CA GLN F 87 -27.94 -3.07 -17.47
C GLN F 87 -27.00 -2.35 -18.39
N MET F 88 -27.45 -2.07 -19.57
CA MET F 88 -26.66 -1.37 -20.57
C MET F 88 -27.11 0.08 -20.78
N ASN F 89 -26.30 1.01 -20.32
CA ASN F 89 -26.57 2.43 -20.54
C ASN F 89 -25.64 2.99 -21.60
N SER F 90 -26.05 4.11 -22.21
CA SER F 90 -25.21 4.82 -23.18
C SER F 90 -24.81 3.90 -24.33
N LEU F 91 -25.80 3.22 -24.91
CA LEU F 91 -25.50 2.23 -25.94
C LEU F 91 -24.90 2.87 -27.19
N LYS F 92 -23.92 2.19 -27.77
CA LYS F 92 -23.22 2.63 -28.97
C LYS F 92 -23.42 1.62 -30.09
N PRO F 93 -23.23 2.03 -31.36
CA PRO F 93 -23.36 1.08 -32.45
C PRO F 93 -22.47 -0.14 -32.31
N GLU F 94 -21.25 0.04 -31.80
CA GLU F 94 -20.33 -1.09 -31.66
C GLU F 94 -20.74 -2.04 -30.55
N ASP F 95 -21.76 -1.73 -29.76
CA ASP F 95 -22.28 -2.71 -28.81
C ASP F 95 -23.21 -3.72 -29.48
N THR F 96 -23.47 -3.57 -30.79
CA THR F 96 -24.35 -4.48 -31.50
C THR F 96 -23.74 -5.88 -31.51
N ALA F 97 -24.51 -6.88 -31.07
CA ALA F 97 -24.00 -8.24 -30.90
C ALA F 97 -25.12 -9.12 -30.37
N VAL F 98 -24.87 -10.43 -30.38
CA VAL F 98 -25.67 -11.39 -29.64
C VAL F 98 -25.01 -11.52 -28.27
N TYR F 99 -25.81 -11.43 -27.21
CA TYR F 99 -25.31 -11.48 -25.84
C TYR F 99 -25.71 -12.80 -25.19
N TYR F 100 -24.76 -13.42 -24.48
CA TYR F 100 -24.94 -14.72 -23.86
C TYR F 100 -24.50 -14.64 -22.40
N CYS F 101 -25.13 -15.47 -21.55
CA CYS F 101 -24.67 -15.63 -20.19
C CYS F 101 -24.16 -17.04 -19.96
N ASN F 102 -23.23 -17.17 -19.02
CA ASN F 102 -22.70 -18.47 -18.65
C ASN F 102 -22.03 -18.34 -17.28
N GLY F 103 -21.67 -19.48 -16.69
CA GLY F 103 -21.20 -19.52 -15.33
C GLY F 103 -19.82 -20.14 -15.18
N ALA F 104 -19.26 -19.98 -13.99
CA ALA F 104 -17.97 -20.55 -13.64
C ALA F 104 -17.85 -20.58 -12.12
N SER F 105 -16.79 -21.23 -11.64
CA SER F 105 -16.60 -21.33 -10.20
C SER F 105 -16.14 -20.01 -9.59
N GLU F 106 -15.61 -19.10 -10.40
CA GLU F 106 -15.16 -17.80 -9.90
C GLU F 106 -15.05 -16.84 -11.07
N ILE F 107 -15.09 -15.54 -10.75
CA ILE F 107 -15.16 -14.55 -11.82
C ILE F 107 -13.87 -14.52 -12.64
N GLY F 108 -12.73 -14.88 -12.05
CA GLY F 108 -11.49 -14.90 -12.82
C GLY F 108 -11.59 -15.82 -14.03
N ALA F 109 -12.23 -16.98 -13.86
CA ALA F 109 -12.42 -17.89 -15.00
C ALA F 109 -13.21 -17.22 -16.11
N LEU F 110 -14.32 -16.54 -15.77
CA LEU F 110 -15.10 -15.84 -16.78
C LEU F 110 -14.26 -14.77 -17.47
N GLN F 111 -13.47 -14.01 -16.70
CA GLN F 111 -12.57 -13.01 -17.26
C GLN F 111 -11.61 -13.63 -18.25
N SER F 112 -11.24 -14.89 -18.05
CA SER F 112 -10.34 -15.55 -18.98
C SER F 112 -11.07 -16.29 -20.08
N GLY F 113 -12.36 -16.05 -20.25
CA GLY F 113 -13.08 -16.64 -21.36
C GLY F 113 -13.60 -18.05 -21.12
N ALA F 114 -13.40 -18.61 -19.95
CA ALA F 114 -13.87 -19.94 -19.62
C ALA F 114 -15.26 -19.98 -19.02
N SER F 115 -15.99 -21.07 -19.23
CA SER F 115 -17.34 -21.19 -18.71
C SER F 115 -17.72 -22.66 -18.60
N LEU F 116 -18.81 -22.92 -17.87
CA LEU F 116 -19.18 -24.27 -17.48
C LEU F 116 -20.20 -24.95 -18.38
N TRP F 117 -21.15 -24.24 -18.98
CA TRP F 117 -22.31 -24.90 -19.58
C TRP F 117 -22.44 -24.58 -21.06
N SER F 118 -23.25 -25.40 -21.73
CA SER F 118 -23.57 -25.16 -23.13
C SER F 118 -24.17 -23.77 -23.28
N TRP F 119 -23.79 -23.09 -24.35
CA TRP F 119 -24.34 -21.77 -24.59
C TRP F 119 -25.83 -21.86 -24.90
N GLY F 120 -26.57 -20.88 -24.41
CA GLY F 120 -27.97 -20.74 -24.77
C GLY F 120 -28.10 -20.08 -26.12
N GLN F 121 -29.34 -19.74 -26.47
CA GLN F 121 -29.61 -19.14 -27.76
C GLN F 121 -29.11 -17.71 -27.86
N GLY F 122 -28.90 -17.05 -26.73
CA GLY F 122 -28.47 -15.66 -26.71
C GLY F 122 -29.64 -14.73 -27.01
N THR F 123 -29.35 -13.43 -26.92
CA THR F 123 -30.35 -12.41 -27.22
C THR F 123 -29.69 -11.29 -28.02
N GLN F 124 -30.35 -10.92 -29.12
CA GLN F 124 -29.82 -9.96 -30.08
C GLN F 124 -29.98 -8.52 -29.59
N VAL F 125 -28.89 -7.75 -29.61
CA VAL F 125 -28.93 -6.32 -29.34
C VAL F 125 -28.39 -5.58 -30.57
N THR F 126 -29.19 -4.68 -31.12
CA THR F 126 -28.80 -3.88 -32.27
C THR F 126 -28.95 -2.41 -31.91
N VAL F 127 -27.87 -1.66 -32.03
CA VAL F 127 -27.88 -0.22 -31.75
C VAL F 127 -27.70 0.49 -33.08
N SER F 128 -28.75 1.17 -33.53
CA SER F 128 -28.65 2.03 -34.71
C SER F 128 -28.40 3.46 -34.25
N SER F 129 -27.65 4.20 -35.04
CA SER F 129 -27.54 5.64 -34.82
C SER F 129 -28.28 6.40 -35.90
N GLU G 2 -55.90 12.32 10.91
CA GLU G 2 -54.74 13.12 11.29
C GLU G 2 -53.90 12.39 12.33
N GLU G 3 -52.66 12.06 11.94
CA GLU G 3 -51.82 11.23 12.80
C GLU G 3 -50.97 12.01 13.79
N PHE G 4 -50.63 13.26 13.54
CA PHE G 4 -49.77 14.00 14.46
C PHE G 4 -50.33 15.40 14.64
N PRO G 5 -50.13 16.01 15.82
CA PRO G 5 -50.65 17.36 16.06
C PRO G 5 -49.95 18.39 15.18
N VAL G 6 -50.73 19.30 14.62
CA VAL G 6 -50.17 20.31 13.72
C VAL G 6 -49.89 21.58 14.51
N PRO G 7 -48.69 22.15 14.42
CA PRO G 7 -48.39 23.36 15.20
C PRO G 7 -49.21 24.54 14.73
N ASN G 8 -49.51 25.42 15.69
CA ASN G 8 -50.27 26.64 15.43
C ASN G 8 -49.66 27.44 14.28
N GLY G 9 -50.54 27.89 13.38
CA GLY G 9 -50.15 28.60 12.19
C GLY G 9 -49.92 27.74 10.96
N PHE G 10 -50.02 26.42 11.08
CA PHE G 10 -49.77 25.51 9.98
C PHE G 10 -51.05 24.79 9.58
N GLU G 11 -51.15 24.45 8.29
CA GLU G 11 -52.25 23.65 7.80
C GLU G 11 -51.73 22.30 7.34
N SER G 12 -52.53 21.27 7.62
CA SER G 12 -52.32 19.94 7.06
C SER G 12 -53.17 19.81 5.79
N ALA G 13 -52.55 19.42 4.69
CA ALA G 13 -53.22 19.41 3.40
C ALA G 13 -52.68 18.28 2.53
N TYR G 14 -53.32 18.11 1.37
CA TYR G 14 -53.00 17.06 0.42
C TYR G 14 -52.91 17.62 -0.99
N ARG G 15 -52.08 16.98 -1.80
CA ARG G 15 -52.05 17.33 -3.20
C ARG G 15 -51.69 16.09 -4.02
N GLU G 16 -52.41 15.90 -5.12
CA GLU G 16 -52.16 14.78 -6.02
C GLU G 16 -51.00 15.14 -6.93
N VAL G 17 -49.98 14.29 -6.95
CA VAL G 17 -48.81 14.45 -7.82
C VAL G 17 -48.64 13.15 -8.59
N ASP G 18 -48.71 13.23 -9.93
CA ASP G 18 -48.56 12.07 -10.81
C ASP G 18 -49.38 10.87 -10.34
N GLY G 19 -50.57 11.12 -9.84
CA GLY G 19 -51.44 10.06 -9.41
C GLY G 19 -51.29 9.65 -7.97
N VAL G 20 -50.34 10.23 -7.24
CA VAL G 20 -50.11 9.87 -5.84
C VAL G 20 -50.54 11.05 -4.97
N LYS G 21 -51.36 10.79 -3.98
CA LYS G 21 -51.84 11.79 -3.09
C LYS G 21 -50.90 12.00 -1.94
N LEU G 22 -50.17 13.09 -1.97
CA LEU G 22 -49.17 13.35 -0.95
C LEU G 22 -49.75 14.21 0.17
N HIS G 23 -49.45 13.84 1.40
CA HIS G 23 -49.80 14.65 2.55
C HIS G 23 -48.65 15.59 2.90
N TYR G 24 -48.98 16.81 3.33
CA TYR G 24 -47.94 17.72 3.77
C TYR G 24 -48.51 18.70 4.80
N VAL G 25 -47.60 19.34 5.53
CA VAL G 25 -47.91 20.39 6.48
C VAL G 25 -47.15 21.64 6.04
N LYS G 26 -47.85 22.77 6.01
CA LYS G 26 -47.33 23.96 5.38
C LYS G 26 -47.62 25.18 6.24
N GLY G 27 -46.68 26.13 6.23
CA GLY G 27 -46.83 27.36 6.98
C GLY G 27 -45.78 28.38 6.54
N GLY G 28 -45.91 29.59 7.09
CA GLY G 28 -44.96 30.64 6.84
C GLY G 28 -45.23 31.43 5.57
N GLN G 29 -44.32 32.37 5.33
CA GLN G 29 -44.39 33.26 4.18
C GLN G 29 -42.96 33.53 3.70
N GLY G 30 -42.82 33.71 2.39
CA GLY G 30 -41.51 33.96 1.81
C GLY G 30 -41.07 32.83 0.90
N PRO G 31 -39.77 32.81 0.57
CA PRO G 31 -39.25 31.72 -0.25
C PRO G 31 -39.48 30.37 0.42
N LEU G 32 -39.56 29.34 -0.40
CA LEU G 32 -39.92 28.00 0.06
C LEU G 32 -38.70 27.24 0.57
N VAL G 33 -38.90 26.54 1.69
CA VAL G 33 -37.98 25.54 2.20
C VAL G 33 -38.78 24.24 2.35
N MET G 34 -38.30 23.15 1.73
CA MET G 34 -38.94 21.85 1.87
C MET G 34 -38.13 20.95 2.80
N LEU G 35 -38.82 20.34 3.77
CA LEU G 35 -38.20 19.46 4.78
C LEU G 35 -38.70 18.04 4.58
N VAL G 36 -37.78 17.10 4.36
CA VAL G 36 -38.13 15.73 3.99
C VAL G 36 -37.61 14.76 5.04
N HIS G 37 -38.53 14.07 5.71
CA HIS G 37 -38.22 13.19 6.82
C HIS G 37 -37.61 11.86 6.33
N GLY G 38 -37.24 11.02 7.31
CA GLY G 38 -36.63 9.72 7.03
C GLY G 38 -37.35 8.51 7.63
N PHE G 39 -36.67 7.36 7.64
CA PHE G 39 -37.32 6.14 8.09
C PHE G 39 -37.58 6.15 9.60
N GLY G 40 -38.74 5.61 9.98
CA GLY G 40 -39.14 5.59 11.36
C GLY G 40 -39.92 6.80 11.80
N GLN G 41 -40.05 7.82 10.95
CA GLN G 41 -40.69 9.07 11.33
C GLN G 41 -41.59 9.54 10.20
N THR G 42 -42.15 10.74 10.37
CA THR G 42 -43.04 11.39 9.40
C THR G 42 -42.65 12.85 9.36
N TRP G 43 -43.48 13.67 8.70
CA TRP G 43 -43.27 15.12 8.71
C TRP G 43 -43.04 15.63 10.13
N TYR G 44 -43.64 14.97 11.13
CA TYR G 44 -43.69 15.50 12.48
C TYR G 44 -42.31 15.69 13.11
N GLU G 45 -41.31 14.94 12.65
CA GLU G 45 -39.99 15.13 13.22
C GLU G 45 -39.50 16.56 13.06
N TRP G 46 -40.10 17.32 12.12
CA TRP G 46 -39.76 18.71 11.85
C TRP G 46 -40.58 19.73 12.66
N HIS G 47 -41.48 19.28 13.54
CA HIS G 47 -42.46 20.19 14.12
C HIS G 47 -41.85 21.24 15.04
N GLN G 48 -40.63 21.02 15.53
CA GLN G 48 -39.96 22.04 16.32
C GLN G 48 -39.21 23.04 15.44
N LEU G 49 -38.74 22.58 14.29
CA LEU G 49 -37.99 23.47 13.40
C LEU G 49 -38.93 24.36 12.60
N MET G 50 -40.06 23.81 12.19
CA MET G 50 -40.98 24.50 11.28
C MET G 50 -41.41 25.87 11.80
N PRO G 51 -41.90 26.02 13.03
CA PRO G 51 -42.33 27.35 13.49
C PRO G 51 -41.21 28.38 13.43
N GLU G 52 -39.96 27.97 13.62
CA GLU G 52 -38.87 28.91 13.56
C GLU G 52 -38.59 29.34 12.13
N LEU G 53 -38.47 28.38 11.22
CA LEU G 53 -38.22 28.69 9.82
C LEU G 53 -39.35 29.51 9.21
N ALA G 54 -40.59 29.27 9.66
CA ALA G 54 -41.75 29.93 9.07
C ALA G 54 -41.79 31.42 9.34
N LYS G 55 -40.91 31.95 10.18
CA LYS G 55 -40.86 33.38 10.42
C LYS G 55 -40.26 34.14 9.23
N ARG G 56 -39.48 33.46 8.38
CA ARG G 56 -38.84 34.08 7.22
C ARG G 56 -39.09 33.33 5.93
N PHE G 57 -39.61 32.10 5.99
CA PHE G 57 -39.75 31.24 4.82
C PHE G 57 -41.14 30.64 4.79
N THR G 58 -41.55 30.23 3.58
CA THR G 58 -42.67 29.33 3.39
C THR G 58 -42.13 27.91 3.57
N VAL G 59 -42.73 27.16 4.50
CA VAL G 59 -42.21 25.85 4.88
C VAL G 59 -43.24 24.78 4.54
N ILE G 60 -42.78 23.73 3.83
CA ILE G 60 -43.58 22.56 3.51
C ILE G 60 -42.84 21.31 3.94
N ALA G 61 -43.53 20.42 4.65
CA ALA G 61 -42.94 19.16 5.11
C ALA G 61 -43.86 18.02 4.68
N PRO G 62 -43.57 17.36 3.57
CA PRO G 62 -44.40 16.25 3.12
C PRO G 62 -44.07 14.96 3.86
N ASP G 63 -45.04 14.05 3.84
CA ASP G 63 -44.81 12.64 4.19
C ASP G 63 -44.34 11.91 2.93
N LEU G 64 -43.27 11.13 3.07
CA LEU G 64 -42.78 10.33 1.95
C LEU G 64 -43.87 9.39 1.47
N PRO G 65 -43.91 9.10 0.16
CA PRO G 65 -44.92 8.19 -0.39
C PRO G 65 -44.98 6.88 0.36
N GLY G 66 -46.20 6.49 0.76
CA GLY G 66 -46.42 5.31 1.55
C GLY G 66 -46.28 5.52 3.04
N LEU G 67 -45.58 6.56 3.46
CA LEU G 67 -45.38 6.83 4.88
C LEU G 67 -46.29 7.96 5.34
N GLY G 68 -46.46 8.07 6.65
CA GLY G 68 -47.34 9.06 7.22
C GLY G 68 -48.70 8.95 6.58
N GLN G 69 -49.20 10.05 6.03
CA GLN G 69 -50.52 10.09 5.42
C GLN G 69 -50.45 10.19 3.90
N SER G 70 -49.28 9.91 3.31
CA SER G 70 -49.12 9.92 1.87
C SER G 70 -49.35 8.53 1.28
N GLU G 71 -49.99 8.50 0.12
CA GLU G 71 -50.22 7.26 -0.61
C GLU G 71 -48.89 6.70 -1.11
N PRO G 72 -48.80 5.37 -1.26
CA PRO G 72 -47.59 4.79 -1.81
C PRO G 72 -47.33 5.29 -3.23
N PRO G 73 -46.09 5.26 -3.68
CA PRO G 73 -45.79 5.67 -5.05
C PRO G 73 -46.40 4.68 -6.04
N LYS G 74 -46.63 5.14 -7.23
CA LYS G 74 -47.16 4.28 -8.24
C LYS G 74 -46.08 3.69 -9.11
N THR G 75 -45.00 4.40 -9.31
CA THR G 75 -43.90 3.91 -10.14
C THR G 75 -43.04 2.90 -9.37
N GLY G 76 -42.38 3.36 -8.31
CA GLY G 76 -41.55 2.47 -7.53
C GLY G 76 -40.89 3.27 -6.43
N TYR G 77 -40.05 2.57 -5.66
CA TYR G 77 -39.46 3.13 -4.45
C TYR G 77 -38.02 3.52 -4.63
N SER G 78 -37.48 3.41 -5.84
CA SER G 78 -36.12 3.85 -6.05
C SER G 78 -36.05 5.38 -5.91
N GLY G 79 -34.85 5.86 -5.57
CA GLY G 79 -34.66 7.29 -5.35
C GLY G 79 -35.07 8.12 -6.56
N GLU G 80 -34.72 7.69 -7.76
CA GLU G 80 -35.11 8.49 -8.94
C GLU G 80 -36.63 8.50 -9.14
N GLN G 81 -37.32 7.40 -8.81
CA GLN G 81 -38.77 7.39 -8.97
C GLN G 81 -39.45 8.26 -7.93
N VAL G 82 -39.06 8.13 -6.66
CA VAL G 82 -39.72 8.90 -5.61
C VAL G 82 -39.40 10.39 -5.75
N ALA G 83 -38.19 10.71 -6.20
CA ALA G 83 -37.76 12.11 -6.32
C ALA G 83 -38.68 12.89 -7.25
N VAL G 84 -39.29 12.23 -8.23
CA VAL G 84 -40.21 12.91 -9.15
C VAL G 84 -41.35 13.55 -8.36
N TYR G 85 -41.95 12.77 -7.46
CA TYR G 85 -43.10 13.28 -6.69
C TYR G 85 -42.72 14.50 -5.88
N LEU G 86 -41.57 14.43 -5.21
CA LEU G 86 -41.18 15.52 -4.31
C LEU G 86 -40.79 16.75 -5.11
N HIS G 87 -40.16 16.55 -6.28
CA HIS G 87 -39.80 17.67 -7.12
C HIS G 87 -41.04 18.41 -7.60
N LYS G 88 -42.03 17.64 -8.09
CA LYS G 88 -43.26 18.23 -8.61
C LYS G 88 -44.06 18.89 -7.49
N LEU G 89 -44.03 18.33 -6.28
CA LEU G 89 -44.72 18.97 -5.17
C LEU G 89 -44.10 20.34 -4.88
N ALA G 90 -42.78 20.38 -4.73
CA ALA G 90 -42.10 21.64 -4.47
C ALA G 90 -42.33 22.63 -5.61
N ARG G 91 -42.32 22.15 -6.85
CA ARG G 91 -42.46 23.01 -8.01
C ARG G 91 -43.84 23.66 -8.07
N GLN G 92 -44.85 23.04 -7.47
CA GLN G 92 -46.17 23.64 -7.46
C GLN G 92 -46.23 24.86 -6.55
N PHE G 93 -45.44 24.87 -5.48
CA PHE G 93 -45.44 25.97 -4.53
C PHE G 93 -44.34 26.98 -4.80
N SER G 94 -43.36 26.64 -5.64
CA SER G 94 -42.30 27.58 -6.01
C SER G 94 -41.98 27.41 -7.49
N PRO G 95 -42.95 27.71 -8.36
CA PRO G 95 -42.73 27.45 -9.79
C PRO G 95 -41.77 28.42 -10.46
N ASP G 96 -41.47 29.57 -9.87
CA ASP G 96 -40.70 30.60 -10.56
C ASP G 96 -39.42 30.97 -9.87
N ARG G 97 -39.17 30.37 -8.71
CA ARG G 97 -38.06 30.76 -7.90
C ARG G 97 -37.50 29.46 -7.38
N PRO G 98 -36.21 29.41 -7.13
CA PRO G 98 -35.60 28.21 -6.56
C PRO G 98 -36.02 28.08 -5.10
N PHE G 99 -35.94 26.86 -4.60
CA PHE G 99 -36.30 26.59 -3.22
C PHE G 99 -35.16 25.90 -2.49
N ASP G 100 -35.20 25.98 -1.16
CA ASP G 100 -34.23 25.30 -0.31
C ASP G 100 -34.75 23.92 0.05
N LEU G 101 -33.83 22.99 0.30
CA LEU G 101 -34.19 21.63 0.63
C LEU G 101 -33.40 21.15 1.84
N VAL G 102 -34.12 20.61 2.82
CA VAL G 102 -33.53 19.97 4.00
C VAL G 102 -34.06 18.55 4.06
N ALA G 103 -33.17 17.56 4.17
CA ALA G 103 -33.62 16.17 4.16
C ALA G 103 -32.84 15.36 5.19
N HIS G 104 -33.53 14.39 5.79
CA HIS G 104 -33.00 13.55 6.85
C HIS G 104 -33.13 12.10 6.45
N ASP G 105 -32.05 11.34 6.65
CA ASP G 105 -32.07 9.87 6.50
C ASP G 105 -32.51 9.53 5.08
N ILE G 106 -33.48 8.63 4.88
CA ILE G 106 -33.86 8.27 3.52
C ILE G 106 -34.49 9.43 2.76
N GLY G 107 -34.79 10.55 3.44
CA GLY G 107 -35.11 11.76 2.69
C GLY G 107 -33.99 12.14 1.75
N ILE G 108 -32.75 11.83 2.11
CA ILE G 108 -31.62 12.06 1.21
C ILE G 108 -31.74 11.17 -0.02
N TRP G 109 -32.00 9.87 0.20
CA TRP G 109 -32.10 8.93 -0.92
C TRP G 109 -33.13 9.41 -1.94
N ASN G 110 -34.26 9.93 -1.45
CA ASN G 110 -35.42 10.24 -2.25
C ASN G 110 -35.40 11.67 -2.79
N THR G 111 -34.34 12.43 -2.52
CA THR G 111 -34.23 13.78 -3.10
C THR G 111 -32.99 13.97 -3.93
N TYR G 112 -31.90 13.24 -3.67
CA TYR G 112 -30.67 13.46 -4.41
C TYR G 112 -30.86 13.44 -5.92
N PRO G 113 -31.61 12.50 -6.53
CA PRO G 113 -31.76 12.56 -7.99
C PRO G 113 -32.42 13.85 -8.48
N MET G 114 -33.36 14.37 -7.76
CA MET G 114 -34.00 15.62 -8.13
C MET G 114 -32.99 16.75 -8.14
N VAL G 115 -32.20 16.82 -7.09
CA VAL G 115 -31.26 17.92 -6.91
C VAL G 115 -30.24 17.93 -8.04
N VAL G 116 -29.59 16.78 -8.29
CA VAL G 116 -28.49 16.78 -9.26
C VAL G 116 -29.00 17.02 -10.67
N LYS G 117 -30.23 16.60 -10.96
CA LYS G 117 -30.81 16.76 -12.29
C LYS G 117 -31.48 18.11 -12.49
N ASN G 118 -31.76 18.84 -11.42
CA ASN G 118 -32.50 20.11 -11.47
C ASN G 118 -31.84 21.14 -10.58
N GLN G 119 -30.54 21.33 -10.76
CA GLN G 119 -29.78 22.17 -9.84
C GLN G 119 -30.28 23.61 -9.82
N ALA G 120 -30.77 24.12 -10.95
CA ALA G 120 -31.25 25.49 -10.97
C ALA G 120 -32.46 25.69 -10.07
N ASP G 121 -33.20 24.63 -9.76
CA ASP G 121 -34.37 24.72 -8.89
C ASP G 121 -34.02 24.72 -7.41
N ILE G 122 -32.79 24.38 -7.04
CA ILE G 122 -32.41 24.24 -5.64
C ILE G 122 -31.51 25.41 -5.29
N ALA G 123 -31.92 26.21 -4.31
CA ALA G 123 -31.10 27.33 -3.90
C ALA G 123 -30.00 26.88 -2.93
N ARG G 124 -30.40 26.29 -1.80
CA ARG G 124 -29.45 25.74 -0.85
C ARG G 124 -29.94 24.39 -0.36
N LEU G 125 -29.01 23.55 0.06
CA LEU G 125 -29.29 22.15 0.39
C LEU G 125 -28.67 21.80 1.73
N VAL G 126 -29.45 21.14 2.58
CA VAL G 126 -28.98 20.63 3.86
C VAL G 126 -29.29 19.13 3.88
N TYR G 127 -28.25 18.32 4.06
CA TYR G 127 -28.38 16.87 4.15
C TYR G 127 -27.92 16.41 5.52
N MET G 128 -28.71 15.56 6.18
CA MET G 128 -28.30 15.12 7.50
C MET G 128 -28.57 13.63 7.69
N GLU G 129 -27.57 12.96 8.25
CA GLU G 129 -27.70 11.63 8.85
C GLU G 129 -28.27 10.58 7.88
N ALA G 130 -27.53 10.34 6.81
CA ALA G 130 -27.64 9.17 5.95
C ALA G 130 -26.64 9.26 4.84
N PRO G 131 -26.17 8.15 4.31
CA PRO G 131 -25.35 8.20 3.10
C PRO G 131 -26.20 8.45 1.87
N ILE G 132 -25.63 9.16 0.91
CA ILE G 132 -26.22 9.05 -0.42
C ILE G 132 -26.02 7.62 -0.91
N PRO G 133 -27.05 6.97 -1.47
CA PRO G 133 -26.85 5.57 -1.93
C PRO G 133 -25.72 5.48 -2.95
N ASP G 134 -24.62 4.84 -2.56
CA ASP G 134 -23.56 4.47 -3.48
C ASP G 134 -22.79 3.31 -2.86
N ALA G 135 -21.72 2.87 -3.54
CA ALA G 135 -21.04 1.64 -3.14
C ALA G 135 -20.42 1.75 -1.76
N ARG G 136 -20.29 2.95 -1.20
CA ARG G 136 -19.76 3.04 0.15
C ARG G 136 -20.65 2.29 1.14
N ILE G 137 -21.96 2.22 0.90
CA ILE G 137 -22.83 1.59 1.88
C ILE G 137 -22.58 0.08 1.99
N TYR G 138 -21.94 -0.53 1.00
CA TYR G 138 -21.58 -1.95 1.09
C TYR G 138 -20.39 -2.18 2.02
N ARG G 139 -19.83 -1.14 2.59
CA ARG G 139 -18.71 -1.30 3.48
C ARG G 139 -19.06 -1.27 4.96
N PHE G 140 -20.21 -0.72 5.34
CA PHE G 140 -20.61 -0.65 6.74
C PHE G 140 -20.61 -2.07 7.33
N PRO G 141 -20.10 -2.25 8.55
CA PRO G 141 -19.98 -3.61 9.13
C PRO G 141 -21.31 -4.17 9.60
N ALA G 142 -21.49 -5.47 9.39
CA ALA G 142 -22.69 -6.14 9.89
C ALA G 142 -22.70 -6.26 11.41
N PHE G 143 -21.53 -6.44 12.01
CA PHE G 143 -21.43 -6.70 13.44
C PHE G 143 -20.21 -5.97 13.97
N THR G 144 -20.29 -5.53 15.23
CA THR G 144 -19.25 -4.66 15.77
C THR G 144 -18.81 -5.17 17.13
N ALA G 145 -17.68 -4.61 17.57
CA ALA G 145 -17.14 -4.86 18.90
C ALA G 145 -18.02 -4.30 20.00
N GLN G 146 -19.02 -3.47 19.68
CA GLN G 146 -19.99 -3.00 20.66
C GLN G 146 -21.31 -3.75 20.56
N GLY G 147 -21.34 -4.84 19.79
CA GLY G 147 -22.53 -5.65 19.60
C GLY G 147 -23.27 -5.24 18.35
N GLU G 148 -24.60 -5.19 18.44
CA GLU G 148 -25.51 -4.81 17.36
C GLU G 148 -25.02 -3.58 16.62
N SER G 149 -24.87 -3.71 15.29
CA SER G 149 -24.49 -2.60 14.44
C SER G 149 -25.67 -1.68 14.16
N LEU G 150 -25.37 -0.57 13.52
CA LEU G 150 -26.39 0.40 13.19
C LEU G 150 -26.98 0.18 11.80
N VAL G 151 -26.47 -0.77 11.04
CA VAL G 151 -26.88 -0.92 9.65
C VAL G 151 -27.47 -2.29 9.30
N TRP G 152 -27.37 -3.23 10.20
CA TRP G 152 -27.91 -4.56 9.89
C TRP G 152 -29.36 -4.53 9.38
N HIS G 153 -30.14 -3.53 9.76
CA HIS G 153 -31.52 -3.45 9.29
C HIS G 153 -31.62 -3.27 7.78
N PHE G 154 -30.58 -2.72 7.14
CA PHE G 154 -30.60 -2.65 5.68
C PHE G 154 -30.93 -4.02 5.09
N SER G 155 -30.22 -5.06 5.54
CA SER G 155 -30.44 -6.40 4.99
C SER G 155 -31.73 -7.01 5.49
N PHE G 156 -32.05 -6.80 6.77
CA PHE G 156 -33.32 -7.26 7.33
C PHE G 156 -34.47 -6.77 6.48
N PHE G 157 -34.51 -5.46 6.21
CA PHE G 157 -35.62 -4.88 5.45
C PHE G 157 -35.58 -5.29 3.98
N ALA G 158 -34.39 -5.47 3.41
CA ALA G 158 -34.28 -5.84 2.01
C ALA G 158 -34.53 -7.33 1.76
N ALA G 159 -34.59 -8.17 2.80
CA ALA G 159 -34.77 -9.60 2.59
C ALA G 159 -36.07 -9.90 1.86
N ASP G 160 -36.05 -10.93 1.01
CA ASP G 160 -37.24 -11.35 0.28
C ASP G 160 -38.16 -12.15 1.22
N ASP G 161 -39.22 -12.68 0.64
CA ASP G 161 -40.22 -13.47 1.33
C ASP G 161 -41.03 -12.63 2.31
N ARG G 162 -41.01 -11.33 2.16
CA ARG G 162 -41.59 -10.41 3.13
C ARG G 162 -41.20 -10.73 4.56
N LEU G 163 -39.93 -11.01 4.75
CA LEU G 163 -39.41 -11.36 6.07
C LEU G 163 -39.66 -10.29 7.13
N ALA G 164 -39.38 -9.03 6.80
CA ALA G 164 -39.54 -7.97 7.76
C ALA G 164 -40.98 -7.73 8.18
N GLU G 165 -41.89 -7.66 7.22
CA GLU G 165 -43.30 -7.52 7.47
C GLU G 165 -43.76 -8.67 8.31
N THR G 166 -43.35 -9.86 7.96
CA THR G 166 -43.78 -11.04 8.66
C THR G 166 -43.38 -11.09 10.12
N LEU G 167 -42.12 -10.75 10.39
CA LEU G 167 -41.66 -10.77 11.78
C LEU G 167 -42.16 -9.58 12.58
N ILE G 168 -42.33 -8.41 11.97
CA ILE G 168 -42.65 -7.21 12.71
C ILE G 168 -44.15 -6.99 12.92
N ALA G 169 -45.00 -7.48 12.01
CA ALA G 169 -46.44 -7.31 12.13
C ALA G 169 -46.92 -7.77 13.50
N GLY G 170 -47.71 -6.92 14.16
CA GLY G 170 -48.16 -7.15 15.51
C GLY G 170 -47.21 -6.67 16.59
N LYS G 171 -45.98 -6.35 16.19
CA LYS G 171 -44.99 -5.83 17.13
C LYS G 171 -44.35 -4.56 16.65
N GLU G 172 -45.10 -3.74 15.94
CA GLU G 172 -44.54 -2.53 15.35
C GLU G 172 -44.02 -1.58 16.41
N ARG G 173 -44.77 -1.41 17.50
CA ARG G 173 -44.37 -0.50 18.57
C ARG G 173 -43.09 -0.98 19.27
N PHE G 174 -43.01 -2.28 19.54
CA PHE G 174 -41.82 -2.85 20.16
C PHE G 174 -40.59 -2.69 19.27
N PHE G 175 -40.72 -3.02 17.98
CA PHE G 175 -39.57 -2.91 17.10
C PHE G 175 -39.11 -1.47 16.94
N LEU G 176 -40.06 -0.55 16.76
CA LEU G 176 -39.72 0.84 16.50
C LEU G 176 -39.02 1.47 17.70
N GLU G 177 -39.46 1.15 18.92
CA GLU G 177 -38.76 1.67 20.09
C GLU G 177 -37.33 1.15 20.16
N HIS G 178 -37.14 -0.14 19.89
CA HIS G 178 -35.77 -0.65 19.85
C HIS G 178 -34.97 0.05 18.75
N PHE G 179 -35.54 0.12 17.54
CA PHE G 179 -34.80 0.72 16.42
C PHE G 179 -34.43 2.16 16.73
N ILE G 180 -35.41 2.95 17.15
CA ILE G 180 -35.16 4.37 17.43
C ILE G 180 -34.13 4.53 18.55
N LYS G 181 -34.35 3.87 19.69
CA LYS G 181 -33.43 4.06 20.82
C LYS G 181 -32.03 3.53 20.53
N SER G 182 -31.93 2.41 19.81
CA SER G 182 -30.58 1.91 19.51
C SER G 182 -29.82 2.83 18.57
N HIS G 183 -30.51 3.67 17.80
CA HIS G 183 -29.84 4.65 16.94
C HIS G 183 -29.76 6.04 17.56
N ALA G 184 -30.14 6.19 18.81
CA ALA G 184 -30.13 7.48 19.49
C ALA G 184 -29.02 7.53 20.53
N SER G 185 -28.52 8.73 20.78
CA SER G 185 -27.66 8.99 21.92
C SER G 185 -28.44 9.62 23.06
N ASN G 186 -29.27 10.60 22.72
CA ASN G 186 -30.18 11.26 23.66
C ASN G 186 -31.49 10.48 23.66
N THR G 187 -31.48 9.35 24.37
CA THR G 187 -32.63 8.45 24.28
C THR G 187 -33.87 9.00 24.98
N GLU G 188 -33.74 9.91 25.94
CA GLU G 188 -34.93 10.28 26.71
C GLU G 188 -35.89 11.16 25.93
N VAL G 189 -35.49 11.73 24.78
CA VAL G 189 -36.45 12.57 24.06
C VAL G 189 -37.60 11.77 23.47
N PHE G 190 -37.47 10.45 23.40
CA PHE G 190 -38.52 9.61 22.83
C PHE G 190 -39.40 9.13 23.96
N SER G 191 -40.43 9.92 24.25
CA SER G 191 -41.45 9.59 25.21
C SER G 191 -42.30 8.44 24.69
N GLU G 192 -43.01 7.80 25.60
CA GLU G 192 -43.94 6.74 25.28
C GLU G 192 -44.96 7.19 24.28
N ARG G 193 -45.41 8.40 24.45
CA ARG G 193 -46.42 8.93 23.61
C ARG G 193 -45.87 9.18 22.22
N LEU G 194 -44.73 9.84 22.14
CA LEU G 194 -44.11 10.10 20.84
C LEU G 194 -43.89 8.80 20.08
N LEU G 195 -43.38 7.78 20.77
CA LEU G 195 -43.21 6.47 20.15
C LEU G 195 -44.55 5.88 19.74
N ASP G 196 -45.59 6.11 20.55
CA ASP G 196 -46.94 5.63 20.22
C ASP G 196 -47.45 6.25 18.94
N LEU G 197 -47.22 7.56 18.74
CA LEU G 197 -47.66 8.23 17.52
C LEU G 197 -46.96 7.67 16.30
N TYR G 198 -45.64 7.51 16.39
CA TYR G 198 -44.91 6.97 15.25
C TYR G 198 -45.31 5.54 14.97
N ALA G 199 -45.47 4.72 16.02
CA ALA G 199 -45.82 3.32 15.80
C ALA G 199 -47.19 3.18 15.18
N ARG G 200 -48.16 3.99 15.62
CA ARG G 200 -49.48 3.92 15.00
C ARG G 200 -49.41 4.20 13.51
N SER G 201 -48.59 5.17 13.10
CA SER G 201 -48.50 5.50 11.68
C SER G 201 -47.83 4.37 10.89
N TYR G 202 -46.72 3.84 11.40
CA TYR G 202 -46.00 2.82 10.64
C TYR G 202 -46.71 1.47 10.64
N ALA G 203 -47.59 1.21 11.61
CA ALA G 203 -48.31 -0.05 11.66
C ALA G 203 -49.39 -0.16 10.60
N LYS G 204 -49.73 0.93 9.90
CA LYS G 204 -50.64 0.81 8.78
C LYS G 204 -50.02 -0.15 7.78
N PRO G 205 -50.71 -1.19 7.34
CA PRO G 205 -50.05 -2.21 6.49
C PRO G 205 -49.36 -1.63 5.28
N HIS G 206 -49.89 -0.61 4.63
CA HIS G 206 -49.17 -0.11 3.48
C HIS G 206 -47.95 0.70 3.87
N SER G 207 -47.98 1.27 5.07
CA SER G 207 -46.82 2.00 5.57
C SER G 207 -45.73 1.05 6.06
N LEU G 208 -46.10 -0.04 6.70
CA LEU G 208 -45.11 -1.04 7.09
C LEU G 208 -44.38 -1.56 5.86
N ASN G 209 -45.13 -1.97 4.83
CA ASN G 209 -44.51 -2.43 3.59
C ASN G 209 -43.70 -1.33 2.91
N ALA G 210 -44.26 -0.11 2.80
CA ALA G 210 -43.54 0.96 2.13
C ALA G 210 -42.20 1.21 2.79
N SER G 211 -42.16 1.19 4.12
CA SER G 211 -40.92 1.34 4.88
C SER G 211 -39.82 0.45 4.31
N PHE G 212 -40.13 -0.82 4.13
CA PHE G 212 -39.11 -1.78 3.69
C PHE G 212 -38.85 -1.71 2.21
N GLU G 213 -39.83 -1.27 1.41
CA GLU G 213 -39.63 -1.16 -0.03
C GLU G 213 -38.57 -0.12 -0.40
N TYR G 214 -38.41 0.92 0.42
CA TYR G 214 -37.32 1.87 0.21
C TYR G 214 -35.97 1.15 0.25
N TYR G 215 -35.82 0.18 1.16
CA TYR G 215 -34.56 -0.56 1.27
C TYR G 215 -34.46 -1.64 0.20
N ARG G 216 -35.59 -2.20 -0.21
CA ARG G 216 -35.59 -3.18 -1.28
C ARG G 216 -35.22 -2.57 -2.63
N ALA G 217 -35.34 -1.25 -2.76
CA ALA G 217 -34.96 -0.50 -3.95
C ALA G 217 -33.59 0.15 -3.86
N LEU G 218 -32.88 -0.02 -2.73
CA LEU G 218 -31.62 0.67 -2.48
C LEU G 218 -30.53 0.32 -3.49
N ASN G 219 -30.41 -0.96 -3.86
CA ASN G 219 -29.38 -1.30 -4.83
C ASN G 219 -29.68 -0.68 -6.20
N GLU G 220 -30.95 -0.57 -6.56
CA GLU G 220 -31.28 0.17 -7.79
C GLU G 220 -30.93 1.65 -7.64
N SER G 221 -31.20 2.23 -6.46
CA SER G 221 -30.82 3.62 -6.22
C SER G 221 -29.32 3.82 -6.38
N VAL G 222 -28.53 2.90 -5.85
CA VAL G 222 -27.08 2.95 -6.03
C VAL G 222 -26.73 2.94 -7.51
N ARG G 223 -27.36 2.03 -8.28
CA ARG G 223 -27.10 1.99 -9.72
C ARG G 223 -27.50 3.29 -10.40
N GLN G 224 -28.66 3.83 -10.06
CA GLN G 224 -29.08 5.12 -10.62
C GLN G 224 -28.06 6.20 -10.30
N ASN G 225 -27.63 6.28 -9.05
CA ASN G 225 -26.76 7.35 -8.59
C ASN G 225 -25.36 7.25 -9.18
N ALA G 226 -24.92 6.05 -9.57
CA ALA G 226 -23.64 5.93 -10.26
C ALA G 226 -23.66 6.73 -11.56
N GLU G 227 -24.79 6.76 -12.25
CA GLU G 227 -24.89 7.59 -13.45
C GLU G 227 -24.99 9.06 -13.08
N LEU G 228 -25.89 9.38 -12.16
CA LEU G 228 -26.19 10.77 -11.82
C LEU G 228 -24.98 11.50 -11.28
N ALA G 229 -24.14 10.83 -10.50
CA ALA G 229 -23.03 11.48 -9.80
C ALA G 229 -21.89 11.90 -10.72
N LYS G 230 -22.02 11.68 -12.03
CA LYS G 230 -21.03 12.21 -12.95
C LYS G 230 -21.09 13.73 -13.03
N THR G 231 -22.17 14.33 -12.54
CA THR G 231 -22.33 15.78 -12.44
C THR G 231 -22.30 16.16 -10.97
N ARG G 232 -21.36 17.01 -10.58
CA ARG G 232 -21.28 17.42 -9.20
C ARG G 232 -22.33 18.48 -8.88
N LEU G 233 -22.73 18.54 -7.61
CA LEU G 233 -23.64 19.56 -7.13
C LEU G 233 -22.92 20.88 -7.02
N GLN G 234 -23.61 21.94 -7.45
CA GLN G 234 -23.06 23.28 -7.60
C GLN G 234 -23.53 24.26 -6.55
N MET G 235 -24.63 23.96 -5.87
CA MET G 235 -25.24 24.90 -4.94
C MET G 235 -24.60 24.80 -3.57
N PRO G 236 -24.72 25.84 -2.74
CA PRO G 236 -24.21 25.74 -1.38
C PRO G 236 -24.93 24.65 -0.60
N THR G 237 -24.14 23.76 0.02
CA THR G 237 -24.68 22.64 0.76
C THR G 237 -24.01 22.56 2.13
N MET G 238 -24.79 22.12 3.11
CA MET G 238 -24.30 21.86 4.46
C MET G 238 -24.73 20.46 4.88
N THR G 239 -23.81 19.68 5.43
CA THR G 239 -24.17 18.39 6.00
C THR G 239 -24.14 18.47 7.52
N LEU G 240 -25.08 17.76 8.15
CA LEU G 240 -25.11 17.61 9.60
C LEU G 240 -25.07 16.13 9.92
N ALA G 241 -24.30 15.78 10.95
CA ALA G 241 -24.18 14.41 11.40
C ALA G 241 -24.15 14.39 12.92
N GLY G 242 -24.64 13.30 13.49
CA GLY G 242 -24.50 13.11 14.91
C GLY G 242 -23.10 12.62 15.24
N GLY G 243 -22.55 13.14 16.33
CA GLY G 243 -21.28 12.70 16.82
C GLY G 243 -21.36 11.67 17.93
N GLY G 244 -22.55 11.29 18.38
CA GLY G 244 -22.71 10.31 19.43
C GLY G 244 -23.05 8.92 18.88
N HIS G 245 -23.34 8.01 19.81
CA HIS G 245 -23.82 6.69 19.43
C HIS G 245 -25.03 6.82 18.50
N GLY G 246 -24.97 6.12 17.37
CA GLY G 246 -26.06 6.12 16.43
C GLY G 246 -25.88 7.02 15.23
N GLY G 247 -24.92 7.95 15.28
CA GLY G 247 -24.77 8.91 14.22
C GLY G 247 -23.79 8.46 13.15
N MET G 248 -23.65 9.28 12.10
CA MET G 248 -22.72 9.01 11.02
C MET G 248 -21.32 9.52 11.31
N GLY G 249 -21.19 10.50 12.20
CA GLY G 249 -19.89 11.10 12.45
C GLY G 249 -19.32 11.76 11.20
N THR G 250 -18.01 11.59 10.99
CA THR G 250 -17.34 12.27 9.88
C THR G 250 -17.67 11.71 8.49
N PHE G 251 -18.33 10.55 8.41
CA PHE G 251 -18.66 9.95 7.12
C PHE G 251 -19.50 10.88 6.26
N GLN G 252 -20.47 11.57 6.87
CA GLN G 252 -21.42 12.39 6.13
C GLN G 252 -20.70 13.42 5.28
N LEU G 253 -19.87 14.24 5.90
CA LEU G 253 -19.15 15.26 5.15
C LEU G 253 -18.17 14.66 4.17
N GLU G 254 -17.44 13.63 4.61
CA GLU G 254 -16.44 13.04 3.76
C GLU G 254 -17.06 12.47 2.48
N GLN G 255 -18.26 11.88 2.59
CA GLN G 255 -18.95 11.46 1.38
C GLN G 255 -19.38 12.67 0.55
N MET G 256 -19.94 13.69 1.20
CA MET G 256 -20.49 14.82 0.46
C MET G 256 -19.44 15.54 -0.35
N LYS G 257 -18.18 15.59 0.13
CA LYS G 257 -17.11 16.23 -0.62
C LYS G 257 -16.92 15.62 -2.01
N ALA G 258 -17.31 14.36 -2.20
CA ALA G 258 -17.25 13.73 -3.52
C ALA G 258 -18.44 14.09 -4.41
N TYR G 259 -19.51 14.67 -3.86
CA TYR G 259 -20.71 14.98 -4.64
C TYR G 259 -20.91 16.47 -4.89
N ALA G 260 -20.34 17.33 -4.06
CA ALA G 260 -20.67 18.74 -4.08
C ALA G 260 -19.40 19.58 -4.11
N GLU G 261 -19.48 20.70 -4.84
CA GLU G 261 -18.33 21.59 -4.92
C GLU G 261 -18.18 22.45 -3.69
N ASP G 262 -19.29 22.92 -3.14
CA ASP G 262 -19.35 23.95 -2.10
C ASP G 262 -20.05 23.36 -0.90
N VAL G 263 -19.28 22.80 0.04
CA VAL G 263 -19.86 22.04 1.15
C VAL G 263 -19.16 22.39 2.45
N GLU G 264 -19.98 22.61 3.49
CA GLU G 264 -19.55 22.75 4.87
C GLU G 264 -20.21 21.67 5.71
N GLY G 265 -19.49 21.14 6.68
CA GLY G 265 -19.99 20.05 7.50
C GLY G 265 -19.84 20.33 8.98
N HIS G 266 -20.77 19.78 9.75
CA HIS G 266 -20.75 19.89 11.21
C HIS G 266 -21.12 18.53 11.79
N VAL G 267 -20.44 18.16 12.87
CA VAL G 267 -20.74 16.94 13.64
C VAL G 267 -21.21 17.38 15.01
N LEU G 268 -22.44 17.00 15.38
CA LEU G 268 -23.03 17.48 16.62
C LEU G 268 -22.66 16.56 17.78
N PRO G 269 -21.87 17.03 18.75
CA PRO G 269 -21.46 16.14 19.84
C PRO G 269 -22.63 15.70 20.71
N GLY G 270 -22.54 14.47 21.19
CA GLY G 270 -23.56 13.89 22.04
C GLY G 270 -24.86 13.55 21.36
N CYS G 271 -24.92 13.62 20.03
CA CYS G 271 -26.16 13.48 19.27
C CYS G 271 -26.08 12.23 18.40
N GLY G 272 -27.17 11.47 18.38
CA GLY G 272 -27.25 10.27 17.58
C GLY G 272 -27.84 10.51 16.19
N HIS G 273 -28.64 9.55 15.71
CA HIS G 273 -29.20 9.60 14.36
C HIS G 273 -30.33 10.62 14.23
N TRP G 274 -31.08 10.87 15.30
CA TRP G 274 -32.35 11.61 15.24
C TRP G 274 -32.15 13.09 15.61
N LEU G 275 -31.36 13.78 14.79
CA LEU G 275 -30.92 15.15 15.13
C LEU G 275 -32.08 16.08 15.45
N PRO G 276 -33.18 16.12 14.69
CA PRO G 276 -34.24 17.11 14.99
C PRO G 276 -34.83 16.94 16.38
N GLU G 277 -34.91 15.71 16.89
CA GLU G 277 -35.44 15.46 18.22
C GLU G 277 -34.36 15.39 19.31
N GLU G 278 -33.21 14.79 19.01
CA GLU G 278 -32.18 14.63 20.03
C GLU G 278 -31.48 15.94 20.34
N CYS G 279 -31.27 16.77 19.32
CA CYS G 279 -30.46 17.98 19.45
C CYS G 279 -31.13 19.14 18.72
N ALA G 280 -32.37 19.44 19.11
CA ALA G 280 -33.18 20.42 18.36
C ALA G 280 -32.52 21.78 18.35
N ALA G 281 -32.14 22.28 19.53
CA ALA G 281 -31.60 23.63 19.61
C ALA G 281 -30.32 23.77 18.79
N PRO G 282 -29.30 22.91 18.94
CA PRO G 282 -28.11 23.08 18.09
C PRO G 282 -28.40 22.89 16.61
N MET G 283 -29.27 21.93 16.28
CA MET G 283 -29.57 21.66 14.87
C MET G 283 -30.39 22.78 14.24
N ASN G 284 -31.46 23.22 14.92
CA ASN G 284 -32.30 24.29 14.37
C ASN G 284 -31.48 25.53 14.10
N ARG G 285 -30.63 25.92 15.03
CA ARG G 285 -29.80 27.09 14.84
C ARG G 285 -28.97 26.94 13.58
N LEU G 286 -28.32 25.81 13.40
CA LEU G 286 -27.44 25.60 12.26
C LEU G 286 -28.22 25.70 10.94
N VAL G 287 -29.40 25.07 10.88
CA VAL G 287 -30.20 25.10 9.65
C VAL G 287 -30.64 26.53 9.33
N ILE G 288 -31.23 27.21 10.32
CA ILE G 288 -31.71 28.58 10.11
C ILE G 288 -30.56 29.50 9.70
N ASP G 289 -29.45 29.42 10.43
CA ASP G 289 -28.29 30.25 10.09
C ASP G 289 -27.87 30.01 8.63
N PHE G 290 -27.68 28.73 8.27
CA PHE G 290 -27.23 28.41 6.92
C PHE G 290 -28.20 28.92 5.86
N LEU G 291 -29.50 28.85 6.14
CA LEU G 291 -30.51 29.26 5.16
C LEU G 291 -30.76 30.76 5.17
N SER G 292 -30.30 31.47 6.19
CA SER G 292 -30.54 32.91 6.30
C SER G 292 -29.31 33.72 5.94
N ARG G 293 -28.14 33.15 6.11
CA ARG G 293 -26.87 33.83 5.90
C ARG G 293 -26.78 34.49 4.52
N GLU H 2 -37.69 -38.08 21.32
CA GLU H 2 -36.71 -37.96 20.23
C GLU H 2 -37.12 -36.96 19.16
N GLU H 3 -36.30 -35.95 18.93
CA GLU H 3 -36.69 -34.92 17.99
C GLU H 3 -36.40 -35.32 16.55
N PHE H 4 -35.44 -36.22 16.33
CA PHE H 4 -35.04 -36.62 14.98
C PHE H 4 -34.82 -38.13 14.97
N PRO H 5 -35.04 -38.79 13.83
CA PRO H 5 -34.82 -40.23 13.75
C PRO H 5 -33.35 -40.60 13.93
N VAL H 6 -33.12 -41.64 14.71
CA VAL H 6 -31.78 -42.11 15.05
C VAL H 6 -31.37 -43.20 14.06
N PRO H 7 -30.16 -43.13 13.50
CA PRO H 7 -29.77 -44.16 12.53
C PRO H 7 -29.66 -45.53 13.18
N ASN H 8 -29.99 -46.56 12.41
CA ASN H 8 -29.84 -47.93 12.87
C ASN H 8 -28.41 -48.20 13.33
N GLY H 9 -28.28 -48.81 14.49
CA GLY H 9 -26.98 -49.04 15.09
C GLY H 9 -26.49 -47.93 16.01
N PHE H 10 -27.23 -46.84 16.13
CA PHE H 10 -26.85 -45.73 16.98
C PHE H 10 -27.83 -45.62 18.14
N GLU H 11 -27.32 -45.14 19.28
CA GLU H 11 -28.13 -44.91 20.47
C GLU H 11 -28.22 -43.42 20.77
N SER H 12 -29.40 -42.99 21.19
CA SER H 12 -29.62 -41.65 21.72
C SER H 12 -29.50 -41.71 23.23
N ALA H 13 -28.64 -40.88 23.81
CA ALA H 13 -28.38 -40.99 25.24
C ALA H 13 -28.05 -39.61 25.81
N TYR H 14 -27.92 -39.57 27.14
CA TYR H 14 -27.65 -38.34 27.87
C TYR H 14 -26.53 -38.59 28.85
N ARG H 15 -25.75 -37.55 29.10
CA ARG H 15 -24.73 -37.59 30.13
C ARG H 15 -24.66 -36.22 30.80
N GLU H 16 -24.59 -36.25 32.13
CA GLU H 16 -24.47 -35.03 32.91
C GLU H 16 -23.02 -34.59 32.94
N VAL H 17 -22.77 -33.35 32.57
CA VAL H 17 -21.44 -32.77 32.60
C VAL H 17 -21.53 -31.44 33.35
N ASP H 18 -20.78 -31.33 34.45
CA ASP H 18 -20.76 -30.11 35.26
C ASP H 18 -22.16 -29.62 35.58
N GLY H 19 -23.06 -30.55 35.88
CA GLY H 19 -24.42 -30.19 36.25
C GLY H 19 -25.37 -30.03 35.09
N VAL H 20 -24.89 -30.15 33.84
CA VAL H 20 -25.73 -29.96 32.66
C VAL H 20 -25.90 -31.29 31.93
N LYS H 21 -27.15 -31.63 31.62
CA LYS H 21 -27.49 -32.89 30.96
C LYS H 21 -27.41 -32.70 29.44
N LEU H 22 -26.37 -33.26 28.83
CA LEU H 22 -26.16 -33.14 27.39
C LEU H 22 -26.77 -34.33 26.67
N HIS H 23 -27.47 -34.06 25.57
CA HIS H 23 -27.96 -35.11 24.68
C HIS H 23 -26.93 -35.36 23.60
N TYR H 24 -26.76 -36.63 23.23
CA TYR H 24 -25.89 -36.99 22.13
C TYR H 24 -26.37 -38.28 21.49
N VAL H 25 -25.86 -38.54 20.30
CA VAL H 25 -26.10 -39.79 19.59
C VAL H 25 -24.75 -40.44 19.32
N LYS H 26 -24.66 -41.75 19.58
CA LYS H 26 -23.37 -42.43 19.55
C LYS H 26 -23.49 -43.78 18.85
N GLY H 27 -22.43 -44.16 18.15
CA GLY H 27 -22.39 -45.47 17.50
C GLY H 27 -20.98 -45.75 17.02
N GLY H 28 -20.79 -46.96 16.53
CA GLY H 28 -19.51 -47.36 16.00
C GLY H 28 -18.56 -47.87 17.07
N GLN H 29 -17.34 -48.18 16.63
CA GLN H 29 -16.29 -48.66 17.50
C GLN H 29 -14.96 -48.17 16.98
N GLY H 30 -13.98 -48.05 17.85
CA GLY H 30 -12.67 -47.57 17.47
C GLY H 30 -12.36 -46.23 18.11
N PRO H 31 -11.35 -45.54 17.56
CA PRO H 31 -10.99 -44.22 18.09
C PRO H 31 -12.17 -43.25 17.99
N LEU H 32 -12.16 -42.27 18.87
CA LEU H 32 -13.31 -41.37 19.01
C LEU H 32 -13.21 -40.19 18.03
N VAL H 33 -14.34 -39.90 17.38
CA VAL H 33 -14.54 -38.69 16.60
C VAL H 33 -15.79 -38.02 17.15
N MET H 34 -15.67 -36.75 17.53
CA MET H 34 -16.82 -35.96 17.97
C MET H 34 -17.20 -35.00 16.85
N LEU H 35 -18.51 -34.94 16.55
CA LEU H 35 -19.06 -34.05 15.52
C LEU H 35 -19.94 -32.99 16.18
N VAL H 36 -19.64 -31.71 15.93
CA VAL H 36 -20.35 -30.64 16.63
C VAL H 36 -21.08 -29.77 15.61
N HIS H 37 -22.41 -29.75 15.72
CA HIS H 37 -23.27 -29.04 14.78
C HIS H 37 -23.25 -27.53 15.03
N GLY H 38 -23.98 -26.81 14.19
CA GLY H 38 -24.04 -25.36 14.31
C GLY H 38 -25.46 -24.82 14.44
N PHE H 39 -25.61 -23.51 14.26
CA PHE H 39 -26.91 -22.87 14.49
C PHE H 39 -27.93 -23.24 13.41
N GLY H 40 -29.18 -23.42 13.84
CA GLY H 40 -30.24 -23.80 12.95
C GLY H 40 -30.40 -25.29 12.76
N GLN H 41 -29.51 -26.08 13.33
CA GLN H 41 -29.54 -27.51 13.18
C GLN H 41 -29.29 -28.15 14.53
N THR H 42 -29.13 -29.47 14.52
CA THR H 42 -28.86 -30.26 15.71
C THR H 42 -27.85 -31.32 15.33
N TRP H 43 -27.65 -32.29 16.23
CA TRP H 43 -26.82 -33.44 15.91
C TRP H 43 -27.21 -34.06 14.58
N TYR H 44 -28.48 -33.93 14.21
CA TYR H 44 -29.03 -34.63 13.06
C TYR H 44 -28.36 -34.24 11.74
N GLU H 45 -27.76 -33.05 11.64
CA GLU H 45 -27.10 -32.70 10.38
C GLU H 45 -26.00 -33.68 10.00
N TRP H 46 -25.45 -34.41 10.97
CA TRP H 46 -24.39 -35.37 10.74
C TRP H 46 -24.92 -36.76 10.41
N HIS H 47 -26.24 -36.94 10.31
CA HIS H 47 -26.79 -38.29 10.26
C HIS H 47 -26.42 -39.05 8.99
N GLN H 48 -25.98 -38.38 7.92
CA GLN H 48 -25.51 -39.09 6.74
C GLN H 48 -24.04 -39.46 6.85
N LEU H 49 -23.25 -38.66 7.56
CA LEU H 49 -21.82 -38.93 7.72
C LEU H 49 -21.57 -39.99 8.80
N MET H 50 -22.38 -39.98 9.84
CA MET H 50 -22.18 -40.89 10.98
C MET H 50 -22.13 -42.38 10.62
N PRO H 51 -23.06 -42.94 9.84
CA PRO H 51 -22.95 -44.37 9.54
C PRO H 51 -21.67 -44.74 8.81
N GLU H 52 -21.13 -43.84 7.98
CA GLU H 52 -19.88 -44.10 7.28
C GLU H 52 -18.70 -44.06 8.23
N LEU H 53 -18.61 -43.00 9.04
CA LEU H 53 -17.52 -42.86 9.98
C LEU H 53 -17.54 -43.98 11.03
N ALA H 54 -18.72 -44.50 11.38
CA ALA H 54 -18.85 -45.54 12.39
C ALA H 54 -18.28 -46.88 11.95
N LYS H 55 -17.94 -47.04 10.67
CA LYS H 55 -17.30 -48.27 10.22
C LYS H 55 -15.88 -48.40 10.75
N ARG H 56 -15.25 -47.31 11.14
CA ARG H 56 -13.88 -47.31 11.62
C ARG H 56 -13.71 -46.60 12.95
N PHE H 57 -14.71 -45.84 13.40
CA PHE H 57 -14.54 -44.98 14.55
C PHE H 57 -15.73 -45.14 15.48
N THR H 58 -15.52 -44.78 16.73
CA THR H 58 -16.62 -44.49 17.62
C THR H 58 -17.03 -43.05 17.34
N VAL H 59 -18.31 -42.85 17.04
CA VAL H 59 -18.84 -41.56 16.59
C VAL H 59 -19.79 -41.02 17.65
N ILE H 60 -19.56 -39.79 18.10
CA ILE H 60 -20.46 -39.11 19.04
C ILE H 60 -20.83 -37.74 18.49
N ALA H 61 -22.13 -37.46 18.45
CA ALA H 61 -22.64 -36.18 17.96
C ALA H 61 -23.55 -35.59 19.03
N PRO H 62 -23.04 -34.65 19.82
CA PRO H 62 -23.86 -34.01 20.85
C PRO H 62 -24.70 -32.87 20.31
N ASP H 63 -25.76 -32.55 21.04
CA ASP H 63 -26.50 -31.31 20.88
C ASP H 63 -25.83 -30.22 21.72
N LEU H 64 -25.57 -29.07 21.11
CA LEU H 64 -24.99 -27.96 21.86
C LEU H 64 -25.89 -27.59 23.04
N PRO H 65 -25.30 -27.16 24.16
CA PRO H 65 -26.09 -26.78 25.32
C PRO H 65 -27.23 -25.83 24.96
N GLY H 66 -28.43 -26.17 25.44
CA GLY H 66 -29.61 -25.39 25.16
C GLY H 66 -30.31 -25.71 23.86
N LEU H 67 -29.60 -26.32 22.91
CA LEU H 67 -30.16 -26.63 21.61
C LEU H 67 -30.47 -28.12 21.53
N GLY H 68 -31.30 -28.49 20.55
CA GLY H 68 -31.72 -29.87 20.44
C GLY H 68 -32.32 -30.32 21.77
N GLN H 69 -31.81 -31.43 22.31
CA GLN H 69 -32.32 -32.01 23.53
C GLN H 69 -31.35 -31.83 24.70
N SER H 70 -30.39 -30.94 24.57
CA SER H 70 -29.42 -30.70 25.64
C SER H 70 -29.87 -29.53 26.52
N GLU H 71 -29.61 -29.66 27.83
CA GLU H 71 -29.92 -28.59 28.76
C GLU H 71 -29.05 -27.37 28.47
N PRO H 72 -29.55 -26.17 28.76
CA PRO H 72 -28.73 -24.95 28.61
C PRO H 72 -27.51 -25.01 29.50
N PRO H 73 -26.45 -24.28 29.17
CA PRO H 73 -25.28 -24.27 30.05
C PRO H 73 -25.61 -23.57 31.35
N LYS H 74 -24.81 -23.81 32.35
CA LYS H 74 -25.01 -23.21 33.65
C LYS H 74 -24.09 -22.06 33.85
N THR H 75 -22.96 -22.09 33.20
CA THR H 75 -22.00 -21.00 33.31
C THR H 75 -22.40 -19.85 32.38
N GLY H 76 -22.32 -20.07 31.07
CA GLY H 76 -22.63 -19.03 30.11
C GLY H 76 -22.41 -19.59 28.72
N TYR H 77 -22.59 -18.72 27.73
CA TYR H 77 -22.62 -19.13 26.34
C TYR H 77 -21.39 -18.73 25.53
N SER H 78 -20.37 -18.16 26.17
CA SER H 78 -19.13 -17.83 25.47
C SER H 78 -18.40 -19.10 25.06
N GLY H 79 -17.53 -18.98 24.06
CA GLY H 79 -16.84 -20.15 23.53
C GLY H 79 -16.06 -20.90 24.60
N GLU H 80 -15.38 -20.18 25.47
CA GLU H 80 -14.61 -20.85 26.52
C GLU H 80 -15.49 -21.67 27.46
N GLN H 81 -16.61 -21.08 27.87
CA GLN H 81 -17.50 -21.73 28.79
C GLN H 81 -18.12 -22.98 28.20
N VAL H 82 -18.61 -22.87 26.98
CA VAL H 82 -19.28 -23.99 26.36
C VAL H 82 -18.32 -25.13 26.04
N ALA H 83 -17.11 -24.79 25.69
CA ALA H 83 -16.15 -25.80 25.32
C ALA H 83 -15.85 -26.75 26.47
N VAL H 84 -15.95 -26.25 27.71
CA VAL H 84 -15.69 -27.10 28.86
C VAL H 84 -16.62 -28.30 28.81
N TYR H 85 -17.91 -28.04 28.58
CA TYR H 85 -18.87 -29.14 28.52
C TYR H 85 -18.50 -30.15 27.43
N LEU H 86 -18.13 -29.67 26.24
CA LEU H 86 -17.87 -30.56 25.13
C LEU H 86 -16.58 -31.32 25.35
N HIS H 87 -15.55 -30.65 25.90
CA HIS H 87 -14.29 -31.31 26.19
C HIS H 87 -14.48 -32.42 27.21
N LYS H 88 -15.22 -32.12 28.29
CA LYS H 88 -15.45 -33.12 29.32
C LYS H 88 -16.32 -34.27 28.80
N LEU H 89 -17.29 -33.95 27.95
CA LEU H 89 -18.11 -35.00 27.34
C LEU H 89 -17.26 -35.95 26.54
N ALA H 90 -16.40 -35.42 25.65
CA ALA H 90 -15.51 -36.26 24.86
C ALA H 90 -14.56 -37.06 25.76
N ARG H 91 -14.04 -36.42 26.82
CA ARG H 91 -13.09 -37.10 27.68
C ARG H 91 -13.73 -38.25 28.44
N GLN H 92 -15.05 -38.22 28.64
CA GLN H 92 -15.70 -39.36 29.27
C GLN H 92 -15.62 -40.61 28.41
N PHE H 93 -15.57 -40.44 27.08
CA PHE H 93 -15.51 -41.60 26.19
C PHE H 93 -14.12 -41.91 25.69
N SER H 94 -13.18 -40.97 25.80
CA SER H 94 -11.79 -41.20 25.39
C SER H 94 -10.89 -40.56 26.43
N PRO H 95 -10.90 -41.09 27.66
CA PRO H 95 -10.14 -40.45 28.74
C PRO H 95 -8.65 -40.65 28.61
N ASP H 96 -8.20 -41.63 27.84
CA ASP H 96 -6.80 -41.98 27.77
C ASP H 96 -6.16 -41.78 26.39
N ARG H 97 -6.93 -41.45 25.36
CA ARG H 97 -6.36 -41.32 24.03
C ARG H 97 -6.95 -40.09 23.32
N PRO H 98 -6.20 -39.48 22.39
CA PRO H 98 -6.71 -38.30 21.69
C PRO H 98 -7.87 -38.67 20.79
N PHE H 99 -8.71 -37.68 20.52
CA PHE H 99 -9.86 -37.88 19.67
C PHE H 99 -9.85 -36.87 18.53
N ASP H 100 -10.63 -37.18 17.51
CA ASP H 100 -10.81 -36.31 16.36
C ASP H 100 -12.02 -35.42 16.60
N LEU H 101 -12.00 -34.23 15.98
CA LEU H 101 -13.06 -33.24 16.13
C LEU H 101 -13.45 -32.71 14.75
N VAL H 102 -14.75 -32.76 14.46
CA VAL H 102 -15.31 -32.14 13.26
C VAL H 102 -16.39 -31.17 13.73
N ALA H 103 -16.31 -29.92 13.28
CA ALA H 103 -17.26 -28.92 13.76
C ALA H 103 -17.72 -28.00 12.63
N HIS H 104 -18.99 -27.60 12.70
CA HIS H 104 -19.65 -26.80 11.67
C HIS H 104 -20.25 -25.56 12.31
N ASP H 105 -20.03 -24.41 11.69
CA ASP H 105 -20.68 -23.16 12.09
C ASP H 105 -20.32 -22.85 13.55
N ILE H 106 -21.27 -22.52 14.42
CA ILE H 106 -20.91 -22.15 15.79
C ILE H 106 -20.34 -23.31 16.59
N GLY H 107 -20.40 -24.54 16.07
CA GLY H 107 -19.61 -25.61 16.65
C GLY H 107 -18.13 -25.26 16.70
N ILE H 108 -17.67 -24.48 15.73
CA ILE H 108 -16.31 -23.96 15.76
C ILE H 108 -16.13 -23.03 16.95
N TRP H 109 -17.05 -22.08 17.12
CA TRP H 109 -16.96 -21.15 18.23
C TRP H 109 -16.86 -21.88 19.56
N ASN H 110 -17.61 -22.96 19.71
CA ASN H 110 -17.75 -23.66 20.97
C ASN H 110 -16.72 -24.75 21.16
N THR H 111 -15.79 -24.92 20.23
CA THR H 111 -14.76 -25.93 20.41
C THR H 111 -13.35 -25.37 20.33
N TYR H 112 -13.14 -24.30 19.59
CA TYR H 112 -11.79 -23.79 19.45
C TYR H 112 -11.05 -23.65 20.79
N PRO H 113 -11.65 -23.05 21.82
CA PRO H 113 -10.88 -22.92 23.08
C PRO H 113 -10.44 -24.25 23.68
N MET H 114 -11.28 -25.26 23.68
CA MET H 114 -10.91 -26.63 24.04
C MET H 114 -9.69 -27.07 23.27
N VAL H 115 -9.73 -26.96 21.96
CA VAL H 115 -8.65 -27.41 21.11
C VAL H 115 -7.32 -26.74 21.41
N VAL H 116 -7.31 -25.41 21.40
CA VAL H 116 -6.05 -24.69 21.58
C VAL H 116 -5.51 -24.86 23.00
N LYS H 117 -6.37 -25.08 23.99
CA LYS H 117 -5.92 -25.27 25.37
C LYS H 117 -5.59 -26.73 25.70
N ASN H 118 -6.04 -27.68 24.88
CA ASN H 118 -5.83 -29.11 25.16
C ASN H 118 -5.39 -29.83 23.90
N GLN H 119 -4.32 -29.31 23.27
CA GLN H 119 -3.92 -29.81 21.96
C GLN H 119 -3.54 -31.29 21.98
N ALA H 120 -2.98 -31.79 23.08
CA ALA H 120 -2.64 -33.20 23.14
C ALA H 120 -3.88 -34.08 23.12
N ASP H 121 -5.06 -33.52 23.45
CA ASP H 121 -6.27 -34.31 23.40
C ASP H 121 -6.87 -34.43 22.01
N ILE H 122 -6.41 -33.62 21.05
CA ILE H 122 -7.01 -33.55 19.72
C ILE H 122 -6.05 -34.19 18.74
N ALA H 123 -6.50 -35.26 18.05
CA ALA H 123 -5.63 -35.92 17.08
C ALA H 123 -5.64 -35.18 15.75
N ARG H 124 -6.82 -35.06 15.14
CA ARG H 124 -7.02 -34.32 13.90
C ARG H 124 -8.27 -33.46 14.03
N LEU H 125 -8.29 -32.36 13.28
CA LEU H 125 -9.30 -31.32 13.40
C LEU H 125 -9.87 -30.99 12.03
N VAL H 126 -11.19 -30.95 11.93
CA VAL H 126 -11.88 -30.49 10.72
C VAL H 126 -12.86 -29.38 11.11
N TYR H 127 -12.65 -28.20 10.52
CA TYR H 127 -13.50 -27.03 10.74
C TYR H 127 -14.14 -26.67 9.41
N MET H 128 -15.46 -26.45 9.41
CA MET H 128 -16.14 -26.10 8.18
C MET H 128 -17.18 -25.01 8.40
N GLU H 129 -17.15 -24.03 7.49
CA GLU H 129 -18.22 -23.05 7.30
C GLU H 129 -18.54 -22.27 8.57
N ALA H 130 -17.54 -21.52 9.04
CA ALA H 130 -17.72 -20.44 10.00
C ALA H 130 -16.39 -19.79 10.35
N PRO H 131 -16.39 -18.50 10.67
CA PRO H 131 -15.17 -17.89 11.19
C PRO H 131 -14.94 -18.33 12.62
N ILE H 132 -13.67 -18.49 12.94
CA ILE H 132 -13.28 -18.49 14.36
C ILE H 132 -13.52 -17.09 14.88
N PRO H 133 -14.20 -16.91 16.03
CA PRO H 133 -14.49 -15.55 16.51
C PRO H 133 -13.23 -14.74 16.74
N ASP H 134 -13.00 -13.73 15.91
CA ASP H 134 -11.92 -12.77 16.14
C ASP H 134 -12.30 -11.49 15.41
N ALA H 135 -11.40 -10.50 15.42
CA ALA H 135 -11.74 -9.19 14.89
C ALA H 135 -12.08 -9.19 13.40
N ARG H 136 -11.78 -10.28 12.66
CA ARG H 136 -12.15 -10.32 11.25
C ARG H 136 -13.65 -10.26 11.04
N ILE H 137 -14.43 -10.77 11.99
CA ILE H 137 -15.88 -10.78 11.79
C ILE H 137 -16.47 -9.39 11.78
N TYR H 138 -15.74 -8.39 12.30
CA TYR H 138 -16.19 -7.00 12.28
C TYR H 138 -16.02 -6.33 10.91
N ARG H 139 -15.45 -7.03 9.93
CA ARG H 139 -15.25 -6.54 8.58
C ARG H 139 -16.31 -7.05 7.60
N PHE H 140 -17.08 -8.07 7.97
CA PHE H 140 -18.18 -8.57 7.10
C PHE H 140 -19.22 -7.48 6.86
N PRO H 141 -19.68 -7.29 5.62
CA PRO H 141 -20.60 -6.16 5.32
C PRO H 141 -22.01 -6.39 5.83
N ALA H 142 -22.63 -5.29 6.27
CA ALA H 142 -24.04 -5.32 6.68
C ALA H 142 -24.98 -5.53 5.49
N PHE H 143 -24.64 -4.95 4.34
CA PHE H 143 -25.50 -4.91 3.16
C PHE H 143 -24.59 -5.04 1.94
N THR H 144 -25.11 -5.66 0.87
CA THR H 144 -24.31 -5.98 -0.29
C THR H 144 -25.01 -5.53 -1.57
N ALA H 145 -24.23 -5.51 -2.66
CA ALA H 145 -24.79 -5.23 -3.98
C ALA H 145 -25.77 -6.30 -4.44
N GLN H 146 -25.87 -7.41 -3.72
CA GLN H 146 -26.84 -8.46 -4.00
C GLN H 146 -28.01 -8.42 -3.04
N GLY H 147 -28.12 -7.37 -2.21
CA GLY H 147 -29.21 -7.29 -1.27
C GLY H 147 -28.81 -7.86 0.07
N GLU H 148 -29.74 -8.59 0.70
CA GLU H 148 -29.54 -9.19 2.03
C GLU H 148 -28.18 -9.85 2.17
N SER H 149 -27.40 -9.40 3.15
CA SER H 149 -26.12 -10.03 3.38
C SER H 149 -26.31 -11.33 4.16
N LEU H 150 -25.23 -12.05 4.33
CA LEU H 150 -25.26 -13.32 4.99
C LEU H 150 -24.93 -13.27 6.48
N VAL H 151 -24.59 -12.11 6.98
CA VAL H 151 -24.15 -11.99 8.35
C VAL H 151 -24.99 -11.04 9.21
N TRP H 152 -25.97 -10.38 8.62
CA TRP H 152 -26.78 -9.44 9.36
C TRP H 152 -27.40 -10.06 10.61
N HIS H 153 -27.58 -11.37 10.59
CA HIS H 153 -28.20 -12.05 11.73
C HIS H 153 -27.33 -11.97 12.99
N PHE H 154 -26.01 -11.80 12.84
CA PHE H 154 -25.16 -11.60 14.03
C PHE H 154 -25.72 -10.51 14.94
N SER H 155 -26.02 -9.34 14.37
CA SER H 155 -26.50 -8.20 15.14
C SER H 155 -27.94 -8.41 15.58
N PHE H 156 -28.77 -8.94 14.67
CA PHE H 156 -30.15 -9.25 15.00
C PHE H 156 -30.23 -10.14 16.22
N PHE H 157 -29.46 -11.23 16.21
CA PHE H 157 -29.47 -12.19 17.31
C PHE H 157 -28.82 -11.60 18.56
N ALA H 158 -27.79 -10.77 18.40
CA ALA H 158 -27.11 -10.19 19.55
C ALA H 158 -27.81 -8.98 20.14
N ALA H 159 -28.82 -8.42 19.47
CA ALA H 159 -29.49 -7.22 19.95
C ALA H 159 -30.13 -7.45 21.33
N ASP H 160 -30.13 -6.40 22.15
CA ASP H 160 -30.71 -6.46 23.48
C ASP H 160 -32.24 -6.43 23.39
N ASP H 161 -32.92 -6.34 24.52
CA ASP H 161 -34.38 -6.27 24.58
C ASP H 161 -35.06 -7.57 24.13
N ARG H 162 -34.34 -8.69 24.03
CA ARG H 162 -34.92 -9.93 23.48
C ARG H 162 -35.53 -9.68 22.10
N LEU H 163 -34.87 -8.85 21.30
CA LEU H 163 -35.45 -8.46 20.01
C LEU H 163 -35.78 -9.69 19.18
N ALA H 164 -34.82 -10.60 19.03
CA ALA H 164 -35.00 -11.73 18.13
C ALA H 164 -36.07 -12.70 18.64
N GLU H 165 -36.03 -13.05 19.93
CA GLU H 165 -37.06 -13.94 20.47
C GLU H 165 -38.45 -13.34 20.28
N THR H 166 -38.57 -12.04 20.55
CA THR H 166 -39.88 -11.41 20.50
C THR H 166 -40.46 -11.46 19.09
N LEU H 167 -39.64 -11.18 18.08
CA LEU H 167 -40.13 -11.17 16.72
C LEU H 167 -40.32 -12.58 16.16
N ILE H 168 -39.48 -13.53 16.56
CA ILE H 168 -39.51 -14.85 15.95
C ILE H 168 -40.46 -15.81 16.65
N ALA H 169 -40.71 -15.64 17.95
CA ALA H 169 -41.56 -16.58 18.68
C ALA H 169 -42.88 -16.84 17.95
N GLY H 170 -43.21 -18.11 17.76
CA GLY H 170 -44.41 -18.49 17.03
C GLY H 170 -44.24 -18.50 15.52
N LYS H 171 -43.14 -17.97 15.00
CA LYS H 171 -42.87 -17.91 13.57
C LYS H 171 -41.55 -18.59 13.25
N GLU H 172 -41.21 -19.60 14.07
CA GLU H 172 -39.92 -20.28 13.92
C GLU H 172 -39.82 -20.98 12.57
N ARG H 173 -40.89 -21.64 12.15
CA ARG H 173 -40.83 -22.41 10.91
C ARG H 173 -40.60 -21.50 9.72
N PHE H 174 -41.28 -20.35 9.70
CA PHE H 174 -41.07 -19.38 8.63
C PHE H 174 -39.67 -18.80 8.67
N PHE H 175 -39.21 -18.39 9.86
CA PHE H 175 -37.91 -17.76 9.94
C PHE H 175 -36.78 -18.72 9.57
N LEU H 176 -36.87 -19.95 10.08
CA LEU H 176 -35.80 -20.93 9.86
C LEU H 176 -35.67 -21.31 8.39
N GLU H 177 -36.79 -21.42 7.69
CA GLU H 177 -36.71 -21.71 6.27
C GLU H 177 -35.99 -20.59 5.52
N HIS H 178 -36.34 -19.33 5.80
CA HIS H 178 -35.66 -18.22 5.15
C HIS H 178 -34.17 -18.21 5.48
N PHE H 179 -33.84 -18.35 6.78
CA PHE H 179 -32.44 -18.32 7.19
C PHE H 179 -31.65 -19.42 6.51
N ILE H 180 -32.16 -20.66 6.59
CA ILE H 180 -31.45 -21.79 6.01
C ILE H 180 -31.33 -21.61 4.49
N LYS H 181 -32.44 -21.34 3.81
CA LYS H 181 -32.35 -21.24 2.35
C LYS H 181 -31.49 -20.06 1.89
N SER H 182 -31.55 -18.92 2.60
CA SER H 182 -30.74 -17.78 2.17
C SER H 182 -29.25 -18.04 2.33
N HIS H 183 -28.85 -18.99 3.18
CA HIS H 183 -27.45 -19.36 3.32
C HIS H 183 -27.11 -20.61 2.50
N ALA H 184 -28.00 -21.06 1.65
CA ALA H 184 -27.79 -22.26 0.88
C ALA H 184 -27.62 -21.93 -0.59
N SER H 185 -26.83 -22.77 -1.27
CA SER H 185 -26.82 -22.77 -2.72
C SER H 185 -27.78 -23.85 -3.23
N ASN H 186 -27.71 -25.04 -2.65
CA ASN H 186 -28.67 -26.08 -2.99
C ASN H 186 -29.81 -26.00 -1.98
N THR H 187 -30.73 -25.06 -2.25
CA THR H 187 -31.81 -24.75 -1.32
C THR H 187 -32.82 -25.87 -1.22
N GLU H 188 -32.90 -26.68 -2.27
CA GLU H 188 -33.92 -27.72 -2.38
C GLU H 188 -33.75 -28.91 -1.45
N VAL H 189 -32.54 -29.16 -0.95
CA VAL H 189 -32.33 -30.37 -0.15
C VAL H 189 -33.07 -30.33 1.17
N PHE H 190 -33.58 -29.18 1.56
CA PHE H 190 -34.28 -29.03 2.83
C PHE H 190 -35.75 -29.29 2.56
N SER H 191 -36.15 -30.55 2.69
CA SER H 191 -37.53 -30.93 2.48
C SER H 191 -38.43 -30.27 3.52
N GLU H 192 -39.72 -30.21 3.20
CA GLU H 192 -40.68 -29.66 4.14
C GLU H 192 -40.59 -30.36 5.48
N ARG H 193 -40.43 -31.67 5.47
CA ARG H 193 -40.37 -32.45 6.70
C ARG H 193 -39.14 -32.11 7.53
N LEU H 194 -37.99 -31.97 6.89
CA LEU H 194 -36.76 -31.65 7.60
C LEU H 194 -36.86 -30.28 8.27
N LEU H 195 -37.41 -29.29 7.54
CA LEU H 195 -37.62 -27.98 8.12
C LEU H 195 -38.62 -28.04 9.27
N ASP H 196 -39.66 -28.87 9.16
CA ASP H 196 -40.59 -29.02 10.28
C ASP H 196 -39.87 -29.54 11.52
N LEU H 197 -38.98 -30.51 11.33
CA LEU H 197 -38.28 -31.11 12.47
C LEU H 197 -37.36 -30.12 13.16
N TYR H 198 -36.56 -29.37 12.38
CA TYR H 198 -35.68 -28.37 12.97
C TYR H 198 -36.46 -27.27 13.66
N ALA H 199 -37.56 -26.82 13.04
CA ALA H 199 -38.33 -25.74 13.63
C ALA H 199 -38.98 -26.18 14.93
N ARG H 200 -39.40 -27.42 14.99
CA ARG H 200 -39.99 -27.94 16.22
C ARG H 200 -39.00 -27.90 17.35
N SER H 201 -37.77 -28.28 17.06
CA SER H 201 -36.72 -28.24 18.07
C SER H 201 -36.39 -26.82 18.52
N TYR H 202 -36.26 -25.89 17.58
CA TYR H 202 -35.92 -24.52 17.97
C TYR H 202 -37.10 -23.76 18.56
N ALA H 203 -38.34 -24.20 18.33
CA ALA H 203 -39.49 -23.53 18.92
C ALA H 203 -39.62 -23.78 20.41
N LYS H 204 -38.85 -24.70 21.00
CA LYS H 204 -38.83 -24.83 22.45
C LYS H 204 -38.31 -23.52 23.04
N PRO H 205 -39.03 -22.91 23.99
CA PRO H 205 -38.65 -21.56 24.44
C PRO H 205 -37.20 -21.43 24.87
N HIS H 206 -36.67 -22.40 25.61
CA HIS H 206 -35.29 -22.27 26.06
C HIS H 206 -34.30 -22.46 24.93
N SER H 207 -34.68 -23.18 23.86
CA SER H 207 -33.78 -23.36 22.73
C SER H 207 -33.76 -22.13 21.83
N LEU H 208 -34.91 -21.49 21.63
CA LEU H 208 -34.93 -20.23 20.90
C LEU H 208 -34.06 -19.19 21.59
N ASN H 209 -34.22 -19.03 22.90
CA ASN H 209 -33.37 -18.11 23.65
C ASN H 209 -31.90 -18.55 23.60
N ALA H 210 -31.63 -19.84 23.83
CA ALA H 210 -30.25 -20.32 23.83
C ALA H 210 -29.56 -20.02 22.51
N SER H 211 -30.28 -20.21 21.40
CA SER H 211 -29.75 -19.89 20.06
C SER H 211 -29.09 -18.54 20.02
N PHE H 212 -29.81 -17.52 20.47
CA PHE H 212 -29.34 -16.14 20.38
C PHE H 212 -28.32 -15.79 21.45
N GLU H 213 -28.32 -16.52 22.58
CA GLU H 213 -27.32 -16.25 23.61
C GLU H 213 -25.92 -16.53 23.11
N TYR H 214 -25.75 -17.50 22.19
CA TYR H 214 -24.44 -17.74 21.59
C TYR H 214 -23.94 -16.50 20.86
N TYR H 215 -24.83 -15.77 20.22
CA TYR H 215 -24.43 -14.55 19.53
C TYR H 215 -24.27 -13.38 20.48
N ARG H 216 -25.03 -13.37 21.57
CA ARG H 216 -24.87 -12.32 22.58
C ARG H 216 -23.55 -12.45 23.32
N ALA H 217 -22.94 -13.64 23.33
CA ALA H 217 -21.63 -13.85 23.93
C ALA H 217 -20.51 -13.76 22.90
N LEU H 218 -20.83 -13.45 21.64
CA LEU H 218 -19.84 -13.49 20.58
C LEU H 218 -18.69 -12.52 20.84
N ASN H 219 -19.00 -11.31 21.31
CA ASN H 219 -17.94 -10.34 21.59
C ASN H 219 -17.03 -10.80 22.73
N GLU H 220 -17.58 -11.47 23.74
CA GLU H 220 -16.73 -12.03 24.78
C GLU H 220 -15.85 -13.15 24.22
N SER H 221 -16.40 -13.99 23.34
CA SER H 221 -15.61 -15.05 22.69
C SER H 221 -14.43 -14.47 21.90
N VAL H 222 -14.67 -13.38 21.17
CA VAL H 222 -13.60 -12.69 20.45
C VAL H 222 -12.52 -12.24 21.41
N ARG H 223 -12.93 -11.63 22.52
CA ARG H 223 -11.95 -11.19 23.51
C ARG H 223 -11.19 -12.36 24.09
N GLN H 224 -11.89 -13.46 24.40
CA GLN H 224 -11.22 -14.67 24.87
C GLN H 224 -10.20 -15.16 23.86
N ASN H 225 -10.61 -15.25 22.59
CA ASN H 225 -9.74 -15.85 21.59
C ASN H 225 -8.54 -14.96 21.26
N ALA H 226 -8.65 -13.64 21.45
CA ALA H 226 -7.48 -12.79 21.25
C ALA H 226 -6.34 -13.21 22.16
N GLU H 227 -6.68 -13.71 23.36
CA GLU H 227 -5.70 -14.26 24.28
C GLU H 227 -5.30 -15.68 23.86
N LEU H 228 -6.27 -16.54 23.62
CA LEU H 228 -5.98 -17.95 23.35
C LEU H 228 -5.14 -18.12 22.09
N ALA H 229 -5.34 -17.27 21.08
CA ALA H 229 -4.66 -17.45 19.80
C ALA H 229 -3.18 -17.10 19.85
N LYS H 230 -2.63 -16.73 21.00
CA LYS H 230 -1.19 -16.53 21.09
C LYS H 230 -0.43 -17.84 20.96
N THR H 231 -1.14 -18.97 21.06
CA THR H 231 -0.60 -20.31 20.86
C THR H 231 -1.16 -20.86 19.56
N ARG H 232 -0.27 -21.31 18.69
CA ARG H 232 -0.62 -21.90 17.40
C ARG H 232 -1.19 -23.32 17.55
N LEU H 233 -2.09 -23.68 16.63
CA LEU H 233 -2.60 -25.05 16.58
C LEU H 233 -1.57 -25.96 15.92
N GLN H 234 -1.33 -27.13 16.52
CA GLN H 234 -0.23 -27.99 16.12
C GLN H 234 -0.66 -29.25 15.36
N MET H 235 -1.89 -29.67 15.49
CA MET H 235 -2.38 -30.92 14.94
C MET H 235 -2.77 -30.77 13.48
N PRO H 236 -2.85 -31.87 12.73
CA PRO H 236 -3.31 -31.76 11.34
C PRO H 236 -4.73 -31.22 11.29
N THR H 237 -4.92 -30.16 10.54
CA THR H 237 -6.20 -29.56 10.39
C THR H 237 -6.62 -29.48 8.93
N MET H 238 -7.90 -29.64 8.70
CA MET H 238 -8.48 -29.45 7.38
C MET H 238 -9.67 -28.51 7.49
N THR H 239 -9.76 -27.57 6.57
CA THR H 239 -10.94 -26.74 6.46
C THR H 239 -11.78 -27.08 5.24
N LEU H 240 -13.08 -26.92 5.38
CA LEU H 240 -14.00 -27.04 4.26
C LEU H 240 -14.87 -25.80 4.21
N ALA H 241 -15.10 -25.30 3.00
CA ALA H 241 -15.98 -24.16 2.81
C ALA H 241 -16.79 -24.37 1.53
N GLY H 242 -17.98 -23.80 1.52
CA GLY H 242 -18.80 -23.80 0.31
C GLY H 242 -18.32 -22.71 -0.66
N GLY H 243 -18.35 -23.06 -1.95
CA GLY H 243 -17.98 -22.12 -2.99
C GLY H 243 -19.12 -21.40 -3.65
N GLY H 244 -20.36 -21.72 -3.30
CA GLY H 244 -21.52 -21.07 -3.88
C GLY H 244 -22.09 -20.00 -2.97
N HIS H 245 -23.24 -19.47 -3.37
CA HIS H 245 -23.96 -18.51 -2.56
C HIS H 245 -24.17 -19.10 -1.18
N GLY H 246 -23.86 -18.32 -0.15
CA GLY H 246 -24.09 -18.73 1.22
C GLY H 246 -22.85 -19.20 1.95
N GLY H 247 -21.77 -19.54 1.23
CA GLY H 247 -20.58 -20.11 1.83
C GLY H 247 -19.56 -19.05 2.27
N MET H 248 -18.50 -19.56 2.91
CA MET H 248 -17.38 -18.71 3.33
C MET H 248 -16.36 -18.52 2.21
N GLY H 249 -16.36 -19.41 1.22
CA GLY H 249 -15.37 -19.34 0.16
C GLY H 249 -13.96 -19.46 0.70
N THR H 250 -13.06 -18.64 0.14
CA THR H 250 -11.64 -18.69 0.47
C THR H 250 -11.33 -18.15 1.85
N PHE H 251 -12.29 -17.46 2.50
CA PHE H 251 -12.06 -16.92 3.84
C PHE H 251 -11.69 -18.02 4.83
N GLN H 252 -12.36 -19.17 4.75
CA GLN H 252 -12.18 -20.23 5.75
C GLN H 252 -10.71 -20.65 5.87
N LEU H 253 -10.10 -21.05 4.76
CA LEU H 253 -8.70 -21.47 4.83
C LEU H 253 -7.80 -20.29 5.17
N GLU H 254 -8.05 -19.13 4.56
CA GLU H 254 -7.17 -17.99 4.78
C GLU H 254 -7.15 -17.56 6.24
N GLN H 255 -8.31 -17.65 6.93
CA GLN H 255 -8.27 -17.40 8.37
C GLN H 255 -7.52 -18.51 9.10
N MET H 256 -7.79 -19.76 8.74
CA MET H 256 -7.20 -20.88 9.49
C MET H 256 -5.67 -20.84 9.44
N LYS H 257 -5.09 -20.35 8.34
CA LYS H 257 -3.63 -20.25 8.25
C LYS H 257 -3.03 -19.37 9.34
N ALA H 258 -3.82 -18.45 9.91
CA ALA H 258 -3.33 -17.66 11.02
C ALA H 258 -3.43 -18.42 12.34
N TYR H 259 -4.19 -19.52 12.39
CA TYR H 259 -4.36 -20.27 13.63
C TYR H 259 -3.62 -21.60 13.67
N ALA H 260 -3.32 -22.19 12.50
CA ALA H 260 -2.84 -23.57 12.47
C ALA H 260 -1.58 -23.66 11.63
N GLU H 261 -0.65 -24.50 12.09
CA GLU H 261 0.62 -24.70 11.39
C GLU H 261 0.45 -25.61 10.18
N ASP H 262 -0.42 -26.60 10.32
CA ASP H 262 -0.56 -27.71 9.37
C ASP H 262 -2.01 -27.75 8.92
N VAL H 263 -2.33 -27.11 7.81
CA VAL H 263 -3.72 -27.01 7.39
C VAL H 263 -3.84 -27.23 5.89
N GLU H 264 -4.83 -28.03 5.49
CA GLU H 264 -5.22 -28.15 4.10
C GLU H 264 -6.66 -27.68 4.01
N GLY H 265 -7.00 -26.99 2.94
CA GLY H 265 -8.33 -26.45 2.78
C GLY H 265 -8.90 -26.86 1.43
N HIS H 266 -10.23 -26.98 1.40
CA HIS H 266 -10.98 -27.28 0.19
C HIS H 266 -12.17 -26.35 0.15
N VAL H 267 -12.52 -25.90 -1.06
CA VAL H 267 -13.72 -25.13 -1.32
C VAL H 267 -14.58 -25.97 -2.25
N LEU H 268 -15.80 -26.27 -1.82
CA LEU H 268 -16.67 -27.16 -2.58
C LEU H 268 -17.50 -26.32 -3.55
N PRO H 269 -17.25 -26.40 -4.85
CA PRO H 269 -17.99 -25.55 -5.79
C PRO H 269 -19.47 -25.86 -5.82
N GLY H 270 -20.26 -24.81 -6.02
CA GLY H 270 -21.71 -24.93 -6.08
C GLY H 270 -22.40 -25.20 -4.75
N CYS H 271 -21.68 -25.14 -3.62
CA CYS H 271 -22.21 -25.51 -2.31
C CYS H 271 -22.23 -24.29 -1.41
N GLY H 272 -23.30 -24.15 -0.65
CA GLY H 272 -23.43 -23.04 0.28
C GLY H 272 -22.93 -23.36 1.67
N HIS H 273 -23.66 -22.84 2.65
CA HIS H 273 -23.24 -22.91 4.05
C HIS H 273 -23.40 -24.31 4.65
N TRP H 274 -24.39 -25.07 4.19
CA TRP H 274 -24.81 -26.28 4.89
C TRP H 274 -24.19 -27.51 4.23
N LEU H 275 -22.87 -27.58 4.30
CA LEU H 275 -22.16 -28.61 3.53
C LEU H 275 -22.71 -30.02 3.75
N PRO H 276 -22.95 -30.47 4.98
CA PRO H 276 -23.38 -31.88 5.15
C PRO H 276 -24.68 -32.21 4.45
N GLU H 277 -25.62 -31.28 4.34
CA GLU H 277 -26.85 -31.59 3.63
C GLU H 277 -26.80 -31.16 2.16
N GLU H 278 -26.14 -30.04 1.85
CA GLU H 278 -26.14 -29.57 0.48
C GLU H 278 -25.24 -30.41 -0.41
N CYS H 279 -24.10 -30.86 0.11
CA CYS H 279 -23.09 -31.54 -0.70
C CYS H 279 -22.53 -32.74 0.08
N ALA H 280 -23.45 -33.63 0.47
CA ALA H 280 -23.12 -34.71 1.41
C ALA H 280 -22.02 -35.64 0.87
N ALA H 281 -22.18 -36.15 -0.36
CA ALA H 281 -21.23 -37.17 -0.81
C ALA H 281 -19.82 -36.61 -0.92
N PRO H 282 -19.57 -35.50 -1.61
CA PRO H 282 -18.18 -34.98 -1.68
C PRO H 282 -17.62 -34.58 -0.32
N MET H 283 -18.44 -33.95 0.53
CA MET H 283 -17.99 -33.55 1.84
C MET H 283 -17.67 -34.77 2.70
N ASN H 284 -18.57 -35.75 2.71
CA ASN H 284 -18.33 -36.96 3.50
C ASN H 284 -17.00 -37.61 3.09
N ARG H 285 -16.81 -37.79 1.78
CA ARG H 285 -15.56 -38.39 1.30
C ARG H 285 -14.34 -37.65 1.83
N LEU H 286 -14.36 -36.31 1.76
CA LEU H 286 -13.21 -35.52 2.20
C LEU H 286 -12.92 -35.72 3.67
N VAL H 287 -13.96 -35.69 4.51
CA VAL H 287 -13.76 -35.88 5.95
C VAL H 287 -13.23 -37.28 6.24
N ILE H 288 -13.85 -38.31 5.65
CA ILE H 288 -13.43 -39.69 5.90
C ILE H 288 -11.98 -39.88 5.45
N ASP H 289 -11.65 -39.39 4.26
CA ASP H 289 -10.27 -39.46 3.76
C ASP H 289 -9.27 -38.80 4.73
N PHE H 290 -9.55 -37.56 5.14
CA PHE H 290 -8.61 -36.83 6.00
C PHE H 290 -8.40 -37.54 7.33
N LEU H 291 -9.46 -38.16 7.86
CA LEU H 291 -9.41 -38.86 9.15
C LEU H 291 -8.91 -40.29 9.06
N SER H 292 -8.84 -40.85 7.85
CA SER H 292 -8.46 -42.24 7.70
C SER H 292 -7.02 -42.43 7.24
N ARG H 293 -6.35 -41.39 6.76
CA ARG H 293 -5.09 -41.64 6.08
C ARG H 293 -3.94 -41.66 7.08
N GLY H 294 -3.01 -42.60 6.87
CA GLY H 294 -1.93 -42.87 7.80
C GLY H 294 -2.33 -43.66 9.02
N ARG H 295 -3.58 -44.09 9.13
CA ARG H 295 -4.07 -44.78 10.31
C ARG H 295 -4.53 -46.20 10.01
N VAL I 4 -2.63 24.06 36.71
CA VAL I 4 -2.98 25.41 36.28
C VAL I 4 -4.24 25.90 36.98
N GLN I 5 -4.17 27.11 37.55
CA GLN I 5 -5.31 27.75 38.21
C GLN I 5 -5.74 28.96 37.38
N LEU I 6 -6.97 28.93 36.87
CA LEU I 6 -7.48 29.95 35.97
C LEU I 6 -8.23 31.05 36.71
N VAL I 7 -8.03 32.29 36.26
CA VAL I 7 -8.72 33.45 36.80
C VAL I 7 -9.27 34.28 35.65
N GLU I 8 -10.59 34.41 35.58
CA GLU I 8 -11.24 35.27 34.61
C GLU I 8 -11.57 36.61 35.27
N SER I 9 -11.60 37.66 34.46
CA SER I 9 -11.91 38.98 34.98
C SER I 9 -12.39 39.86 33.84
N GLY I 10 -12.95 41.00 34.20
CA GLY I 10 -13.44 41.95 33.24
C GLY I 10 -14.93 41.96 33.08
N GLY I 11 -15.65 41.09 33.78
CA GLY I 11 -17.08 41.08 33.64
C GLY I 11 -17.69 42.32 34.29
N GLY I 12 -18.98 42.51 33.99
CA GLY I 12 -19.70 43.60 34.58
C GLY I 12 -21.05 43.77 33.93
N LEU I 13 -21.68 44.89 34.21
CA LEU I 13 -22.99 45.15 33.73
C LEU I 13 -22.89 46.21 32.64
N VAL I 14 -23.53 45.92 31.52
CA VAL I 14 -23.48 46.78 30.35
C VAL I 14 -24.79 46.71 29.58
N GLN I 15 -25.05 47.79 28.86
CA GLN I 15 -26.24 47.97 28.02
C GLN I 15 -26.09 47.30 26.69
N ALA I 16 -27.20 47.04 25.98
CA ALA I 16 -27.08 46.57 24.62
C ALA I 16 -26.29 47.55 23.77
N GLY I 17 -25.42 47.01 22.91
CA GLY I 17 -24.57 47.83 22.07
C GLY I 17 -23.22 48.21 22.67
N GLY I 18 -23.04 47.95 23.95
CA GLY I 18 -21.80 48.24 24.61
C GLY I 18 -20.64 47.32 24.26
N SER I 19 -19.62 47.39 25.09
CA SER I 19 -18.41 46.68 24.82
C SER I 19 -17.70 46.29 26.08
N LEU I 20 -17.20 45.07 26.06
CA LEU I 20 -16.49 44.57 27.18
C LEU I 20 -15.32 43.78 26.67
N ARG I 21 -14.31 43.67 27.53
CA ARG I 21 -13.17 42.83 27.26
C ARG I 21 -12.88 41.99 28.48
N LEU I 22 -12.92 40.68 28.32
CA LEU I 22 -12.61 39.77 29.41
C LEU I 22 -11.15 39.36 29.34
N THR I 23 -10.57 39.15 30.51
CA THR I 23 -9.17 38.75 30.63
C THR I 23 -9.12 37.39 31.30
N CYS I 24 -8.31 36.50 30.74
CA CYS I 24 -8.06 35.18 31.30
C CYS I 24 -6.58 35.10 31.64
N ALA I 25 -6.29 34.78 32.90
CA ALA I 25 -4.92 34.66 33.35
C ALA I 25 -4.80 33.43 34.23
N ALA I 26 -3.57 32.99 34.44
CA ALA I 26 -3.29 31.87 35.33
C ALA I 26 -2.66 32.43 36.60
N SER I 27 -3.32 32.21 37.74
CA SER I 27 -2.76 32.64 39.01
C SER I 27 -1.68 31.68 39.51
N ALA I 28 -1.75 30.43 39.06
CA ALA I 28 -0.67 29.46 39.26
C ALA I 28 -0.50 28.64 37.99
N GLY I 29 0.73 28.24 37.73
CA GLY I 29 1.00 27.53 36.50
C GLY I 29 0.95 28.46 35.29
N SER I 30 0.90 27.83 34.11
CA SER I 30 0.89 28.61 32.88
C SER I 30 0.19 27.83 31.79
N PHE I 31 -0.61 28.53 30.99
CA PHE I 31 -1.21 27.94 29.78
C PHE I 31 -0.49 28.39 28.51
N ARG I 32 0.75 28.86 28.65
CA ARG I 32 1.55 29.25 27.49
C ARG I 32 1.65 28.13 26.46
N GLY I 33 1.71 26.88 26.92
CA GLY I 33 1.91 25.76 26.06
C GLY I 33 0.67 25.18 25.42
N TYR I 34 -0.48 25.84 25.54
CA TYR I 34 -1.74 25.22 25.17
C TYR I 34 -2.65 26.20 24.42
N ALA I 35 -3.49 25.63 23.57
CA ALA I 35 -4.60 26.39 23.00
C ALA I 35 -5.53 26.81 24.13
N MET I 36 -6.19 27.94 23.97
CA MET I 36 -7.07 28.47 25.01
C MET I 36 -8.41 28.85 24.41
N GLY I 37 -9.48 28.70 25.20
CA GLY I 37 -10.81 28.96 24.71
C GLY I 37 -11.65 29.68 25.73
N TRP I 38 -12.66 30.38 25.23
CA TRP I 38 -13.65 31.04 26.06
C TRP I 38 -14.97 30.29 25.99
N PHE I 39 -15.61 30.15 27.15
CA PHE I 39 -16.91 29.49 27.28
C PHE I 39 -17.82 30.38 28.11
N ARG I 40 -19.12 30.17 27.96
CA ARG I 40 -20.10 30.92 28.74
C ARG I 40 -21.26 30.01 29.14
N GLN I 41 -21.88 30.32 30.27
CA GLN I 41 -23.02 29.53 30.72
C GLN I 41 -24.00 30.45 31.43
N ALA I 42 -25.25 30.53 30.91
CA ALA I 42 -26.36 31.21 31.55
C ALA I 42 -27.08 30.24 32.48
N PRO I 43 -27.76 30.73 33.52
CA PRO I 43 -28.40 29.80 34.47
C PRO I 43 -29.44 28.93 33.78
N GLY I 44 -29.28 27.63 33.96
CA GLY I 44 -30.15 26.62 33.39
C GLY I 44 -29.61 25.95 32.14
N LYS I 45 -29.06 26.72 31.20
CA LYS I 45 -28.67 26.15 29.91
C LYS I 45 -27.39 25.35 30.00
N GLU I 46 -27.00 24.86 28.83
CA GLU I 46 -25.78 24.12 28.60
C GLU I 46 -24.61 25.09 28.71
N ARG I 47 -23.42 24.58 28.98
CA ARG I 47 -22.26 25.44 28.84
C ARG I 47 -21.87 25.41 27.38
N GLU I 48 -21.49 26.57 26.85
CA GLU I 48 -21.30 26.71 25.41
C GLU I 48 -19.93 27.28 25.09
N PHE I 49 -19.32 26.70 24.06
CA PHE I 49 -18.07 27.20 23.52
C PHE I 49 -18.31 28.54 22.83
N VAL I 50 -17.39 29.47 23.03
CA VAL I 50 -17.50 30.81 22.46
C VAL I 50 -16.41 31.07 21.42
N ALA I 51 -15.14 30.89 21.79
CA ALA I 51 -14.03 31.18 20.88
C ALA I 51 -12.77 30.51 21.42
N ALA I 52 -11.82 30.27 20.52
CA ALA I 52 -10.56 29.67 20.88
C ALA I 52 -9.41 30.12 19.99
N VAL I 53 -8.20 30.09 20.52
CA VAL I 53 -7.03 30.53 19.76
C VAL I 53 -5.93 29.47 20.04
N SER I 54 -5.19 29.13 18.99
CA SER I 54 -4.15 28.16 19.08
C SER I 54 -2.95 28.78 19.78
N VAL I 55 -1.92 27.97 20.08
CA VAL I 55 -0.60 28.51 20.39
C VAL I 55 0.01 29.02 19.08
N LEU I 56 1.07 29.81 19.20
CA LEU I 56 1.80 30.29 18.03
C LEU I 56 2.83 29.26 17.59
N THR I 57 2.76 28.83 16.32
CA THR I 57 3.77 27.99 15.69
C THR I 57 4.52 28.81 14.63
N TRP I 58 5.54 28.18 14.04
CA TRP I 58 6.30 28.85 12.99
C TRP I 58 5.40 29.22 11.82
N SER I 59 4.37 28.42 11.56
CA SER I 59 3.43 28.65 10.45
C SER I 59 2.36 29.69 10.78
N GLY I 60 2.26 30.14 12.03
CA GLY I 60 1.24 31.08 12.46
C GLY I 60 0.36 30.48 13.53
N ASP I 61 -0.86 30.98 13.62
CA ASP I 61 -1.81 30.48 14.60
C ASP I 61 -3.15 30.33 13.91
N SER I 62 -4.16 29.92 14.66
CA SER I 62 -5.49 29.83 14.11
C SER I 62 -6.50 30.09 15.22
N THR I 63 -7.68 30.56 14.85
CA THR I 63 -8.75 30.81 15.79
C THR I 63 -10.03 30.18 15.26
N ASN I 64 -10.98 29.95 16.18
CA ASN I 64 -12.31 29.52 15.81
C ASN I 64 -13.31 30.27 16.68
N ILE I 65 -14.35 30.82 16.05
CA ILE I 65 -15.33 31.65 16.73
C ILE I 65 -16.71 31.01 16.56
N ALA I 66 -17.42 30.82 17.67
CA ALA I 66 -18.78 30.30 17.59
C ALA I 66 -19.63 31.23 16.73
N ASP I 67 -20.49 30.64 15.90
CA ASP I 67 -21.31 31.42 14.98
C ASP I 67 -22.21 32.43 15.70
N SER I 68 -22.67 32.09 16.91
CA SER I 68 -23.61 32.97 17.63
C SER I 68 -23.01 34.33 17.97
N VAL I 69 -21.68 34.42 18.05
CA VAL I 69 -20.99 35.66 18.40
C VAL I 69 -20.02 36.10 17.31
N LYS I 70 -19.94 35.36 16.21
CA LYS I 70 -19.01 35.70 15.13
C LYS I 70 -19.38 37.07 14.55
N GLY I 71 -18.36 37.90 14.34
CA GLY I 71 -18.59 39.25 13.86
C GLY I 71 -18.76 40.27 14.97
N ARG I 72 -18.88 39.82 16.21
CA ARG I 72 -19.05 40.67 17.37
C ARG I 72 -17.97 40.45 18.41
N PHE I 73 -17.58 39.20 18.65
CA PHE I 73 -16.53 38.87 19.61
C PHE I 73 -15.29 38.43 18.84
N THR I 74 -14.12 38.80 19.37
CA THR I 74 -12.84 38.32 18.86
C THR I 74 -12.00 37.87 20.04
N ILE I 75 -11.08 36.94 19.79
CA ILE I 75 -10.21 36.40 20.82
C ILE I 75 -8.76 36.60 20.41
N PHE I 76 -7.90 36.86 21.37
CA PHE I 76 -6.49 37.02 21.08
C PHE I 76 -5.67 36.80 22.34
N ARG I 77 -4.37 36.60 22.13
CA ARG I 77 -3.45 36.32 23.22
C ARG I 77 -2.39 37.40 23.30
N ASP I 78 -1.82 37.51 24.49
CA ASP I 78 -0.63 38.31 24.74
C ASP I 78 0.43 37.32 25.21
N THR I 79 1.45 37.10 24.39
CA THR I 79 2.48 36.13 24.74
C THR I 79 3.58 36.72 25.63
N ALA I 80 3.51 38.00 25.96
CA ALA I 80 4.43 38.55 26.95
C ALA I 80 3.86 38.38 28.34
N LYS I 81 2.55 38.53 28.46
CA LYS I 81 1.89 38.31 29.74
C LYS I 81 1.38 36.90 29.94
N ASN I 82 1.28 36.11 28.87
CA ASN I 82 0.63 34.79 28.90
C ASN I 82 -0.81 34.92 29.37
N THR I 83 -1.55 35.80 28.69
CA THR I 83 -2.95 36.03 28.97
C THR I 83 -3.74 35.86 27.68
N VAL I 84 -5.05 35.71 27.81
CA VAL I 84 -5.95 35.57 26.67
C VAL I 84 -7.14 36.49 26.92
N TYR I 85 -7.65 37.09 25.85
CA TYR I 85 -8.66 38.11 25.97
C TYR I 85 -9.85 37.77 25.08
N LEU I 86 -11.03 38.19 25.53
CA LEU I 86 -12.24 38.13 24.73
C LEU I 86 -12.77 39.55 24.62
N GLN I 87 -12.69 40.11 23.42
CA GLN I 87 -13.24 41.43 23.14
C GLN I 87 -14.68 41.24 22.67
N MET I 88 -15.64 41.75 23.44
CA MET I 88 -17.05 41.59 23.14
C MET I 88 -17.64 42.90 22.68
N ASN I 89 -17.95 42.99 21.39
CA ASN I 89 -18.62 44.15 20.82
C ASN I 89 -20.08 43.82 20.53
N SER I 90 -20.89 44.88 20.42
CA SER I 90 -22.29 44.77 20.01
C SER I 90 -23.06 43.80 20.90
N LEU I 91 -22.88 43.95 22.22
CA LEU I 91 -23.47 42.99 23.15
C LEU I 91 -24.99 43.01 23.08
N LYS I 92 -25.56 41.81 23.18
CA LYS I 92 -26.99 41.53 23.07
C LYS I 92 -27.50 40.96 24.39
N PRO I 93 -28.82 41.02 24.64
CA PRO I 93 -29.32 40.54 25.94
C PRO I 93 -28.98 39.08 26.21
N GLU I 94 -29.08 38.25 25.18
CA GLU I 94 -28.84 36.82 25.30
C GLU I 94 -27.37 36.48 25.49
N ASP I 95 -26.46 37.44 25.41
CA ASP I 95 -25.07 37.20 25.74
C ASP I 95 -24.84 37.19 27.25
N THR I 96 -25.86 37.48 28.03
CA THR I 96 -25.70 37.49 29.47
C THR I 96 -25.47 36.05 29.96
N ALA I 97 -24.38 35.85 30.74
CA ALA I 97 -23.94 34.54 31.18
C ALA I 97 -22.67 34.73 32.00
N VAL I 98 -22.25 33.66 32.66
CA VAL I 98 -20.92 33.61 33.28
C VAL I 98 -19.95 33.09 32.24
N TYR I 99 -18.82 33.77 32.07
CA TYR I 99 -17.84 33.42 31.05
C TYR I 99 -16.61 32.80 31.71
N TYR I 100 -16.12 31.71 31.13
CA TYR I 100 -15.01 30.92 31.64
C TYR I 100 -13.98 30.69 30.54
N CYS I 101 -12.72 30.56 30.92
CA CYS I 101 -11.67 30.16 30.00
C CYS I 101 -11.08 28.81 30.41
N ASN I 102 -10.58 28.07 29.41
CA ASN I 102 -9.91 26.80 29.65
C ASN I 102 -9.04 26.47 28.44
N GLY I 103 -8.19 25.43 28.61
CA GLY I 103 -7.19 25.10 27.62
C GLY I 103 -7.21 23.63 27.22
N ALA I 104 -6.50 23.35 26.13
CA ALA I 104 -6.28 22.00 25.62
C ALA I 104 -5.11 22.05 24.65
N SER I 105 -4.68 20.85 24.21
CA SER I 105 -3.57 20.78 23.26
C SER I 105 -3.96 21.30 21.88
N GLU I 106 -5.25 21.35 21.58
CA GLU I 106 -5.69 21.80 20.27
C GLU I 106 -7.11 22.31 20.37
N ILE I 107 -7.44 23.26 19.48
CA ILE I 107 -8.70 23.99 19.58
C ILE I 107 -9.90 23.09 19.30
N GLY I 108 -9.70 22.02 18.51
CA GLY I 108 -10.80 21.11 18.24
C GLY I 108 -11.39 20.51 19.49
N ALA I 109 -10.54 20.17 20.46
CA ALA I 109 -11.03 19.70 21.75
C ALA I 109 -11.86 20.77 22.46
N LEU I 110 -11.36 22.01 22.48
CA LEU I 110 -12.13 23.09 23.10
C LEU I 110 -13.47 23.30 22.40
N GLN I 111 -13.50 23.23 21.06
CA GLN I 111 -14.76 23.42 20.33
C GLN I 111 -15.83 22.45 20.78
N SER I 112 -15.40 21.27 21.18
CA SER I 112 -16.30 20.21 21.57
C SER I 112 -16.60 20.20 23.06
N GLY I 113 -16.06 21.16 23.77
CA GLY I 113 -16.26 21.29 25.20
C GLY I 113 -15.29 20.59 26.10
N ALA I 114 -14.30 19.87 25.57
CA ALA I 114 -13.33 19.20 26.42
C ALA I 114 -12.18 20.15 26.76
N SER I 115 -11.60 19.95 27.94
CA SER I 115 -10.53 20.83 28.39
C SER I 115 -9.68 20.12 29.44
N LEU I 116 -8.55 20.75 29.77
CA LEU I 116 -7.54 20.10 30.59
C LEU I 116 -7.70 20.37 32.07
N TRP I 117 -8.20 21.54 32.48
CA TRP I 117 -8.06 21.94 33.88
C TRP I 117 -9.41 22.22 34.53
N SER I 118 -9.39 22.30 35.85
CA SER I 118 -10.57 22.64 36.61
C SER I 118 -10.98 24.05 36.26
N TRP I 119 -12.28 24.26 36.21
CA TRP I 119 -12.78 25.55 35.87
C TRP I 119 -12.61 26.50 36.99
N GLY I 120 -12.46 27.77 36.67
CA GLY I 120 -12.32 28.78 37.68
C GLY I 120 -13.64 29.46 37.92
N GLN I 121 -13.60 30.56 38.63
CA GLN I 121 -14.82 31.17 39.13
C GLN I 121 -15.68 31.74 38.01
N GLY I 122 -15.07 32.04 36.87
CA GLY I 122 -15.77 32.70 35.79
C GLY I 122 -15.94 34.18 36.10
N THR I 123 -16.52 34.89 35.14
CA THR I 123 -16.79 36.31 35.35
C THR I 123 -18.16 36.64 34.79
N GLN I 124 -18.94 37.34 35.58
CA GLN I 124 -20.33 37.62 35.22
C GLN I 124 -20.41 38.74 34.20
N VAL I 125 -21.15 38.50 33.12
CA VAL I 125 -21.49 39.52 32.12
C VAL I 125 -23.00 39.64 32.10
N THR I 126 -23.51 40.82 32.36
CA THR I 126 -24.94 40.99 32.37
C THR I 126 -25.25 42.09 31.41
N VAL I 127 -26.15 41.80 30.48
CA VAL I 127 -26.55 42.78 29.48
C VAL I 127 -27.99 43.22 29.68
N VAL J 4 21.19 51.41 -18.64
CA VAL J 4 21.72 50.14 -18.10
C VAL J 4 22.51 49.35 -19.16
N GLN J 5 23.73 48.96 -18.80
CA GLN J 5 24.62 48.14 -19.62
C GLN J 5 24.78 46.77 -18.97
N LEU J 6 24.33 45.73 -19.66
CA LEU J 6 24.28 44.38 -19.11
C LEU J 6 25.56 43.60 -19.44
N VAL J 7 26.03 42.81 -18.46
CA VAL J 7 27.21 41.96 -18.61
C VAL J 7 26.86 40.59 -18.06
N GLU J 8 26.90 39.57 -18.93
CA GLU J 8 26.73 38.16 -18.54
C GLU J 8 28.08 37.46 -18.42
N SER J 9 28.14 36.43 -17.56
CA SER J 9 29.36 35.65 -17.42
C SER J 9 29.01 34.31 -16.78
N GLY J 10 29.97 33.41 -16.78
CA GLY J 10 29.85 32.11 -16.16
C GLY J 10 29.68 30.97 -17.14
N GLY J 11 29.61 31.25 -18.44
CA GLY J 11 29.44 30.20 -19.42
C GLY J 11 30.70 29.37 -19.55
N GLY J 12 30.57 28.26 -20.26
CA GLY J 12 31.69 27.40 -20.54
C GLY J 12 31.24 26.11 -21.19
N LEU J 13 32.17 25.16 -21.23
CA LEU J 13 31.94 23.85 -21.81
C LEU J 13 31.78 22.87 -20.66
N VAL J 14 30.70 22.11 -20.67
CA VAL J 14 30.42 21.20 -19.57
C VAL J 14 29.86 19.92 -20.16
N GLN J 15 30.02 18.82 -19.42
CA GLN J 15 29.55 17.55 -19.92
C GLN J 15 28.07 17.46 -19.62
N ALA J 16 27.36 16.71 -20.46
CA ALA J 16 25.93 16.52 -20.27
C ALA J 16 25.65 15.96 -18.88
N GLY J 17 24.59 16.47 -18.25
CA GLY J 17 24.25 16.10 -16.91
C GLY J 17 24.89 16.95 -15.84
N GLY J 18 25.90 17.75 -16.20
CA GLY J 18 26.55 18.64 -15.27
C GLY J 18 25.75 19.91 -15.01
N SER J 19 26.41 20.86 -14.37
CA SER J 19 25.73 22.07 -13.93
C SER J 19 26.65 23.28 -14.09
N LEU J 20 26.01 24.43 -14.25
CA LEU J 20 26.69 25.72 -14.37
C LEU J 20 25.81 26.79 -13.76
N ARG J 21 26.45 27.86 -13.32
CA ARG J 21 25.74 29.04 -12.87
C ARG J 21 26.18 30.29 -13.61
N LEU J 22 25.23 30.94 -14.26
CA LEU J 22 25.48 32.17 -15.00
C LEU J 22 25.20 33.36 -14.10
N THR J 23 25.94 34.44 -14.36
CA THR J 23 25.80 35.68 -13.60
C THR J 23 25.43 36.78 -14.58
N CYS J 24 24.49 37.63 -14.18
CA CYS J 24 24.11 38.84 -14.88
C CYS J 24 24.37 40.02 -13.96
N ALA J 25 25.16 40.99 -14.42
CA ALA J 25 25.47 42.21 -13.67
C ALA J 25 25.33 43.42 -14.58
N ALA J 26 25.24 44.60 -13.99
CA ALA J 26 25.13 45.85 -14.73
C ALA J 26 26.47 46.55 -14.69
N SER J 27 27.05 46.81 -15.86
CA SER J 27 28.29 47.59 -15.87
C SER J 27 28.02 49.09 -15.75
N ALA J 28 26.85 49.55 -16.16
CA ALA J 28 26.38 50.91 -15.93
C ALA J 28 24.90 50.88 -15.59
N GLY J 29 24.48 51.83 -14.76
CA GLY J 29 23.12 51.82 -14.30
C GLY J 29 22.88 50.69 -13.30
N SER J 30 21.59 50.44 -13.07
CA SER J 30 21.16 49.42 -12.11
C SER J 30 19.82 48.86 -12.55
N PHE J 31 19.67 47.54 -12.42
CA PHE J 31 18.36 46.93 -12.65
C PHE J 31 17.70 46.50 -11.35
N ARG J 32 18.15 47.07 -10.22
CA ARG J 32 17.54 46.81 -8.92
C ARG J 32 16.04 47.04 -8.95
N GLY J 33 15.59 48.04 -9.71
CA GLY J 33 14.19 48.44 -9.75
C GLY J 33 13.31 47.67 -10.71
N TYR J 34 13.79 46.58 -11.32
CA TYR J 34 13.08 45.96 -12.45
C TYR J 34 13.08 44.44 -12.33
N ALA J 35 12.05 43.81 -12.93
CA ALA J 35 12.08 42.37 -13.11
C ALA J 35 13.25 42.02 -14.04
N MET J 36 13.82 40.82 -13.85
CA MET J 36 14.97 40.40 -14.64
C MET J 36 14.74 39.00 -15.19
N GLY J 37 15.31 38.75 -16.38
CA GLY J 37 15.07 37.50 -17.08
C GLY J 37 16.30 37.04 -17.83
N TRP J 38 16.33 35.74 -18.10
CA TRP J 38 17.34 35.07 -18.91
C TRP J 38 16.70 34.61 -20.22
N PHE J 39 17.48 34.72 -21.31
CA PHE J 39 17.09 34.34 -22.67
C PHE J 39 18.25 33.55 -23.24
N ARG J 40 17.99 32.77 -24.29
CA ARG J 40 19.10 32.08 -24.92
C ARG J 40 18.87 32.03 -26.42
N GLN J 41 19.97 31.93 -27.17
CA GLN J 41 19.85 31.80 -28.61
C GLN J 41 20.97 30.90 -29.12
N ALA J 42 20.60 29.83 -29.74
CA ALA J 42 21.60 29.01 -30.42
C ALA J 42 21.74 29.44 -31.87
N PRO J 43 22.92 29.23 -32.48
CA PRO J 43 23.12 29.69 -33.87
C PRO J 43 22.17 28.97 -34.82
N GLY J 44 21.40 29.74 -35.60
CA GLY J 44 20.42 29.18 -36.51
C GLY J 44 18.98 29.29 -36.01
N LYS J 45 18.78 29.34 -34.70
CA LYS J 45 17.47 29.33 -34.07
C LYS J 45 17.10 30.74 -33.59
N GLU J 46 15.85 30.93 -33.19
CA GLU J 46 15.42 32.23 -32.66
C GLU J 46 15.79 32.38 -31.18
N ARG J 47 15.89 33.61 -30.72
CA ARG J 47 16.14 33.86 -29.32
C ARG J 47 14.84 33.64 -28.57
N GLU J 48 14.93 32.98 -27.40
CA GLU J 48 13.75 32.57 -26.64
C GLU J 48 13.92 32.84 -25.14
N PHE J 49 12.79 33.14 -24.50
CA PHE J 49 12.72 33.34 -23.06
C PHE J 49 13.07 32.05 -22.33
N VAL J 50 13.82 32.18 -21.23
CA VAL J 50 14.22 31.04 -20.40
C VAL J 50 13.64 31.13 -19.00
N ALA J 51 13.84 32.27 -18.32
CA ALA J 51 13.35 32.38 -16.94
C ALA J 51 13.23 33.84 -16.54
N ALA J 52 12.35 34.12 -15.56
CA ALA J 52 12.19 35.48 -15.06
C ALA J 52 11.93 35.48 -13.55
N VAL J 53 12.39 36.54 -12.89
CA VAL J 53 12.17 36.76 -11.46
C VAL J 53 11.76 38.21 -11.24
N SER J 54 10.76 38.43 -10.38
CA SER J 54 10.28 39.77 -10.10
C SER J 54 11.24 40.52 -9.16
N VAL J 55 10.95 41.82 -8.95
CA VAL J 55 11.53 42.53 -7.83
C VAL J 55 10.87 41.99 -6.57
N LEU J 56 11.51 42.26 -5.42
CA LEU J 56 10.96 41.89 -4.12
C LEU J 56 9.95 42.94 -3.65
N THR J 57 8.70 42.52 -3.38
CA THR J 57 7.68 43.37 -2.76
C THR J 57 7.40 42.92 -1.34
N TRP J 58 6.57 43.70 -0.62
CA TRP J 58 6.24 43.32 0.75
C TRP J 58 5.56 41.97 0.81
N SER J 59 4.81 41.61 -0.23
CA SER J 59 4.13 40.32 -0.36
C SER J 59 5.04 39.20 -0.80
N GLY J 60 6.28 39.50 -1.19
CA GLY J 60 7.22 38.50 -1.64
C GLY J 60 7.63 38.75 -3.09
N ASP J 61 7.95 37.66 -3.78
CA ASP J 61 8.38 37.76 -5.16
C ASP J 61 7.73 36.64 -5.97
N SER J 62 8.06 36.58 -7.26
CA SER J 62 7.49 35.56 -8.10
C SER J 62 8.46 35.25 -9.23
N THR J 63 8.40 34.01 -9.71
CA THR J 63 9.27 33.60 -10.81
C THR J 63 8.44 32.90 -11.88
N ASN J 64 9.00 32.86 -13.08
CA ASN J 64 8.41 32.08 -14.16
C ASN J 64 9.57 31.43 -14.90
N ILE J 65 9.46 30.13 -15.12
CA ILE J 65 10.50 29.36 -15.79
C ILE J 65 9.88 28.69 -17.02
N ALA J 66 10.53 28.83 -18.17
CA ALA J 66 10.06 28.21 -19.41
C ALA J 66 9.95 26.69 -19.28
N ASP J 67 8.92 26.13 -19.91
CA ASP J 67 8.68 24.69 -19.85
C ASP J 67 9.88 23.89 -20.34
N SER J 68 10.65 24.43 -21.27
CA SER J 68 11.80 23.71 -21.82
C SER J 68 12.89 23.42 -20.78
N VAL J 69 12.97 24.21 -19.72
CA VAL J 69 13.98 24.03 -18.68
C VAL J 69 13.37 23.85 -17.30
N LYS J 70 12.04 23.81 -17.19
CA LYS J 70 11.39 23.63 -15.90
C LYS J 70 11.82 22.33 -15.25
N GLY J 71 12.17 22.39 -13.97
CA GLY J 71 12.68 21.23 -13.28
C GLY J 71 14.18 21.05 -13.37
N ARG J 72 14.86 21.86 -14.18
CA ARG J 72 16.30 21.77 -14.33
C ARG J 72 17.01 23.09 -14.05
N PHE J 73 16.45 24.22 -14.51
CA PHE J 73 17.03 25.53 -14.27
C PHE J 73 16.21 26.28 -13.23
N THR J 74 16.87 27.06 -12.40
CA THR J 74 16.23 28.02 -11.52
C THR J 74 16.87 29.40 -11.66
N ILE J 75 16.15 30.45 -11.29
CA ILE J 75 16.64 31.81 -11.39
C ILE J 75 16.57 32.47 -10.01
N PHE J 76 17.54 33.30 -9.68
CA PHE J 76 17.48 33.97 -8.38
C PHE J 76 18.31 35.25 -8.40
N ARG J 77 18.04 36.11 -7.43
CA ARG J 77 18.68 37.41 -7.35
C ARG J 77 19.43 37.54 -6.04
N ASP J 78 20.42 38.41 -6.07
CA ASP J 78 21.13 38.87 -4.88
C ASP J 78 20.86 40.37 -4.78
N THR J 79 20.10 40.78 -3.78
CA THR J 79 19.76 42.20 -3.62
C THR J 79 20.83 42.99 -2.88
N ALA J 80 21.95 42.37 -2.47
CA ALA J 80 23.08 43.14 -1.95
C ALA J 80 24.05 43.51 -3.07
N LYS J 81 24.23 42.63 -4.03
CA LYS J 81 25.11 42.87 -5.17
C LYS J 81 24.39 43.51 -6.33
N ASN J 82 23.05 43.44 -6.33
CA ASN J 82 22.24 43.81 -7.50
C ASN J 82 22.63 42.99 -8.72
N THR J 83 22.61 41.68 -8.54
CA THR J 83 22.92 40.73 -9.59
C THR J 83 21.80 39.72 -9.71
N VAL J 84 21.82 38.98 -10.82
CA VAL J 84 20.84 37.94 -11.12
C VAL J 84 21.59 36.70 -11.61
N TYR J 85 21.09 35.53 -11.27
CA TYR J 85 21.78 34.28 -11.56
C TYR J 85 20.87 33.28 -12.24
N LEU J 86 21.47 32.43 -13.07
CA LEU J 86 20.79 31.29 -13.68
C LEU J 86 21.51 30.03 -13.24
N GLN J 87 20.87 29.23 -12.41
CA GLN J 87 21.42 27.93 -12.02
C GLN J 87 20.90 26.86 -12.97
N MET J 88 21.79 26.25 -13.72
CA MET J 88 21.45 25.26 -14.73
C MET J 88 21.92 23.88 -14.23
N ASN J 89 20.97 23.03 -13.87
CA ASN J 89 21.23 21.65 -13.48
C ASN J 89 20.80 20.70 -14.60
N SER J 90 21.36 19.49 -14.59
CA SER J 90 20.95 18.44 -15.53
C SER J 90 21.04 18.93 -16.97
N LEU J 91 22.18 19.53 -17.30
CA LEU J 91 22.36 20.14 -18.62
C LEU J 91 22.30 19.10 -19.74
N LYS J 92 21.71 19.48 -20.85
CA LYS J 92 21.57 18.63 -22.02
C LYS J 92 22.28 19.31 -23.18
N PRO J 93 22.71 18.54 -24.18
CA PRO J 93 23.32 19.18 -25.36
C PRO J 93 22.44 20.23 -26.01
N GLU J 94 21.12 20.01 -25.96
CA GLU J 94 20.16 20.95 -26.53
C GLU J 94 20.15 22.30 -25.82
N ASP J 95 20.76 22.40 -24.65
CA ASP J 95 20.87 23.66 -23.94
C ASP J 95 22.01 24.52 -24.50
N THR J 96 22.78 24.02 -25.47
CA THR J 96 23.88 24.79 -26.03
C THR J 96 23.33 26.03 -26.72
N ALA J 97 23.83 27.20 -26.32
CA ALA J 97 23.34 28.48 -26.83
C ALA J 97 24.14 29.58 -26.15
N VAL J 98 24.00 30.79 -26.66
CA VAL J 98 24.45 31.96 -25.93
C VAL J 98 23.31 32.42 -25.03
N TYR J 99 23.61 32.70 -23.77
CA TYR J 99 22.61 33.09 -22.78
C TYR J 99 22.76 34.59 -22.47
N TYR J 100 21.62 35.27 -22.36
CA TYR J 100 21.55 36.72 -22.18
C TYR J 100 20.57 37.05 -21.07
N CYS J 101 20.82 38.14 -20.37
CA CYS J 101 19.84 38.66 -19.43
C CYS J 101 19.31 40.01 -19.91
N ASN J 102 18.10 40.33 -19.47
CA ASN J 102 17.51 41.64 -19.73
C ASN J 102 16.41 41.83 -18.71
N GLY J 103 15.86 43.05 -18.65
CA GLY J 103 14.88 43.40 -17.65
C GLY J 103 13.60 43.97 -18.24
N ALA J 104 12.57 44.05 -17.38
CA ALA J 104 11.30 44.67 -17.75
C ALA J 104 10.56 45.08 -16.48
N SER J 105 9.46 45.79 -16.66
CA SER J 105 8.69 46.25 -15.51
C SER J 105 8.00 45.12 -14.76
N GLU J 106 7.77 43.97 -15.41
CA GLU J 106 7.14 42.83 -14.74
C GLU J 106 7.49 41.56 -15.50
N ILE J 107 7.39 40.41 -14.82
CA ILE J 107 7.86 39.18 -15.44
C ILE J 107 7.01 38.80 -16.64
N GLY J 108 5.73 39.18 -16.63
CA GLY J 108 4.87 38.88 -17.77
C GLY J 108 5.37 39.47 -19.07
N ALA J 109 5.92 40.69 -19.01
CA ALA J 109 6.50 41.28 -20.20
C ALA J 109 7.66 40.44 -20.74
N LEU J 110 8.55 39.97 -19.85
CA LEU J 110 9.67 39.14 -20.28
C LEU J 110 9.18 37.84 -20.93
N GLN J 111 8.14 37.22 -20.37
CA GLN J 111 7.55 36.00 -20.93
C GLN J 111 7.08 36.20 -22.35
N SER J 112 6.55 37.38 -22.66
CA SER J 112 6.09 37.65 -24.01
C SER J 112 7.17 38.30 -24.85
N GLY J 113 8.44 38.14 -24.47
CA GLY J 113 9.59 38.50 -25.29
C GLY J 113 10.08 39.93 -25.23
N ALA J 114 9.45 40.80 -24.46
CA ALA J 114 9.85 42.21 -24.38
C ALA J 114 10.97 42.44 -23.36
N SER J 115 11.75 43.49 -23.61
CA SER J 115 12.87 43.82 -22.73
C SER J 115 13.18 45.30 -22.84
N LEU J 116 13.91 45.81 -21.83
CA LEU J 116 14.10 47.24 -21.68
C LEU J 116 15.38 47.77 -22.29
N TRP J 117 16.47 47.01 -22.30
CA TRP J 117 17.77 47.57 -22.60
C TRP J 117 18.44 46.86 -23.77
N SER J 118 19.46 47.53 -24.31
CA SER J 118 20.28 46.91 -25.34
C SER J 118 20.88 45.62 -24.82
N TRP J 119 20.95 44.61 -25.69
CA TRP J 119 21.51 43.32 -25.32
C TRP J 119 23.00 43.42 -25.05
N GLY J 120 23.47 42.69 -24.04
CA GLY J 120 24.88 42.54 -23.84
C GLY J 120 25.41 41.44 -24.76
N GLN J 121 26.68 41.12 -24.58
CA GLN J 121 27.30 40.12 -25.46
C GLN J 121 26.84 38.71 -25.15
N GLY J 122 26.27 38.47 -23.97
CA GLY J 122 25.85 37.14 -23.60
C GLY J 122 27.04 36.30 -23.21
N THR J 123 26.75 35.07 -22.79
CA THR J 123 27.81 34.14 -22.39
C THR J 123 27.54 32.76 -22.98
N GLN J 124 28.57 32.16 -23.58
CA GLN J 124 28.43 30.90 -24.30
C GLN J 124 28.36 29.70 -23.37
N VAL J 125 27.37 28.85 -23.58
CA VAL J 125 27.24 27.59 -22.85
C VAL J 125 27.25 26.48 -23.90
N THR J 126 28.20 25.56 -23.78
CA THR J 126 28.30 24.43 -24.69
C THR J 126 28.25 23.15 -23.86
N VAL J 127 27.26 22.31 -24.14
CA VAL J 127 27.06 21.06 -23.41
C VAL J 127 27.43 19.92 -24.34
N SER J 128 28.52 19.25 -24.04
CA SER J 128 28.99 18.13 -24.84
C SER J 128 28.47 16.80 -24.26
N SER J 129 28.46 15.77 -25.08
CA SER J 129 27.84 14.51 -24.71
C SER J 129 28.50 13.80 -23.55
N GLU K 2 37.07 24.72 28.00
CA GLU K 2 35.88 23.90 28.11
C GLU K 2 34.71 24.83 28.44
N GLU K 3 33.71 24.90 27.56
CA GLU K 3 32.61 25.84 27.73
C GLU K 3 31.43 25.29 28.53
N PHE K 4 31.24 23.98 28.57
CA PHE K 4 30.10 23.40 29.26
C PHE K 4 30.52 22.18 30.08
N PRO K 5 29.81 21.88 31.17
CA PRO K 5 30.17 20.72 32.00
C PRO K 5 30.01 19.41 31.23
N VAL K 6 31.01 18.54 31.34
CA VAL K 6 31.00 17.28 30.62
C VAL K 6 30.43 16.19 31.52
N PRO K 7 29.44 15.41 31.05
CA PRO K 7 28.82 14.39 31.90
C PRO K 7 29.80 13.27 32.25
N ASN K 8 29.59 12.69 33.43
CA ASN K 8 30.40 11.55 33.89
C ASN K 8 30.40 10.45 32.85
N GLY K 9 31.58 9.92 32.56
CA GLY K 9 31.70 8.87 31.59
C GLY K 9 31.92 9.34 30.17
N PHE K 10 31.92 10.64 29.93
CA PHE K 10 32.07 11.18 28.59
C PHE K 10 33.40 11.92 28.45
N GLU K 11 33.92 11.93 27.25
CA GLU K 11 35.17 12.57 26.92
C GLU K 11 34.91 13.75 25.97
N SER K 12 35.55 14.86 26.22
CA SER K 12 35.54 16.00 25.31
C SER K 12 36.82 15.95 24.48
N ALA K 13 36.68 15.97 23.16
CA ALA K 13 37.83 15.79 22.28
C ALA K 13 37.64 16.56 20.98
N TYR K 14 38.67 16.53 20.15
CA TYR K 14 38.68 17.22 18.87
C TYR K 14 39.15 16.26 17.80
N ARG K 15 38.60 16.40 16.62
CA ARG K 15 39.10 15.72 15.45
C ARG K 15 39.06 16.63 14.25
N GLU K 16 40.10 16.52 13.46
CA GLU K 16 40.25 17.34 12.29
C GLU K 16 39.60 16.67 11.09
N VAL K 17 38.66 17.38 10.49
CA VAL K 17 38.03 16.89 9.30
C VAL K 17 38.22 17.90 8.18
N ASP K 18 38.86 17.46 7.10
CA ASP K 18 39.04 18.30 5.91
C ASP K 18 39.57 19.68 6.27
N GLY K 19 40.52 19.71 7.21
CA GLY K 19 41.17 20.93 7.63
C GLY K 19 40.45 21.69 8.73
N VAL K 20 39.26 21.25 9.13
CA VAL K 20 38.47 21.93 10.15
C VAL K 20 38.50 21.08 11.42
N LYS K 21 38.87 21.71 12.53
CA LYS K 21 39.00 21.04 13.82
C LYS K 21 37.63 21.02 14.50
N LEU K 22 36.99 19.86 14.53
CA LEU K 22 35.68 19.72 15.13
C LEU K 22 35.76 19.27 16.57
N HIS K 23 34.98 19.91 17.44
CA HIS K 23 34.83 19.51 18.82
C HIS K 23 33.60 18.62 18.97
N TYR K 24 33.71 17.60 19.83
CA TYR K 24 32.59 16.70 20.10
C TYR K 24 32.75 16.12 21.49
N VAL K 25 31.64 15.58 22.00
CA VAL K 25 31.63 14.87 23.28
C VAL K 25 31.13 13.47 23.01
N LYS K 26 31.81 12.47 23.57
CA LYS K 26 31.57 11.09 23.22
C LYS K 26 31.57 10.20 24.45
N GLY K 27 30.70 9.19 24.43
CA GLY K 27 30.62 8.19 25.50
C GLY K 27 29.73 7.04 25.08
N GLY K 28 29.71 6.00 25.94
CA GLY K 28 28.88 4.82 25.74
C GLY K 28 29.51 3.74 24.88
N GLN K 29 28.73 2.68 24.65
CA GLN K 29 29.18 1.56 23.83
C GLN K 29 28.01 1.00 23.03
N GLY K 30 28.33 0.45 21.86
CA GLY K 30 27.36 -0.11 20.96
C GLY K 30 27.38 0.59 19.61
N PRO K 31 26.33 0.40 18.82
CA PRO K 31 26.24 1.10 17.53
C PRO K 31 26.24 2.61 17.77
N LEU K 32 26.67 3.35 16.75
CA LEU K 32 26.87 4.79 16.90
C LEU K 32 25.58 5.58 16.70
N VAL K 33 25.35 6.56 17.58
CA VAL K 33 24.31 7.56 17.40
C VAL K 33 24.95 8.94 17.48
N MET K 34 24.76 9.74 16.45
CA MET K 34 25.24 11.11 16.43
C MET K 34 24.07 12.05 16.72
N LEU K 35 24.30 13.00 17.62
CA LEU K 35 23.32 14.01 18.02
C LEU K 35 23.83 15.37 17.58
N VAL K 36 23.05 16.09 16.78
CA VAL K 36 23.48 17.36 16.20
C VAL K 36 22.56 18.48 16.68
N HIS K 37 23.12 19.42 17.44
CA HIS K 37 22.38 20.52 18.04
C HIS K 37 22.01 21.56 16.99
N GLY K 38 21.30 22.60 17.44
CA GLY K 38 20.89 23.68 16.56
C GLY K 38 21.32 25.07 17.03
N PHE K 39 20.73 26.10 16.41
CA PHE K 39 21.11 27.46 16.69
C PHE K 39 20.74 27.88 18.11
N GLY K 40 21.63 28.67 18.74
CA GLY K 40 21.45 29.13 20.09
C GLY K 40 21.99 28.19 21.15
N GLN K 41 22.45 27.03 20.72
CA GLN K 41 22.95 26.03 21.61
C GLN K 41 24.20 25.35 21.11
N THR K 42 24.60 24.30 21.79
CA THR K 42 25.80 23.55 21.49
C THR K 42 25.49 22.07 21.71
N TRP K 43 26.53 21.24 21.69
CA TRP K 43 26.37 19.84 22.05
C TRP K 43 25.63 19.69 23.38
N TYR K 44 25.79 20.67 24.28
CA TYR K 44 25.31 20.56 25.65
C TYR K 44 23.79 20.39 25.75
N GLU K 45 23.02 20.81 24.75
CA GLU K 45 21.58 20.58 24.83
C GLU K 45 21.26 19.09 24.95
N TRP K 46 22.18 18.21 24.56
CA TRP K 46 21.98 16.78 24.62
C TRP K 46 22.44 16.14 25.92
N HIS K 47 22.94 16.93 26.87
CA HIS K 47 23.64 16.36 28.01
C HIS K 47 22.72 15.55 28.93
N GLN K 48 21.41 15.74 28.85
CA GLN K 48 20.51 14.88 29.62
C GLN K 48 20.18 13.59 28.88
N LEU K 49 20.18 13.63 27.55
CA LEU K 49 19.86 12.42 26.79
C LEU K 49 21.06 11.50 26.69
N MET K 50 22.26 12.09 26.57
CA MET K 50 23.48 11.32 26.37
C MET K 50 23.72 10.21 27.40
N PRO K 51 23.60 10.44 28.73
CA PRO K 51 23.83 9.33 29.66
C PRO K 51 22.88 8.17 29.47
N GLU K 52 21.64 8.43 29.06
CA GLU K 52 20.69 7.34 28.84
C GLU K 52 21.03 6.56 27.58
N LEU K 53 21.29 7.27 26.48
CA LEU K 53 21.66 6.59 25.25
C LEU K 53 22.97 5.82 25.39
N ALA K 54 23.89 6.30 26.23
CA ALA K 54 25.19 5.66 26.33
C ALA K 54 25.12 4.27 26.95
N LYS K 55 23.96 3.89 27.52
CA LYS K 55 23.77 2.56 28.05
C LYS K 55 23.63 1.50 26.96
N ARG K 56 23.26 1.92 25.75
CA ARG K 56 23.04 0.99 24.65
C ARG K 56 23.80 1.37 23.39
N PHE K 57 24.36 2.59 23.32
CA PHE K 57 24.96 3.10 22.10
C PHE K 57 26.27 3.80 22.43
N THR K 58 27.10 3.92 21.40
CA THR K 58 28.18 4.89 21.41
C THR K 58 27.57 6.21 20.95
N VAL K 59 27.71 7.24 21.78
CA VAL K 59 27.02 8.51 21.57
C VAL K 59 28.06 9.58 21.28
N ILE K 60 27.88 10.32 20.19
CA ILE K 60 28.76 11.43 19.84
C ILE K 60 27.90 12.67 19.58
N ALA K 61 28.29 13.77 20.21
CA ALA K 61 27.59 15.05 20.07
C ALA K 61 28.60 16.11 19.67
N PRO K 62 28.71 16.43 18.39
CA PRO K 62 29.64 17.47 17.94
C PRO K 62 29.03 18.86 18.06
N ASP K 63 29.92 19.84 18.12
CA ASP K 63 29.56 21.23 17.92
C ASP K 63 29.57 21.50 16.42
N LEU K 64 28.49 22.12 15.93
CA LEU K 64 28.45 22.50 14.52
C LEU K 64 29.63 23.40 14.19
N PRO K 65 30.15 23.33 12.96
CA PRO K 65 31.28 24.18 12.58
C PRO K 65 31.01 25.64 12.90
N GLY K 66 31.99 26.26 13.55
CA GLY K 66 31.92 27.65 13.99
C GLY K 66 31.24 27.86 15.32
N LEU K 67 30.41 26.93 15.77
CA LEU K 67 29.66 27.08 17.01
C LEU K 67 30.33 26.24 18.10
N GLY K 68 30.02 26.58 19.36
CA GLY K 68 30.68 25.91 20.46
C GLY K 68 32.19 25.99 20.32
N GLN K 69 32.85 24.83 20.36
CA GLN K 69 34.30 24.77 20.26
C GLN K 69 34.77 24.19 18.92
N SER K 70 33.91 24.16 17.91
CA SER K 70 34.33 23.71 16.58
C SER K 70 34.76 24.90 15.75
N GLU K 71 35.83 24.71 14.95
CA GLU K 71 36.29 25.74 14.03
C GLU K 71 35.25 25.99 12.95
N PRO K 72 35.23 27.19 12.37
CA PRO K 72 34.30 27.48 11.25
C PRO K 72 34.57 26.57 10.06
N PRO K 73 33.57 26.33 9.22
CA PRO K 73 33.82 25.50 8.03
C PRO K 73 34.72 26.26 7.07
N LYS K 74 35.46 25.51 6.26
CA LYS K 74 36.34 26.14 5.29
C LYS K 74 35.75 26.17 3.89
N THR K 75 34.79 25.30 3.59
CA THR K 75 34.12 25.34 2.30
C THR K 75 33.03 26.42 2.32
N GLY K 76 32.01 26.22 3.13
CA GLY K 76 30.93 27.17 3.24
C GLY K 76 29.91 26.64 4.22
N TYR K 77 28.82 27.39 4.36
CA TYR K 77 27.81 27.11 5.37
C TYR K 77 26.52 26.51 4.82
N SER K 78 26.46 26.24 3.52
CA SER K 78 25.27 25.56 3.00
C SER K 78 25.20 24.15 3.59
N GLY K 79 23.98 23.61 3.59
CA GLY K 79 23.76 22.30 4.17
C GLY K 79 24.62 21.23 3.52
N GLU K 80 24.73 21.27 2.19
CA GLU K 80 25.53 20.25 1.50
C GLU K 80 27.01 20.35 1.86
N GLN K 81 27.52 21.55 2.09
CA GLN K 81 28.92 21.71 2.47
C GLN K 81 29.16 21.27 3.90
N VAL K 82 28.31 21.73 4.82
CA VAL K 82 28.50 21.42 6.23
C VAL K 82 28.28 19.94 6.51
N ALA K 83 27.36 19.31 5.78
CA ALA K 83 27.09 17.89 5.97
C ALA K 83 28.31 17.02 5.73
N VAL K 84 29.22 17.46 4.84
CA VAL K 84 30.42 16.66 4.58
C VAL K 84 31.22 16.47 5.86
N TYR K 85 31.44 17.55 6.61
CA TYR K 85 32.22 17.47 7.84
C TYR K 85 31.58 16.50 8.83
N LEU K 86 30.26 16.58 8.99
CA LEU K 86 29.59 15.75 9.98
C LEU K 86 29.57 14.28 9.55
N HIS K 87 29.41 14.02 8.25
CA HIS K 87 29.41 12.65 7.77
C HIS K 87 30.78 11.99 7.98
N LYS K 88 31.84 12.69 7.60
CA LYS K 88 33.18 12.14 7.75
C LYS K 88 33.53 11.94 9.21
N LEU K 89 33.06 12.84 10.08
CA LEU K 89 33.29 12.65 11.51
C LEU K 89 32.63 11.36 11.99
N ALA K 90 31.37 11.16 11.65
CA ALA K 90 30.66 9.96 12.06
C ALA K 90 31.32 8.70 11.51
N ARG K 91 31.74 8.73 10.24
CA ARG K 91 32.34 7.51 9.68
C ARG K 91 33.69 7.18 10.31
N GLN K 92 34.38 8.16 10.89
CA GLN K 92 35.62 7.83 11.59
C GLN K 92 35.35 6.91 12.78
N PHE K 93 34.16 7.01 13.37
CA PHE K 93 33.78 6.18 14.51
C PHE K 93 32.88 5.01 14.12
N SER K 94 32.34 4.99 12.91
CA SER K 94 31.53 3.87 12.42
C SER K 94 31.86 3.62 10.95
N PRO K 95 33.11 3.24 10.66
CA PRO K 95 33.53 3.13 9.24
C PRO K 95 32.98 1.91 8.51
N ASP K 96 32.51 0.88 9.21
CA ASP K 96 32.08 -0.36 8.58
C ASP K 96 30.60 -0.68 8.72
N ARG K 97 29.84 0.11 9.46
CA ARG K 97 28.44 -0.16 9.74
C ARG K 97 27.68 1.16 9.75
N PRO K 98 26.36 1.11 9.53
CA PRO K 98 25.57 2.35 9.60
C PRO K 98 25.39 2.84 11.03
N PHE K 99 25.07 4.13 11.15
CA PHE K 99 24.83 4.76 12.44
C PHE K 99 23.48 5.47 12.44
N ASP K 100 23.00 5.77 13.64
CA ASP K 100 21.76 6.52 13.79
C ASP K 100 22.07 8.01 13.90
N LEU K 101 21.10 8.82 13.53
CA LEU K 101 21.26 10.26 13.54
C LEU K 101 20.06 10.92 14.20
N VAL K 102 20.33 11.79 15.18
CA VAL K 102 19.34 12.64 15.82
C VAL K 102 19.78 14.09 15.62
N ALA K 103 18.90 14.92 15.09
CA ALA K 103 19.27 16.31 14.83
C ALA K 103 18.14 17.24 15.22
N HIS K 104 18.52 18.41 15.73
CA HIS K 104 17.61 19.43 16.22
C HIS K 104 17.91 20.75 15.50
N ASP K 105 16.85 21.44 15.08
CA ASP K 105 16.93 22.79 14.53
C ASP K 105 17.84 22.79 13.31
N ILE K 106 18.81 23.70 13.20
CA ILE K 106 19.66 23.74 12.02
C ILE K 106 20.58 22.53 11.93
N GLY K 107 20.64 21.68 12.98
CA GLY K 107 21.24 20.37 12.81
C GLY K 107 20.59 19.59 11.68
N ILE K 108 19.28 19.81 11.46
CA ILE K 108 18.61 19.20 10.31
C ILE K 108 19.18 19.75 9.02
N TRP K 109 19.31 21.07 8.94
CA TRP K 109 19.84 21.69 7.72
C TRP K 109 21.19 21.12 7.37
N ASN K 110 22.01 20.87 8.38
CA ASN K 110 23.40 20.50 8.19
C ASN K 110 23.61 19.00 8.10
N THR K 111 22.53 18.18 8.14
CA THR K 111 22.64 16.73 7.99
C THR K 111 21.80 16.14 6.87
N TYR K 112 20.68 16.77 6.49
CA TYR K 112 19.84 16.18 5.44
C TYR K 112 20.60 15.84 4.17
N PRO K 113 21.49 16.69 3.63
CA PRO K 113 22.18 16.30 2.38
C PRO K 113 23.01 15.05 2.50
N MET K 114 23.68 14.86 3.61
CA MET K 114 24.41 13.63 3.89
C MET K 114 23.48 12.44 3.84
N VAL K 115 22.34 12.60 4.47
CA VAL K 115 21.45 11.49 4.77
C VAL K 115 20.92 10.99 3.46
N VAL K 116 20.40 11.91 2.65
CA VAL K 116 19.79 11.50 1.39
C VAL K 116 20.83 10.99 0.40
N LYS K 117 22.07 11.48 0.49
CA LYS K 117 23.13 11.06 -0.42
C LYS K 117 23.85 9.79 0.04
N ASN K 118 23.72 9.40 1.30
CA ASN K 118 24.43 8.26 1.87
C ASN K 118 23.48 7.42 2.71
N GLN K 119 22.34 7.03 2.13
CA GLN K 119 21.29 6.37 2.88
C GLN K 119 21.75 5.05 3.49
N ALA K 120 22.67 4.34 2.83
CA ALA K 120 23.17 3.09 3.38
C ALA K 120 23.96 3.29 4.67
N ASP K 121 24.49 4.50 4.90
CA ASP K 121 25.23 4.82 6.12
C ASP K 121 24.33 5.16 7.30
N ILE K 122 23.04 5.40 7.08
CA ILE K 122 22.15 5.85 8.15
C ILE K 122 21.17 4.73 8.46
N ALA K 123 21.19 4.26 9.70
CA ALA K 123 20.29 3.19 10.10
C ALA K 123 18.91 3.74 10.43
N ARG K 124 18.85 4.67 11.35
CA ARG K 124 17.60 5.29 11.68
C ARG K 124 17.79 6.79 11.89
N LEU K 125 16.75 7.56 11.68
CA LEU K 125 16.82 9.01 11.58
C LEU K 125 15.76 9.61 12.49
N VAL K 126 16.18 10.59 13.31
CA VAL K 126 15.29 11.37 14.16
C VAL K 126 15.55 12.84 13.89
N TYR K 127 14.54 13.56 13.43
CA TYR K 127 14.59 14.98 13.14
C TYR K 127 13.57 15.69 14.01
N MET K 128 13.98 16.79 14.67
CA MET K 128 13.05 17.51 15.54
C MET K 128 13.18 19.01 15.37
N GLU K 129 12.02 19.70 15.32
CA GLU K 129 11.94 21.15 15.52
C GLU K 129 12.82 21.96 14.57
N ALA K 130 12.54 21.82 13.27
CA ALA K 130 12.97 22.75 12.23
C ALA K 130 12.50 22.23 10.88
N PRO K 131 12.27 23.11 9.92
CA PRO K 131 11.99 22.64 8.56
C PRO K 131 13.25 22.16 7.87
N ILE K 132 13.10 21.15 7.04
CA ILE K 132 14.15 20.94 6.05
C ILE K 132 14.10 22.11 5.08
N PRO K 133 15.24 22.76 4.74
CA PRO K 133 15.18 23.91 3.85
C PRO K 133 14.56 23.55 2.49
N ASP K 134 13.39 24.11 2.23
CA ASP K 134 12.73 24.05 0.93
C ASP K 134 11.81 25.25 0.82
N ALA K 135 11.06 25.33 -0.29
CA ALA K 135 10.24 26.50 -0.58
C ALA K 135 9.12 26.71 0.43
N ARG K 136 8.81 25.71 1.25
CA ARG K 136 7.80 25.91 2.29
C ARG K 136 8.20 27.03 3.25
N ILE K 137 9.50 27.25 3.47
CA ILE K 137 9.91 28.25 4.43
C ILE K 137 9.58 29.66 3.97
N TYR K 138 9.33 29.86 2.67
CA TYR K 138 8.95 31.17 2.18
C TYR K 138 7.49 31.50 2.49
N ARG K 139 6.78 30.59 3.15
CA ARG K 139 5.39 30.80 3.52
C ARG K 139 5.19 31.18 4.98
N PHE K 140 6.21 31.01 5.83
CA PHE K 140 6.07 31.39 7.24
C PHE K 140 5.79 32.89 7.35
N PRO K 141 4.80 33.31 8.14
CA PRO K 141 4.43 34.73 8.18
C PRO K 141 5.46 35.58 8.93
N ALA K 142 5.68 36.80 8.42
CA ALA K 142 6.57 37.73 9.11
C ALA K 142 5.98 38.22 10.42
N PHE K 143 4.67 38.39 10.48
CA PHE K 143 4.00 39.01 11.62
C PHE K 143 2.70 38.27 11.83
N THR K 144 2.26 38.17 13.09
CA THR K 144 1.10 37.35 13.42
C THR K 144 0.13 38.13 14.29
N ALA K 145 -1.08 37.58 14.41
CA ALA K 145 -2.10 38.11 15.32
C ALA K 145 -1.72 37.97 16.78
N GLN K 146 -0.68 37.21 17.10
CA GLN K 146 -0.15 37.13 18.45
C GLN K 146 1.09 38.00 18.59
N GLY K 147 1.39 38.85 17.61
CA GLY K 147 2.54 39.73 17.69
C GLY K 147 3.78 39.13 17.05
N GLU K 148 4.94 39.31 17.69
CA GLU K 148 6.23 38.81 17.22
C GLU K 148 6.12 37.37 16.71
N SER K 149 6.47 37.17 15.43
CA SER K 149 6.45 35.81 14.90
C SER K 149 7.69 35.03 15.35
N LEU K 150 7.67 33.77 15.08
CA LEU K 150 8.80 32.90 15.44
C LEU K 150 9.85 32.74 14.34
N VAL K 151 9.64 33.34 13.17
CA VAL K 151 10.51 33.11 12.05
C VAL K 151 11.15 34.37 11.48
N TRP K 152 10.82 35.52 12.08
CA TRP K 152 11.41 36.78 11.61
C TRP K 152 12.93 36.79 11.62
N HIS K 153 13.53 36.08 12.56
CA HIS K 153 14.99 36.07 12.67
C HIS K 153 15.67 35.52 11.42
N PHE K 154 14.99 34.67 10.62
CA PHE K 154 15.58 34.20 9.36
C PHE K 154 16.11 35.38 8.55
N SER K 155 15.27 36.41 8.38
CA SER K 155 15.67 37.58 7.61
C SER K 155 16.65 38.48 8.38
N PHE K 156 16.44 38.67 9.69
CA PHE K 156 17.41 39.43 10.49
C PHE K 156 18.81 38.86 10.33
N PHE K 157 18.94 37.55 10.52
CA PHE K 157 20.24 36.89 10.43
C PHE K 157 20.76 36.87 8.99
N ALA K 158 19.88 36.75 7.99
CA ALA K 158 20.37 36.72 6.62
C ALA K 158 20.70 38.10 6.05
N ALA K 159 20.31 39.18 6.72
CA ALA K 159 20.52 40.52 6.17
C ALA K 159 22.00 40.77 5.92
N ASP K 160 22.30 41.54 4.86
CA ASP K 160 23.67 41.89 4.55
C ASP K 160 24.12 43.01 5.50
N ASP K 161 25.31 43.57 5.27
CA ASP K 161 25.89 44.63 6.07
C ASP K 161 26.30 44.14 7.46
N ARG K 162 26.37 42.84 7.69
CA ARG K 162 26.66 42.31 9.02
C ARG K 162 25.69 42.91 10.04
N LEU K 163 24.43 43.08 9.62
CA LEU K 163 23.44 43.75 10.46
C LEU K 163 23.32 43.06 11.82
N ALA K 164 23.11 41.74 11.81
CA ALA K 164 22.81 41.04 13.04
C ALA K 164 24.01 41.02 13.99
N GLU K 165 25.22 40.77 13.48
CA GLU K 165 26.41 40.86 14.32
C GLU K 165 26.55 42.25 14.92
N THR K 166 26.35 43.29 14.10
CA THR K 166 26.55 44.65 14.56
C THR K 166 25.56 45.01 15.66
N LEU K 167 24.30 44.63 15.50
CA LEU K 167 23.33 45.01 16.54
C LEU K 167 23.48 44.15 17.78
N ILE K 168 23.82 42.87 17.63
CA ILE K 168 23.79 41.96 18.77
C ILE K 168 25.11 41.96 19.56
N ALA K 169 26.22 42.25 18.89
CA ALA K 169 27.52 42.25 19.57
C ALA K 169 27.48 43.14 20.81
N GLY K 170 27.94 42.58 21.94
CA GLY K 170 27.85 43.24 23.22
C GLY K 170 26.54 43.01 23.93
N LYS K 171 25.54 42.47 23.22
CA LYS K 171 24.22 42.19 23.78
C LYS K 171 23.83 40.73 23.59
N GLU K 172 24.80 39.84 23.50
CA GLU K 172 24.54 38.45 23.18
C GLU K 172 23.63 37.80 24.21
N ARG K 173 23.92 38.04 25.49
CA ARG K 173 23.13 37.44 26.55
C ARG K 173 21.70 37.96 26.51
N PHE K 174 21.53 39.26 26.28
CA PHE K 174 20.20 39.84 26.20
C PHE K 174 19.42 39.28 25.01
N PHE K 175 20.05 39.21 23.84
CA PHE K 175 19.33 38.69 22.68
C PHE K 175 19.00 37.21 22.83
N LEU K 176 19.97 36.41 23.31
CA LEU K 176 19.75 34.98 23.37
C LEU K 176 18.62 34.63 24.34
N GLU K 177 18.52 35.35 25.46
CA GLU K 177 17.42 35.07 26.39
C GLU K 177 16.06 35.38 25.76
N HIS K 178 15.96 36.51 25.08
CA HIS K 178 14.72 36.82 24.38
C HIS K 178 14.43 35.76 23.33
N PHE K 179 15.44 35.43 22.52
CA PHE K 179 15.25 34.45 21.46
C PHE K 179 14.79 33.11 22.03
N ILE K 180 15.51 32.59 23.02
CA ILE K 180 15.16 31.29 23.56
C ILE K 180 13.77 31.32 24.18
N LYS K 181 13.52 32.27 25.08
CA LYS K 181 12.25 32.28 25.80
C LYS K 181 11.06 32.54 24.88
N SER K 182 11.21 33.39 23.87
CA SER K 182 10.10 33.61 22.94
C SER K 182 9.82 32.36 22.09
N HIS K 183 10.78 31.45 21.95
CA HIS K 183 10.56 30.19 21.25
C HIS K 183 10.28 29.04 22.21
N ALA K 184 10.08 29.33 23.49
CA ALA K 184 9.85 28.31 24.49
C ALA K 184 8.43 28.40 25.02
N SER K 185 7.90 27.25 25.45
CA SER K 185 6.72 27.20 26.29
C SER K 185 7.07 27.03 27.76
N ASN K 186 8.01 26.14 28.07
CA ASN K 186 8.51 25.96 29.42
C ASN K 186 9.74 26.85 29.60
N THR K 187 9.48 28.13 29.85
CA THR K 187 10.57 29.09 29.93
C THR K 187 11.41 28.93 31.19
N GLU K 188 10.87 28.32 32.24
CA GLU K 188 11.57 28.30 33.53
C GLU K 188 12.74 27.32 33.56
N VAL K 189 12.83 26.40 32.59
CA VAL K 189 13.97 25.49 32.53
C VAL K 189 15.24 26.20 32.09
N PHE K 190 15.15 27.39 31.51
CA PHE K 190 16.35 28.09 31.08
C PHE K 190 16.74 29.01 32.21
N SER K 191 17.54 28.48 33.13
CA SER K 191 18.05 29.18 34.28
C SER K 191 19.02 30.27 33.87
N GLU K 192 19.30 31.19 34.77
CA GLU K 192 20.32 32.19 34.51
C GLU K 192 21.66 31.56 34.26
N ARG K 193 21.96 30.49 34.94
CA ARG K 193 23.25 29.84 34.71
C ARG K 193 23.32 29.23 33.31
N LEU K 194 22.25 28.55 32.88
CA LEU K 194 22.21 27.97 31.54
C LEU K 194 22.32 29.04 30.46
N LEU K 195 21.61 30.15 30.64
CA LEU K 195 21.68 31.21 29.65
C LEU K 195 23.09 31.80 29.55
N ASP K 196 23.78 31.95 30.70
CA ASP K 196 25.13 32.53 30.69
C ASP K 196 26.11 31.65 29.90
N LEU K 197 26.03 30.34 30.08
CA LEU K 197 26.95 29.44 29.38
C LEU K 197 26.73 29.52 27.86
N TYR K 198 25.48 29.48 27.43
CA TYR K 198 25.21 29.58 26.00
C TYR K 198 25.62 30.95 25.44
N ALA K 199 25.33 32.04 26.19
CA ALA K 199 25.67 33.36 25.70
C ALA K 199 27.17 33.54 25.59
N ARG K 200 27.89 33.08 26.57
CA ARG K 200 29.32 33.10 26.53
C ARG K 200 29.88 32.38 25.31
N SER K 201 29.32 31.24 24.96
CA SER K 201 29.77 30.50 23.79
C SER K 201 29.52 31.30 22.51
N TYR K 202 28.31 31.85 22.37
CA TYR K 202 27.97 32.56 21.15
C TYR K 202 28.58 33.95 21.06
N ALA K 203 28.98 34.54 22.18
CA ALA K 203 29.58 35.86 22.09
C ALA K 203 30.98 35.80 21.49
N LYS K 204 31.57 34.61 21.32
CA LYS K 204 32.84 34.53 20.63
C LYS K 204 32.65 35.07 19.21
N PRO K 205 33.46 36.05 18.79
CA PRO K 205 33.17 36.74 17.51
C PRO K 205 32.97 35.82 16.31
N HIS K 206 33.78 34.78 16.14
CA HIS K 206 33.58 33.91 15.00
C HIS K 206 32.35 33.02 15.15
N SER K 207 31.93 32.75 16.38
CA SER K 207 30.73 31.94 16.60
C SER K 207 29.48 32.76 16.33
N LEU K 208 29.50 34.05 16.72
CA LEU K 208 28.39 34.94 16.40
C LEU K 208 28.23 35.08 14.89
N ASN K 209 29.33 35.33 14.19
CA ASN K 209 29.28 35.39 12.73
C ASN K 209 28.86 34.04 12.13
N ALA K 210 29.51 32.96 12.58
CA ALA K 210 29.17 31.64 12.05
C ALA K 210 27.69 31.36 12.21
N SER K 211 27.13 31.71 13.37
CA SER K 211 25.70 31.53 13.60
C SER K 211 24.87 32.07 12.44
N PHE K 212 25.14 33.30 12.03
CA PHE K 212 24.31 33.92 11.01
C PHE K 212 24.66 33.44 9.61
N GLU K 213 25.88 32.95 9.39
CA GLU K 213 26.26 32.48 8.06
C GLU K 213 25.40 31.30 7.63
N TYR K 214 24.97 30.49 8.59
CA TYR K 214 24.03 29.40 8.29
C TYR K 214 22.76 29.92 7.65
N TYR K 215 22.25 31.04 8.15
CA TYR K 215 21.02 31.61 7.59
C TYR K 215 21.29 32.33 6.29
N ARG K 216 22.48 32.91 6.14
CA ARG K 216 22.85 33.54 4.88
C ARG K 216 23.02 32.51 3.76
N ALA K 217 23.28 31.25 4.11
CA ALA K 217 23.42 30.17 3.15
C ALA K 217 22.12 29.40 2.96
N LEU K 218 21.05 29.82 3.66
CA LEU K 218 19.79 29.09 3.64
C LEU K 218 19.19 29.03 2.22
N ASN K 219 19.27 30.12 1.47
CA ASN K 219 18.71 30.03 0.12
C ASN K 219 19.49 29.07 -0.76
N GLU K 220 20.83 28.98 -0.58
CA GLU K 220 21.59 27.99 -1.32
C GLU K 220 21.21 26.57 -0.90
N SER K 221 21.00 26.36 0.42
CA SER K 221 20.55 25.06 0.91
C SER K 221 19.21 24.67 0.31
N VAL K 222 18.28 25.62 0.20
CA VAL K 222 16.99 25.35 -0.44
C VAL K 222 17.19 24.86 -1.88
N ARG K 223 18.05 25.54 -2.64
CA ARG K 223 18.32 25.15 -4.03
C ARG K 223 18.96 23.77 -4.11
N GLN K 224 19.93 23.48 -3.23
CA GLN K 224 20.54 22.16 -3.17
C GLN K 224 19.49 21.09 -2.92
N ASN K 225 18.62 21.34 -1.93
CA ASN K 225 17.66 20.31 -1.53
C ASN K 225 16.59 20.07 -2.59
N ALA K 226 16.30 21.08 -3.42
CA ALA K 226 15.36 20.86 -4.52
C ALA K 226 15.86 19.77 -5.45
N GLU K 227 17.17 19.69 -5.67
CA GLU K 227 17.71 18.59 -6.46
C GLU K 227 17.77 17.30 -5.66
N LEU K 228 18.30 17.38 -4.44
CA LEU K 228 18.49 16.17 -3.64
C LEU K 228 17.18 15.48 -3.32
N ALA K 229 16.09 16.24 -3.16
CA ALA K 229 14.82 15.61 -2.76
C ALA K 229 14.18 14.82 -3.87
N LYS K 230 14.82 14.69 -5.04
CA LYS K 230 14.30 13.78 -6.04
C LYS K 230 14.47 12.31 -5.65
N THR K 231 15.27 12.03 -4.62
CA THR K 231 15.39 10.71 -4.04
C THR K 231 14.78 10.76 -2.64
N ARG K 232 13.74 9.97 -2.40
CA ARG K 232 13.11 9.94 -1.08
C ARG K 232 13.95 9.17 -0.08
N LEU K 233 13.81 9.53 1.19
CA LEU K 233 14.51 8.81 2.25
C LEU K 233 13.83 7.47 2.51
N GLN K 234 14.65 6.43 2.66
CA GLN K 234 14.17 5.07 2.78
C GLN K 234 14.32 4.47 4.18
N MET K 235 15.10 5.05 5.04
CA MET K 235 15.30 4.45 6.36
C MET K 235 14.14 4.83 7.28
N PRO K 236 13.93 4.07 8.36
CA PRO K 236 12.87 4.46 9.31
C PRO K 236 13.19 5.83 9.90
N THR K 237 12.17 6.69 9.92
CA THR K 237 12.37 8.06 10.36
C THR K 237 11.35 8.42 11.43
N MET K 238 11.76 9.23 12.40
CA MET K 238 10.85 9.78 13.40
C MET K 238 11.02 11.29 13.50
N THR K 239 9.91 12.01 13.48
CA THR K 239 9.92 13.44 13.73
C THR K 239 9.32 13.73 15.10
N LEU K 240 9.89 14.73 15.77
CA LEU K 240 9.33 15.27 17.00
C LEU K 240 9.15 16.78 16.82
N ALA K 241 8.05 17.30 17.32
CA ALA K 241 7.78 18.72 17.29
C ALA K 241 7.09 19.11 18.59
N GLY K 242 7.29 20.36 19.00
CA GLY K 242 6.57 20.88 20.15
C GLY K 242 5.16 21.29 19.78
N GLY K 243 4.22 21.00 20.66
CA GLY K 243 2.84 21.41 20.49
C GLY K 243 2.45 22.67 21.21
N GLY K 244 3.38 23.30 21.95
CA GLY K 244 3.11 24.53 22.64
C GLY K 244 3.61 25.74 21.85
N HIS K 245 3.54 26.90 22.49
CA HIS K 245 4.08 28.12 21.90
C HIS K 245 5.56 27.90 21.56
N GLY K 246 5.95 28.27 20.34
CA GLY K 246 7.33 28.18 19.92
C GLY K 246 7.66 26.99 19.04
N GLY K 247 6.78 25.99 18.98
CA GLY K 247 7.07 24.77 18.24
C GLY K 247 6.63 24.79 16.77
N MET K 248 6.97 23.70 16.06
CA MET K 248 6.56 23.51 14.67
C MET K 248 5.14 22.95 14.55
N GLY K 249 4.63 22.29 15.59
CA GLY K 249 3.33 21.66 15.54
C GLY K 249 3.25 20.58 14.45
N THR K 250 2.11 20.54 13.77
CA THR K 250 1.93 19.48 12.77
C THR K 250 2.79 19.68 11.52
N PHE K 251 3.41 20.87 11.35
CA PHE K 251 4.22 21.10 10.16
C PHE K 251 5.33 20.07 10.03
N GLN K 252 6.00 19.74 11.14
CA GLN K 252 7.17 18.86 11.10
C GLN K 252 6.86 17.54 10.40
N LEU K 253 5.84 16.82 10.87
CA LEU K 253 5.51 15.53 10.26
C LEU K 253 5.01 15.73 8.83
N GLU K 254 4.18 16.75 8.60
CA GLU K 254 3.58 16.90 7.30
C GLU K 254 4.64 17.14 6.22
N GLN K 255 5.67 17.94 6.52
CA GLN K 255 6.74 18.12 5.55
C GLN K 255 7.50 16.82 5.35
N MET K 256 7.82 16.13 6.45
CA MET K 256 8.65 14.94 6.35
C MET K 256 8.00 13.87 5.50
N LYS K 257 6.66 13.80 5.52
CA LYS K 257 5.95 12.84 4.67
C LYS K 257 6.28 13.02 3.20
N ALA K 258 6.68 14.23 2.81
CA ALA K 258 7.07 14.46 1.42
C ALA K 258 8.50 14.03 1.15
N TYR K 259 9.30 13.78 2.18
CA TYR K 259 10.70 13.39 2.03
C TYR K 259 10.97 11.92 2.32
N ALA K 260 10.16 11.25 3.13
CA ALA K 260 10.50 9.93 3.62
C ALA K 260 9.34 8.96 3.44
N GLU K 261 9.67 7.70 3.11
CA GLU K 261 8.64 6.67 2.94
C GLU K 261 8.12 6.16 4.28
N ASP K 262 9.01 6.02 5.23
CA ASP K 262 8.69 5.35 6.46
C ASP K 262 8.91 6.30 7.61
N VAL K 263 7.86 6.96 8.07
CA VAL K 263 8.04 7.97 9.08
C VAL K 263 6.92 7.99 10.08
N GLU K 264 7.31 8.04 11.34
CA GLU K 264 6.37 8.31 12.39
C GLU K 264 6.67 9.64 13.05
N GLY K 265 5.63 10.30 13.54
CA GLY K 265 5.80 11.59 14.15
C GLY K 265 5.02 11.79 15.41
N HIS K 266 5.50 12.68 16.24
CA HIS K 266 4.84 12.99 17.50
C HIS K 266 4.90 14.49 17.74
N VAL K 267 3.82 15.02 18.32
CA VAL K 267 3.76 16.41 18.75
C VAL K 267 3.66 16.41 20.26
N LEU K 268 4.63 17.03 20.93
CA LEU K 268 4.71 16.99 22.39
C LEU K 268 3.89 18.12 23.00
N PRO K 269 2.79 17.83 23.70
CA PRO K 269 1.94 18.89 24.23
C PRO K 269 2.66 19.73 25.28
N GLY K 270 2.34 21.03 25.28
CA GLY K 270 2.93 21.96 26.23
C GLY K 270 4.39 22.29 26.01
N CYS K 271 4.98 21.89 24.88
CA CYS K 271 6.40 22.01 24.65
C CYS K 271 6.65 22.95 23.48
N GLY K 272 7.65 23.82 23.63
CA GLY K 272 8.01 24.73 22.56
C GLY K 272 9.09 24.18 21.65
N HIS K 273 10.01 25.04 21.22
CA HIS K 273 11.06 24.70 20.26
C HIS K 273 12.18 23.84 20.87
N TRP K 274 12.47 24.03 22.15
CA TRP K 274 13.68 23.46 22.76
C TRP K 274 13.37 22.15 23.47
N LEU K 275 12.95 21.15 22.69
CA LEU K 275 12.45 19.89 23.27
C LEU K 275 13.39 19.25 24.27
N PRO K 276 14.70 19.09 23.99
CA PRO K 276 15.53 18.34 24.95
C PRO K 276 15.58 18.95 26.32
N GLU K 277 15.47 20.27 26.39
CA GLU K 277 15.47 20.99 27.66
C GLU K 277 14.06 21.23 28.21
N GLU K 278 13.12 21.55 27.33
CA GLU K 278 11.76 21.86 27.78
C GLU K 278 11.01 20.59 28.19
N CYS K 279 11.21 19.49 27.47
CA CYS K 279 10.43 18.28 27.67
C CYS K 279 11.35 17.05 27.63
N ALA K 280 12.33 17.05 28.53
CA ALA K 280 13.39 16.04 28.52
C ALA K 280 12.81 14.63 28.67
N ALA K 281 11.95 14.44 29.67
CA ALA K 281 11.46 13.10 29.96
C ALA K 281 10.64 12.51 28.81
N PRO K 282 9.61 13.18 28.27
CA PRO K 282 8.89 12.59 27.14
C PRO K 282 9.76 12.46 25.89
N MET K 283 10.61 13.45 25.61
CA MET K 283 11.44 13.40 24.42
C MET K 283 12.48 12.29 24.50
N ASN K 284 13.17 12.18 25.64
CA ASN K 284 14.15 11.11 25.82
C ASN K 284 13.51 9.74 25.65
N ARG K 285 12.34 9.54 26.26
CA ARG K 285 11.59 8.29 26.15
C ARG K 285 11.34 7.92 24.70
N LEU K 286 10.86 8.89 23.90
CA LEU K 286 10.54 8.65 22.50
C LEU K 286 11.78 8.29 21.70
N VAL K 287 12.87 9.06 21.88
CA VAL K 287 14.09 8.83 21.11
C VAL K 287 14.67 7.45 21.42
N ILE K 288 14.84 7.16 22.71
CA ILE K 288 15.41 5.87 23.12
C ILE K 288 14.58 4.72 22.57
N ASP K 289 13.26 4.80 22.74
CA ASP K 289 12.38 3.78 22.20
C ASP K 289 12.56 3.61 20.69
N PHE K 290 12.51 4.73 19.94
CA PHE K 290 12.61 4.63 18.49
C PHE K 290 13.91 3.97 18.07
N LEU K 291 14.99 4.23 18.76
CA LEU K 291 16.26 3.68 18.36
C LEU K 291 16.50 2.26 18.84
N SER K 292 15.59 1.73 19.62
CA SER K 292 15.81 0.44 20.24
C SER K 292 15.11 -0.75 19.57
N ARG K 293 13.88 -0.57 19.13
CA ARG K 293 13.17 -1.65 18.45
C ARG K 293 13.99 -2.47 17.46
N GLU L 2 15.83 73.24 15.22
CA GLU L 2 15.33 72.61 13.99
C GLU L 2 16.18 71.43 13.50
N GLU L 3 15.53 70.29 13.36
CA GLU L 3 16.25 69.09 12.96
C GLU L 3 16.45 69.04 11.45
N PHE L 4 15.60 69.72 10.69
CA PHE L 4 15.69 69.67 9.24
C PHE L 4 15.55 71.08 8.67
N PRO L 5 16.21 71.34 7.53
CA PRO L 5 16.11 72.67 6.93
C PRO L 5 14.68 72.95 6.49
N VAL L 6 14.20 74.14 6.81
CA VAL L 6 12.82 74.52 6.49
C VAL L 6 12.78 75.27 5.17
N PRO L 7 11.88 74.90 4.24
CA PRO L 7 11.83 75.60 2.95
C PRO L 7 11.40 77.05 3.12
N ASN L 8 11.97 77.91 2.26
CA ASN L 8 11.62 79.33 2.27
C ASN L 8 10.13 79.53 2.06
N GLY L 9 9.54 80.41 2.86
CA GLY L 9 8.13 80.65 2.82
C GLY L 9 7.34 79.76 3.76
N PHE L 10 8.00 78.85 4.47
CA PHE L 10 7.36 77.95 5.40
C PHE L 10 7.79 78.28 6.82
N GLU L 11 6.89 78.03 7.76
CA GLU L 11 7.17 78.25 9.17
C GLU L 11 7.23 76.90 9.89
N SER L 12 8.19 76.78 10.78
CA SER L 12 8.23 75.67 11.71
C SER L 12 7.59 76.13 13.01
N ALA L 13 6.58 75.39 13.46
CA ALA L 13 5.79 75.81 14.61
C ALA L 13 5.34 74.59 15.39
N TYR L 14 4.71 74.87 16.54
CA TYR L 14 4.18 73.88 17.46
C TYR L 14 2.78 74.27 17.87
N ARG L 15 1.92 73.27 18.08
CA ARG L 15 0.59 73.51 18.62
C ARG L 15 0.21 72.35 19.51
N GLU L 16 -0.38 72.69 20.65
CA GLU L 16 -0.79 71.72 21.65
C GLU L 16 -2.14 71.13 21.34
N VAL L 17 -2.20 69.82 21.21
CA VAL L 17 -3.41 69.08 20.95
C VAL L 17 -3.55 68.04 22.06
N ASP L 18 -4.64 68.13 22.82
CA ASP L 18 -4.95 67.21 23.90
C ASP L 18 -3.76 66.99 24.82
N GLY L 19 -3.03 68.07 25.10
CA GLY L 19 -1.92 68.01 26.02
C GLY L 19 -0.59 67.61 25.41
N VAL L 20 -0.57 67.25 24.14
CA VAL L 20 0.65 66.83 23.46
C VAL L 20 1.06 67.94 22.51
N LYS L 21 2.31 68.35 22.58
CA LYS L 21 2.83 69.45 21.77
C LYS L 21 3.29 68.87 20.44
N LEU L 22 2.50 69.10 19.39
CA LEU L 22 2.82 68.57 18.07
C LEU L 22 3.61 69.58 17.27
N HIS L 23 4.67 69.10 16.62
CA HIS L 23 5.45 69.91 15.70
C HIS L 23 4.92 69.73 14.28
N TYR L 24 4.96 70.81 13.50
CA TYR L 24 4.57 70.78 12.10
C TYR L 24 5.29 71.89 11.35
N VAL L 25 5.27 71.78 10.03
CA VAL L 25 5.77 72.81 9.14
C VAL L 25 4.62 73.19 8.22
N LYS L 26 4.40 74.49 8.05
CA LYS L 26 3.21 74.99 7.38
C LYS L 26 3.60 76.13 6.44
N GLY L 27 2.91 76.20 5.30
CA GLY L 27 3.13 77.24 4.33
C GLY L 27 2.02 77.22 3.31
N GLY L 28 2.04 78.22 2.43
CA GLY L 28 1.06 78.28 1.37
C GLY L 28 -0.23 78.91 1.85
N GLN L 29 -1.17 78.95 0.96
CA GLN L 29 -2.49 79.41 1.28
C GLN L 29 -3.52 78.85 0.35
N GLY L 30 -4.76 78.81 0.82
CA GLY L 30 -5.84 78.13 0.16
C GLY L 30 -6.32 77.00 1.04
N PRO L 31 -7.10 76.09 0.47
CA PRO L 31 -7.59 74.94 1.23
C PRO L 31 -6.44 74.11 1.81
N LEU L 32 -6.73 73.40 2.89
CA LEU L 32 -5.69 72.71 3.65
C LEU L 32 -5.41 71.32 3.09
N VAL L 33 -4.12 70.99 2.98
CA VAL L 33 -3.66 69.63 2.72
C VAL L 33 -2.73 69.25 3.86
N MET L 34 -3.01 68.14 4.52
CA MET L 34 -2.12 67.61 5.54
C MET L 34 -1.34 66.45 4.94
N LEU L 35 -0.02 66.46 5.13
CA LEU L 35 0.88 65.42 4.66
C LEU L 35 1.45 64.71 5.87
N VAL L 36 1.26 63.40 5.96
CA VAL L 36 1.65 62.65 7.15
C VAL L 36 2.71 61.63 6.74
N HIS L 37 3.91 61.79 7.26
CA HIS L 37 5.06 60.95 6.98
C HIS L 37 5.01 59.60 7.65
N GLY L 38 6.02 58.80 7.36
CA GLY L 38 6.13 57.49 7.94
C GLY L 38 7.34 57.16 8.77
N PHE L 39 7.52 55.87 9.01
CA PHE L 39 8.63 55.40 9.83
C PHE L 39 9.98 55.65 9.20
N GLY L 40 10.92 56.00 10.04
CA GLY L 40 12.26 56.27 9.60
C GLY L 40 12.48 57.68 9.11
N GLN L 41 11.42 58.49 9.05
CA GLN L 41 11.51 59.83 8.49
C GLN L 41 10.70 60.78 9.36
N THR L 42 10.58 62.01 8.88
CA THR L 42 9.87 63.07 9.58
C THR L 42 9.08 63.86 8.53
N TRP L 43 8.53 65.00 8.95
CA TRP L 43 7.88 65.89 7.99
C TRP L 43 8.76 66.18 6.79
N TYR L 44 10.09 66.14 6.97
CA TYR L 44 11.05 66.55 5.94
C TYR L 44 10.96 65.74 4.64
N GLU L 45 10.43 64.51 4.69
CA GLU L 45 10.32 63.75 3.44
C GLU L 45 9.43 64.48 2.43
N TRP L 46 8.59 65.38 2.90
CA TRP L 46 7.70 66.15 2.05
C TRP L 46 8.32 67.46 1.55
N HIS L 47 9.58 67.74 1.86
CA HIS L 47 10.10 69.08 1.62
C HIS L 47 10.22 69.41 0.13
N GLN L 48 10.22 68.41 -0.75
CA GLN L 48 10.20 68.70 -2.19
C GLN L 48 8.79 68.92 -2.74
N LEU L 49 7.80 68.25 -2.16
CA LEU L 49 6.42 68.41 -2.64
C LEU L 49 5.80 69.68 -2.09
N MET L 50 6.12 70.02 -0.85
CA MET L 50 5.48 71.14 -0.16
C MET L 50 5.55 72.46 -0.91
N PRO L 51 6.70 72.92 -1.43
CA PRO L 51 6.71 74.20 -2.15
C PRO L 51 5.81 74.23 -3.36
N GLU L 52 5.65 73.10 -4.06
CA GLU L 52 4.78 73.05 -5.23
C GLU L 52 3.30 73.07 -4.85
N LEU L 53 2.89 72.26 -3.88
CA LEU L 53 1.49 72.29 -3.44
C LEU L 53 1.13 73.64 -2.83
N ALA L 54 2.08 74.30 -2.18
CA ALA L 54 1.75 75.56 -1.49
C ALA L 54 1.38 76.68 -2.46
N LYS L 55 1.55 76.47 -3.77
CA LYS L 55 1.11 77.47 -4.74
C LYS L 55 -0.42 77.55 -4.79
N ARG L 56 -1.12 76.49 -4.42
CA ARG L 56 -2.58 76.51 -4.42
C ARG L 56 -3.21 76.08 -3.10
N PHE L 57 -2.45 75.57 -2.14
CA PHE L 57 -3.01 75.00 -0.94
C PHE L 57 -2.27 75.52 0.28
N THR L 58 -2.97 75.50 1.41
CA THR L 58 -2.31 75.60 2.68
C THR L 58 -1.81 74.21 3.04
N VAL L 59 -0.51 74.07 3.25
CA VAL L 59 0.12 72.77 3.40
C VAL L 59 0.68 72.67 4.81
N ILE L 60 0.30 71.60 5.52
CA ILE L 60 0.81 71.35 6.86
C ILE L 60 1.35 69.93 6.91
N ALA L 61 2.56 69.79 7.42
CA ALA L 61 3.23 68.50 7.52
C ALA L 61 3.64 68.32 8.97
N PRO L 62 2.85 67.61 9.76
CA PRO L 62 3.22 67.39 11.16
C PRO L 62 4.22 66.26 11.31
N ASP L 63 4.95 66.29 12.43
CA ASP L 63 5.71 65.16 12.91
C ASP L 63 4.80 64.27 13.73
N LEU L 64 4.81 62.97 13.44
CA LEU L 64 4.02 62.03 14.21
C LEU L 64 4.40 62.09 15.70
N PRO L 65 3.43 61.88 16.59
CA PRO L 65 3.72 61.91 18.03
C PRO L 65 4.90 61.03 18.40
N GLY L 66 5.82 61.58 19.17
CA GLY L 66 7.03 60.90 19.54
C GLY L 66 8.13 60.99 18.51
N LEU L 67 7.80 61.27 17.26
CA LEU L 67 8.81 61.34 16.21
C LEU L 67 9.09 62.81 15.87
N GLY L 68 10.22 63.01 15.18
CA GLY L 68 10.63 64.36 14.82
C GLY L 68 10.71 65.21 16.06
N GLN L 69 10.02 66.35 16.04
CA GLN L 69 9.99 67.28 17.16
C GLN L 69 8.65 67.27 17.88
N SER L 70 7.82 66.25 17.66
CA SER L 70 6.54 66.13 18.36
C SER L 70 6.68 65.31 19.64
N GLU L 71 5.95 65.73 20.68
CA GLU L 71 5.91 65.00 21.93
C GLU L 71 5.22 63.64 21.74
N PRO L 72 5.57 62.65 22.56
CA PRO L 72 4.91 61.35 22.50
C PRO L 72 3.43 61.47 22.83
N PRO L 73 2.60 60.54 22.36
CA PRO L 73 1.18 60.61 22.71
C PRO L 73 0.96 60.22 24.16
N LYS L 74 -0.13 60.72 24.72
CA LYS L 74 -0.47 60.39 26.10
C LYS L 74 -1.51 59.31 26.21
N THR L 75 -2.34 59.12 25.20
CA THR L 75 -3.32 58.03 25.22
C THR L 75 -2.65 56.72 24.82
N GLY L 76 -2.18 56.62 23.59
CA GLY L 76 -1.52 55.41 23.14
C GLY L 76 -1.11 55.55 21.69
N TYR L 77 -0.56 54.45 21.16
CA TYR L 77 0.02 54.45 19.82
C TYR L 77 -0.80 53.69 18.79
N SER L 78 -1.99 53.20 19.15
CA SER L 78 -2.80 52.57 18.12
C SER L 78 -3.30 53.63 17.14
N GLY L 79 -3.70 53.17 15.95
CA GLY L 79 -4.12 54.10 14.91
C GLY L 79 -5.25 55.00 15.36
N GLU L 80 -6.25 54.43 16.04
CA GLU L 80 -7.41 55.22 16.45
C GLU L 80 -7.05 56.27 17.50
N GLN L 81 -6.07 56.00 18.34
CA GLN L 81 -5.62 56.96 19.31
C GLN L 81 -4.87 58.11 18.66
N VAL L 82 -3.84 57.80 17.91
CA VAL L 82 -3.02 58.80 17.27
C VAL L 82 -3.83 59.62 16.30
N ALA L 83 -4.82 58.99 15.67
CA ALA L 83 -5.68 59.68 14.71
C ALA L 83 -6.33 60.93 15.32
N VAL L 84 -6.61 60.88 16.62
CA VAL L 84 -7.25 61.97 17.32
C VAL L 84 -6.38 63.19 17.22
N TYR L 85 -5.11 63.05 17.55
CA TYR L 85 -4.19 64.18 17.53
C TYR L 85 -4.13 64.80 16.14
N LEU L 86 -4.04 63.97 15.11
CA LEU L 86 -3.90 64.50 13.76
C LEU L 86 -5.20 65.12 13.27
N HIS L 87 -6.34 64.51 13.61
CA HIS L 87 -7.62 65.06 13.23
C HIS L 87 -7.84 66.43 13.86
N LYS L 88 -7.55 66.54 15.17
CA LYS L 88 -7.71 67.81 15.85
C LYS L 88 -6.72 68.85 15.35
N LEU L 89 -5.50 68.44 15.02
CA LEU L 89 -4.52 69.39 14.49
C LEU L 89 -5.01 70.02 13.20
N ALA L 90 -5.42 69.18 12.23
CA ALA L 90 -5.91 69.70 10.95
C ALA L 90 -7.12 70.59 11.14
N ARG L 91 -8.04 70.20 12.02
CA ARG L 91 -9.24 71.00 12.24
C ARG L 91 -8.98 72.37 12.76
N GLN L 92 -7.87 72.55 13.48
CA GLN L 92 -7.52 73.87 13.98
C GLN L 92 -7.24 74.82 12.84
N PHE L 93 -6.73 74.32 11.72
CA PHE L 93 -6.42 75.17 10.59
C PHE L 93 -7.50 75.15 9.53
N SER L 94 -8.43 74.20 9.59
CA SER L 94 -9.54 74.13 8.64
C SER L 94 -10.82 73.72 9.36
N PRO L 95 -11.30 74.56 10.30
CA PRO L 95 -12.46 74.15 11.11
C PRO L 95 -13.78 74.18 10.38
N ASP L 96 -13.88 74.91 9.25
CA ASP L 96 -15.16 75.13 8.60
C ASP L 96 -15.23 74.45 7.24
N ARG L 97 -14.15 73.79 6.84
CA ARG L 97 -13.98 73.29 5.49
C ARG L 97 -13.37 71.89 5.54
N PRO L 98 -13.69 71.04 4.57
CA PRO L 98 -13.01 69.75 4.48
C PRO L 98 -11.60 69.97 3.96
N PHE L 99 -10.72 69.03 4.28
CA PHE L 99 -9.32 69.12 3.89
C PHE L 99 -8.88 67.84 3.18
N ASP L 100 -7.74 67.93 2.50
CA ASP L 100 -7.10 66.82 1.83
C ASP L 100 -6.07 66.16 2.74
N LEU L 101 -5.83 64.87 2.52
CA LEU L 101 -4.88 64.10 3.32
C LEU L 101 -4.00 63.27 2.42
N VAL L 102 -2.68 63.40 2.59
CA VAL L 102 -1.68 62.57 1.93
C VAL L 102 -0.87 61.90 3.03
N ALA L 103 -0.77 60.58 2.97
CA ALA L 103 -0.06 59.86 4.03
C ALA L 103 0.80 58.77 3.42
N HIS L 104 1.95 58.54 4.06
CA HIS L 104 2.96 57.59 3.63
C HIS L 104 3.26 56.63 4.76
N ASP L 105 3.29 55.34 4.45
CA ASP L 105 3.77 54.29 5.37
C ASP L 105 2.89 54.34 6.62
N ILE L 106 3.47 54.37 7.83
CA ILE L 106 2.63 54.35 9.03
C ILE L 106 1.82 55.62 9.19
N GLY L 107 2.09 56.65 8.38
CA GLY L 107 1.15 57.76 8.28
C GLY L 107 -0.24 57.28 7.91
N ILE L 108 -0.32 56.20 7.13
CA ILE L 108 -1.60 55.59 6.81
C ILE L 108 -2.25 55.01 8.07
N TRP L 109 -1.47 54.25 8.84
CA TRP L 109 -1.99 53.62 10.06
C TRP L 109 -2.61 54.66 10.98
N ASN L 110 -1.98 55.83 11.06
CA ASN L 110 -2.33 56.86 12.01
C ASN L 110 -3.35 57.84 11.47
N THR L 111 -3.86 57.62 10.26
CA THR L 111 -4.90 58.51 9.74
C THR L 111 -6.17 57.80 9.32
N TYR L 112 -6.08 56.53 8.95
CA TYR L 112 -7.26 55.86 8.45
C TYR L 112 -8.43 56.00 9.42
N PRO L 113 -8.21 55.84 10.73
CA PRO L 113 -9.39 55.94 11.58
C PRO L 113 -10.14 57.25 11.57
N MET L 114 -9.41 58.35 11.52
CA MET L 114 -9.96 59.67 11.38
C MET L 114 -10.77 59.76 10.12
N VAL L 115 -10.22 59.25 9.05
CA VAL L 115 -10.86 59.32 7.75
C VAL L 115 -12.18 58.59 7.75
N VAL L 116 -12.16 57.36 8.24
CA VAL L 116 -13.37 56.56 8.14
C VAL L 116 -14.46 57.09 9.07
N LYS L 117 -14.06 57.69 10.20
CA LYS L 117 -15.01 58.20 11.18
C LYS L 117 -15.46 59.64 10.93
N ASN L 118 -14.75 60.39 10.09
CA ASN L 118 -15.03 61.80 9.84
C ASN L 118 -14.98 62.10 8.36
N GLN L 119 -15.72 61.33 7.55
CA GLN L 119 -15.56 61.41 6.11
C GLN L 119 -15.88 62.79 5.55
N ALA L 120 -16.85 63.50 6.15
CA ALA L 120 -17.18 64.83 5.67
C ALA L 120 -16.05 65.82 5.88
N ASP L 121 -15.12 65.50 6.77
CA ASP L 121 -13.95 66.34 7.02
C ASP L 121 -12.86 66.13 5.99
N ILE L 122 -12.92 65.07 5.20
CA ILE L 122 -11.88 64.69 4.25
C ILE L 122 -12.42 64.92 2.84
N ALA L 123 -11.77 65.80 2.08
CA ALA L 123 -12.23 66.04 0.72
C ALA L 123 -11.65 64.98 -0.22
N ARG L 124 -10.33 64.88 -0.28
CA ARG L 124 -9.68 63.90 -1.14
C ARG L 124 -8.56 63.24 -0.34
N LEU L 125 -8.20 62.00 -0.72
CA LEU L 125 -7.28 61.16 0.05
C LEU L 125 -6.23 60.53 -0.87
N VAL L 126 -4.96 60.64 -0.50
CA VAL L 126 -3.86 59.95 -1.20
C VAL L 126 -3.10 59.13 -0.18
N TYR L 127 -3.04 57.82 -0.41
CA TYR L 127 -2.35 56.86 0.43
C TYR L 127 -1.24 56.22 -0.39
N MET L 128 -0.04 56.14 0.17
CA MET L 128 1.06 55.55 -0.58
C MET L 128 1.93 54.66 0.31
N GLU L 129 2.29 53.48 -0.24
CA GLU L 129 3.36 52.64 0.29
C GLU L 129 3.17 52.26 1.76
N ALA L 130 2.08 51.55 2.04
CA ALA L 130 1.89 50.79 3.27
C ALA L 130 0.52 50.14 3.27
N PRO L 131 0.37 49.00 3.91
CA PRO L 131 -0.96 48.44 4.09
C PRO L 131 -1.73 49.19 5.17
N ILE L 132 -3.03 49.28 4.94
CA ILE L 132 -3.93 49.57 6.06
C ILE L 132 -3.90 48.39 7.01
N PRO L 133 -3.73 48.59 8.31
CA PRO L 133 -3.65 47.45 9.22
C PRO L 133 -4.93 46.60 9.16
N ASP L 134 -4.80 45.38 8.64
CA ASP L 134 -5.86 44.38 8.72
C ASP L 134 -5.18 43.02 8.58
N ALA L 135 -6.00 41.96 8.55
CA ALA L 135 -5.45 40.62 8.59
C ALA L 135 -4.59 40.29 7.37
N ARG L 136 -4.63 41.09 6.30
CA ARG L 136 -3.74 40.82 5.16
C ARG L 136 -2.28 40.88 5.56
N ILE L 137 -1.93 41.70 6.55
CA ILE L 137 -0.52 41.85 6.89
C ILE L 137 0.02 40.57 7.49
N TYR L 138 -0.84 39.67 7.97
CA TYR L 138 -0.36 38.41 8.54
C TYR L 138 0.06 37.40 7.48
N ARG L 139 -0.04 37.72 6.19
CA ARG L 139 0.36 36.81 5.14
C ARG L 139 1.71 37.15 4.51
N PHE L 140 2.24 38.34 4.79
CA PHE L 140 3.53 38.75 4.26
C PHE L 140 4.60 37.76 4.74
N PRO L 141 5.51 37.33 3.87
CA PRO L 141 6.47 36.28 4.25
C PRO L 141 7.57 36.81 5.16
N ALA L 142 7.96 35.98 6.11
CA ALA L 142 9.08 36.32 6.99
C ALA L 142 10.42 36.32 6.25
N PHE L 143 10.59 35.41 5.29
CA PHE L 143 11.85 35.18 4.60
C PHE L 143 11.51 34.83 3.17
N THR L 144 12.39 35.16 2.22
CA THR L 144 12.06 35.03 0.80
C THR L 144 13.19 34.35 0.04
N ALA L 145 12.89 33.97 -1.20
CA ALA L 145 13.92 33.42 -2.07
C ALA L 145 14.98 34.44 -2.45
N GLN L 146 14.74 35.72 -2.16
CA GLN L 146 15.72 36.77 -2.38
C GLN L 146 16.46 37.16 -1.10
N GLY L 147 16.27 36.39 -0.03
CA GLY L 147 16.91 36.68 1.23
C GLY L 147 16.00 37.49 2.11
N GLU L 148 16.58 38.45 2.82
CA GLU L 148 15.90 39.35 3.75
C GLU L 148 14.58 39.86 3.18
N SER L 149 13.50 39.61 3.91
CA SER L 149 12.21 40.11 3.49
C SER L 149 12.11 41.59 3.81
N LEU L 150 11.07 42.20 3.32
CA LEU L 150 10.84 43.58 3.56
C LEU L 150 10.03 43.86 4.83
N VAL L 151 9.50 42.83 5.46
CA VAL L 151 8.52 43.00 6.51
C VAL L 151 8.90 42.38 7.84
N TRP L 152 10.09 41.79 7.92
CA TRP L 152 10.51 41.18 9.15
C TRP L 152 10.63 42.18 10.29
N HIS L 153 10.84 43.45 9.95
CA HIS L 153 10.94 44.47 10.99
C HIS L 153 9.65 44.62 11.79
N PHE L 154 8.49 44.29 11.20
CA PHE L 154 7.25 44.30 12.00
C PHE L 154 7.42 43.55 13.31
N SER L 155 7.93 42.30 13.25
CA SER L 155 8.08 41.49 14.46
C SER L 155 9.25 41.96 15.33
N PHE L 156 10.36 42.33 14.71
CA PHE L 156 11.49 42.91 15.43
C PHE L 156 11.05 44.10 16.27
N PHE L 157 10.32 45.01 15.65
CA PHE L 157 9.87 46.22 16.34
C PHE L 157 8.80 45.92 17.38
N ALA L 158 7.91 44.98 17.09
CA ALA L 158 6.82 44.66 17.99
C ALA L 158 7.26 43.77 19.15
N ALA L 159 8.48 43.25 19.10
CA ALA L 159 8.95 42.32 20.12
C ALA L 159 8.95 42.98 21.49
N ASP L 160 8.63 42.20 22.51
CA ASP L 160 8.66 42.69 23.88
C ASP L 160 10.10 42.75 24.38
N ASP L 161 10.28 43.04 25.68
CA ASP L 161 11.61 43.17 26.31
C ASP L 161 12.38 44.38 25.79
N ARG L 162 11.67 45.30 25.15
CA ARG L 162 12.25 46.41 24.41
C ARG L 162 13.42 45.99 23.54
N LEU L 163 13.26 44.88 22.86
CA LEU L 163 14.33 44.29 22.08
C LEU L 163 14.91 45.25 21.06
N ALA L 164 14.06 45.89 20.26
CA ALA L 164 14.59 46.70 19.15
C ALA L 164 15.32 47.94 19.66
N GLU L 165 14.72 48.66 20.62
CA GLU L 165 15.38 49.84 21.20
C GLU L 165 16.72 49.49 21.82
N THR L 166 16.77 48.38 22.57
CA THR L 166 17.99 48.02 23.29
C THR L 166 19.11 47.69 22.31
N LEU L 167 18.81 46.94 21.22
CA LEU L 167 19.84 46.60 20.24
C LEU L 167 20.23 47.78 19.35
N ILE L 168 19.30 48.66 19.01
CA ILE L 168 19.61 49.70 18.04
C ILE L 168 20.23 50.94 18.70
N ALA L 169 19.97 51.16 20.00
CA ALA L 169 20.54 52.31 20.69
C ALA L 169 22.06 52.38 20.48
N GLY L 170 22.53 53.55 20.06
CA GLY L 170 23.94 53.73 19.75
C GLY L 170 24.32 53.33 18.35
N LYS L 171 23.45 52.65 17.61
CA LYS L 171 23.69 52.18 16.25
C LYS L 171 22.59 52.69 15.31
N GLU L 172 22.04 53.82 15.60
CA GLU L 172 20.88 54.28 14.90
C GLU L 172 21.15 54.55 13.44
N ARG L 173 22.26 55.19 13.15
CA ARG L 173 22.58 55.48 11.76
C ARG L 173 22.85 54.20 11.00
N PHE L 174 23.57 53.27 11.62
CA PHE L 174 23.84 52.01 10.95
C PHE L 174 22.55 51.29 10.60
N PHE L 175 21.63 51.18 11.56
CA PHE L 175 20.38 50.46 11.29
C PHE L 175 19.51 51.18 10.27
N LEU L 176 19.33 52.48 10.45
CA LEU L 176 18.44 53.22 9.56
C LEU L 176 18.95 53.21 8.13
N GLU L 177 20.26 53.33 7.93
CA GLU L 177 20.77 53.29 6.56
C GLU L 177 20.45 51.93 5.93
N HIS L 178 20.63 50.84 6.67
CA HIS L 178 20.27 49.54 6.13
C HIS L 178 18.78 49.46 5.83
N PHE L 179 17.94 49.89 6.79
CA PHE L 179 16.50 49.82 6.58
C PHE L 179 16.08 50.61 5.37
N ILE L 180 16.53 51.87 5.28
CA ILE L 180 16.16 52.71 4.15
C ILE L 180 16.66 52.11 2.85
N LYS L 181 17.97 51.79 2.77
CA LYS L 181 18.50 51.29 1.50
C LYS L 181 17.92 49.93 1.13
N SER L 182 17.71 49.06 2.11
CA SER L 182 17.12 47.76 1.78
C SER L 182 15.70 47.89 1.27
N HIS L 183 15.02 48.99 1.58
CA HIS L 183 13.67 49.22 1.07
C HIS L 183 13.63 50.15 -0.13
N ALA L 184 14.77 50.48 -0.72
CA ALA L 184 14.82 51.40 -1.84
C ALA L 184 15.24 50.69 -3.12
N SER L 185 14.78 51.22 -4.26
CA SER L 185 15.37 50.85 -5.53
C SER L 185 16.39 51.87 -5.97
N ASN L 186 16.05 53.14 -5.81
CA ASN L 186 16.92 54.29 -6.09
C ASN L 186 17.69 54.66 -4.81
N THR L 187 18.79 53.95 -4.57
CA THR L 187 19.58 54.16 -3.35
C THR L 187 20.43 55.43 -3.41
N GLU L 188 20.74 55.95 -4.59
CA GLU L 188 21.68 57.07 -4.68
C GLU L 188 21.09 58.38 -4.16
N VAL L 189 19.76 58.49 -4.02
CA VAL L 189 19.21 59.74 -3.50
C VAL L 189 19.50 59.90 -2.01
N PHE L 190 19.84 58.82 -1.30
CA PHE L 190 20.06 58.92 0.13
C PHE L 190 21.55 59.21 0.34
N SER L 191 21.88 60.49 0.27
CA SER L 191 23.21 61.01 0.48
C SER L 191 23.64 60.84 1.94
N GLU L 192 24.93 60.98 2.17
CA GLU L 192 25.46 60.97 3.54
C GLU L 192 24.73 61.97 4.42
N ARG L 193 24.54 63.19 3.91
CA ARG L 193 23.88 64.21 4.70
C ARG L 193 22.41 63.92 5.02
N LEU L 194 21.67 63.43 4.03
CA LEU L 194 20.27 63.10 4.25
C LEU L 194 20.11 61.98 5.27
N LEU L 195 20.91 60.92 5.15
CA LEU L 195 20.86 59.84 6.14
C LEU L 195 21.29 60.35 7.51
N ASP L 196 22.28 61.24 7.54
CA ASP L 196 22.71 61.76 8.84
C ASP L 196 21.58 62.52 9.53
N LEU L 197 20.81 63.31 8.78
CA LEU L 197 19.74 64.10 9.37
C LEU L 197 18.64 63.22 9.98
N TYR L 198 18.20 62.20 9.25
CA TYR L 198 17.17 61.32 9.78
C TYR L 198 17.69 60.53 10.97
N ALA L 199 18.96 60.11 10.92
CA ALA L 199 19.55 59.35 12.02
C ALA L 199 19.64 60.16 13.31
N ARG L 200 19.90 61.45 13.19
CA ARG L 200 20.01 62.32 14.33
C ARG L 200 18.70 62.45 15.05
N SER L 201 17.61 62.52 14.31
CA SER L 201 16.27 62.67 14.86
C SER L 201 15.80 61.40 15.55
N TYR L 202 15.99 60.24 14.90
CA TYR L 202 15.54 58.98 15.50
C TYR L 202 16.46 58.56 16.63
N ALA L 203 17.68 59.09 16.69
CA ALA L 203 18.58 58.76 17.79
C ALA L 203 18.18 59.38 19.12
N LYS L 204 17.20 60.29 19.13
CA LYS L 204 16.64 60.76 20.40
C LYS L 204 15.99 59.59 21.12
N PRO L 205 16.33 59.33 22.39
CA PRO L 205 15.83 58.11 23.07
C PRO L 205 14.33 57.95 23.05
N HIS L 206 13.56 59.03 23.26
CA HIS L 206 12.11 58.88 23.24
C HIS L 206 11.57 58.67 21.83
N SER L 207 12.30 59.11 20.81
CA SER L 207 11.84 58.92 19.44
C SER L 207 12.11 57.49 18.95
N LEU L 208 13.23 56.92 19.35
CA LEU L 208 13.50 55.53 19.04
C LEU L 208 12.42 54.63 19.63
N ASN L 209 12.11 54.80 20.92
CA ASN L 209 11.06 54.01 21.54
C ASN L 209 9.71 54.25 20.86
N ALA L 210 9.38 55.52 20.61
CA ALA L 210 8.10 55.85 20.00
C ALA L 210 7.93 55.13 18.66
N SER L 211 8.98 55.10 17.85
CA SER L 211 8.97 54.39 16.57
C SER L 211 8.38 52.99 16.71
N PHE L 212 8.91 52.22 17.64
CA PHE L 212 8.51 50.82 17.78
C PHE L 212 7.16 50.66 18.47
N GLU L 213 6.75 51.64 19.29
CA GLU L 213 5.44 51.56 19.93
C GLU L 213 4.31 51.56 18.90
N TYR L 214 4.51 52.20 17.75
CA TYR L 214 3.53 52.10 16.66
C TYR L 214 3.34 50.65 16.21
N TYR L 215 4.43 49.87 16.16
CA TYR L 215 4.32 48.46 15.78
C TYR L 215 3.85 47.59 16.93
N ARG L 216 4.14 47.98 18.15
CA ARG L 216 3.65 47.27 19.30
C ARG L 216 2.15 47.40 19.43
N ALA L 217 1.57 48.43 18.83
CA ALA L 217 0.13 48.64 18.82
C ALA L 217 -0.53 48.14 17.54
N LEU L 218 0.24 47.54 16.63
CA LEU L 218 -0.29 47.17 15.32
C LEU L 218 -1.45 46.19 15.43
N ASN L 219 -1.34 45.16 16.27
CA ASN L 219 -2.45 44.22 16.38
C ASN L 219 -3.70 44.87 16.94
N GLU L 220 -3.55 45.83 17.85
CA GLU L 220 -4.73 46.54 18.30
C GLU L 220 -5.32 47.39 17.17
N SER L 221 -4.44 48.02 16.36
CA SER L 221 -4.93 48.76 15.19
C SER L 221 -5.69 47.85 14.25
N VAL L 222 -5.17 46.64 14.02
CA VAL L 222 -5.87 45.65 13.20
C VAL L 222 -7.25 45.38 13.77
N ARG L 223 -7.32 45.17 15.08
CA ARG L 223 -8.62 44.90 15.71
C ARG L 223 -9.55 46.10 15.57
N GLN L 224 -9.04 47.30 15.79
CA GLN L 224 -9.84 48.51 15.60
C GLN L 224 -10.38 48.60 14.18
N ASN L 225 -9.51 48.39 13.18
CA ASN L 225 -9.91 48.58 11.80
C ASN L 225 -10.90 47.53 11.33
N ALA L 226 -10.93 46.35 11.96
CA ALA L 226 -11.94 45.36 11.61
C ALA L 226 -13.35 45.90 11.85
N GLU L 227 -13.53 46.71 12.88
CA GLU L 227 -14.83 47.31 13.13
C GLU L 227 -15.07 48.50 12.21
N LEU L 228 -14.07 49.39 12.11
CA LEU L 228 -14.21 50.60 11.32
C LEU L 228 -14.47 50.31 9.85
N ALA L 229 -13.89 49.23 9.32
CA ALA L 229 -13.99 48.92 7.89
C ALA L 229 -15.38 48.46 7.48
N LYS L 230 -16.34 48.40 8.41
CA LYS L 230 -17.71 48.11 8.02
C LYS L 230 -18.36 49.25 7.26
N THR L 231 -17.77 50.44 7.27
CA THR L 231 -18.22 51.57 6.47
C THR L 231 -17.16 51.83 5.40
N ARG L 232 -17.54 51.81 4.13
CA ARG L 232 -16.58 52.07 3.09
C ARG L 232 -16.30 53.54 2.94
N LEU L 233 -15.11 53.85 2.47
CA LEU L 233 -14.74 55.24 2.21
C LEU L 233 -15.37 55.70 0.90
N GLN L 234 -15.97 56.89 0.93
CA GLN L 234 -16.72 57.43 -0.18
C GLN L 234 -16.00 58.52 -0.93
N MET L 235 -14.98 59.13 -0.36
CA MET L 235 -14.36 60.26 -1.01
C MET L 235 -13.42 59.76 -2.09
N PRO L 236 -13.10 60.59 -3.08
CA PRO L 236 -12.13 60.18 -4.10
C PRO L 236 -10.78 59.89 -3.47
N THR L 237 -10.23 58.73 -3.79
CA THR L 237 -8.96 58.32 -3.23
C THR L 237 -8.02 57.87 -4.34
N MET L 238 -6.73 58.11 -4.12
CA MET L 238 -5.68 57.65 -5.02
C MET L 238 -4.61 56.92 -4.21
N THR L 239 -4.17 55.76 -4.71
CA THR L 239 -3.04 55.05 -4.12
C THR L 239 -1.84 55.14 -5.05
N LEU L 240 -0.66 55.23 -4.43
CA LEU L 240 0.61 55.17 -5.12
C LEU L 240 1.44 54.07 -4.46
N ALA L 241 2.16 53.32 -5.26
CA ALA L 241 3.04 52.28 -4.77
C ALA L 241 4.29 52.23 -5.65
N GLY L 242 5.40 51.79 -5.07
CA GLY L 242 6.59 51.53 -5.86
C GLY L 242 6.49 50.19 -6.59
N GLY L 243 6.95 50.18 -7.84
CA GLY L 243 7.04 48.99 -8.64
C GLY L 243 8.41 48.33 -8.65
N GLY L 244 9.39 48.91 -7.96
CA GLY L 244 10.71 48.34 -7.88
C GLY L 244 10.93 47.58 -6.58
N HIS L 245 12.15 47.11 -6.40
CA HIS L 245 12.51 46.48 -5.14
C HIS L 245 12.16 47.40 -3.99
N GLY L 246 11.47 46.86 -2.99
CA GLY L 246 11.18 47.57 -1.77
C GLY L 246 9.76 48.11 -1.67
N GLY L 247 9.04 48.19 -2.78
CA GLY L 247 7.71 48.75 -2.81
C GLY L 247 6.62 47.73 -2.54
N MET L 248 5.40 48.26 -2.46
CA MET L 248 4.20 47.45 -2.28
C MET L 248 3.67 46.84 -3.58
N GLY L 249 4.03 47.42 -4.73
CA GLY L 249 3.50 46.92 -6.01
C GLY L 249 1.99 46.96 -6.08
N THR L 250 1.41 45.94 -6.70
CA THR L 250 -0.02 45.97 -6.93
C THR L 250 -0.85 45.79 -5.67
N PHE L 251 -0.23 45.40 -4.55
CA PHE L 251 -0.96 45.20 -3.29
C PHE L 251 -1.70 46.46 -2.86
N GLN L 252 -1.07 47.63 -3.00
CA GLN L 252 -1.65 48.87 -2.49
C GLN L 252 -3.04 49.10 -3.06
N LEU L 253 -3.17 49.09 -4.37
CA LEU L 253 -4.48 49.34 -4.98
C LEU L 253 -5.46 48.21 -4.67
N GLU L 254 -5.00 46.96 -4.74
CA GLU L 254 -5.89 45.84 -4.51
C GLU L 254 -6.50 45.84 -3.11
N GLN L 255 -5.70 46.16 -2.09
CA GLN L 255 -6.27 46.30 -0.75
C GLN L 255 -7.22 47.49 -0.69
N MET L 256 -6.81 48.63 -1.26
CA MET L 256 -7.63 49.83 -1.14
C MET L 256 -9.01 49.64 -1.78
N LYS L 257 -9.10 48.83 -2.84
CA LYS L 257 -10.40 48.59 -3.45
C LYS L 257 -11.38 47.96 -2.47
N ALA L 258 -10.89 47.27 -1.46
CA ALA L 258 -11.77 46.71 -0.44
C ALA L 258 -12.20 47.75 0.59
N TYR L 259 -11.56 48.92 0.61
CA TYR L 259 -11.90 49.96 1.57
C TYR L 259 -12.60 51.15 0.95
N ALA L 260 -12.44 51.39 -0.35
CA ALA L 260 -12.89 52.63 -0.96
C ALA L 260 -13.70 52.34 -2.21
N GLU L 261 -14.75 53.13 -2.43
CA GLU L 261 -15.56 52.96 -3.64
C GLU L 261 -14.96 53.65 -4.84
N ASP L 262 -14.28 54.76 -4.64
CA ASP L 262 -13.79 55.61 -5.71
C ASP L 262 -12.29 55.70 -5.53
N VAL L 263 -11.55 54.84 -6.23
CA VAL L 263 -10.12 54.74 -6.02
C VAL L 263 -9.44 54.60 -7.38
N GLU L 264 -8.34 55.30 -7.53
CA GLU L 264 -7.48 55.27 -8.69
C GLU L 264 -6.10 54.90 -8.17
N GLY L 265 -5.37 54.04 -8.86
CA GLY L 265 -4.07 53.58 -8.39
C GLY L 265 -2.98 53.68 -9.44
N HIS L 266 -1.76 53.92 -8.98
CA HIS L 266 -0.61 53.95 -9.87
C HIS L 266 0.56 53.23 -9.19
N VAL L 267 1.34 52.53 -10.01
CA VAL L 267 2.58 51.89 -9.58
C VAL L 267 3.73 52.55 -10.33
N LEU L 268 4.68 53.12 -9.60
CA LEU L 268 5.78 53.85 -10.23
C LEU L 268 6.92 52.89 -10.52
N PRO L 269 7.19 52.57 -11.78
CA PRO L 269 8.21 51.55 -12.07
C PRO L 269 9.59 52.05 -11.68
N GLY L 270 10.44 51.10 -11.27
CA GLY L 270 11.77 51.41 -10.84
C GLY L 270 11.86 52.11 -9.51
N CYS L 271 10.75 52.24 -8.77
CA CYS L 271 10.71 52.99 -7.52
C CYS L 271 10.42 52.05 -6.36
N GLY L 272 11.13 52.24 -5.25
CA GLY L 272 10.92 51.44 -4.06
C GLY L 272 9.92 52.03 -3.07
N HIS L 273 10.23 51.89 -1.77
CA HIS L 273 9.30 52.30 -0.73
C HIS L 273 9.22 53.82 -0.57
N TRP L 274 10.30 54.53 -0.86
CA TRP L 274 10.44 55.93 -0.45
C TRP L 274 10.08 56.87 -1.61
N LEU L 275 8.82 56.83 -2.03
CA LEU L 275 8.40 57.52 -3.26
C LEU L 275 8.78 58.99 -3.30
N PRO L 276 8.58 59.79 -2.23
CA PRO L 276 8.87 61.24 -2.33
C PRO L 276 10.33 61.57 -2.60
N GLU L 277 11.27 60.73 -2.14
CA GLU L 277 12.68 60.94 -2.38
C GLU L 277 13.23 60.17 -3.58
N GLU L 278 12.82 58.91 -3.75
CA GLU L 278 13.35 58.09 -4.84
C GLU L 278 12.81 58.54 -6.19
N CYS L 279 11.55 58.97 -6.24
CA CYS L 279 10.88 59.29 -7.49
C CYS L 279 10.05 60.57 -7.31
N ALA L 280 10.76 61.64 -6.90
CA ALA L 280 10.10 62.88 -6.54
C ALA L 280 9.28 63.45 -7.70
N ALA L 281 9.91 63.57 -8.87
CA ALA L 281 9.23 64.24 -9.98
C ALA L 281 7.93 63.54 -10.38
N PRO L 282 7.90 62.24 -10.66
CA PRO L 282 6.63 61.59 -11.04
C PRO L 282 5.60 61.59 -9.93
N MET L 283 6.04 61.38 -8.68
CA MET L 283 5.11 61.33 -7.57
C MET L 283 4.49 62.70 -7.30
N ASN L 284 5.32 63.74 -7.26
CA ASN L 284 4.77 65.07 -7.02
C ASN L 284 3.73 65.41 -8.08
N ARG L 285 4.07 65.17 -9.34
CA ARG L 285 3.14 65.37 -10.44
C ARG L 285 1.81 64.68 -10.22
N LEU L 286 1.82 63.42 -9.84
CA LEU L 286 0.59 62.67 -9.61
C LEU L 286 -0.21 63.23 -8.44
N VAL L 287 0.46 63.57 -7.34
CA VAL L 287 -0.26 64.13 -6.19
C VAL L 287 -0.88 65.47 -6.53
N ILE L 288 -0.10 66.39 -7.12
CA ILE L 288 -0.59 67.73 -7.44
C ILE L 288 -1.76 67.63 -8.40
N ASP L 289 -1.61 66.80 -9.42
CA ASP L 289 -2.64 66.58 -10.42
C ASP L 289 -3.93 66.08 -9.76
N PHE L 290 -3.83 65.01 -8.97
CA PHE L 290 -5.02 64.43 -8.34
C PHE L 290 -5.75 65.41 -7.43
N LEU L 291 -4.99 66.26 -6.73
CA LEU L 291 -5.60 67.21 -5.81
C LEU L 291 -6.09 68.48 -6.49
N SER L 292 -5.69 68.73 -7.73
CA SER L 292 -6.03 69.97 -8.39
C SER L 292 -7.12 69.86 -9.42
N ARG L 293 -7.51 68.66 -9.82
CA ARG L 293 -8.46 68.52 -10.91
C ARG L 293 -9.90 68.72 -10.46
N GLY L 294 -10.69 69.46 -11.26
CA GLY L 294 -12.05 69.81 -10.87
C GLY L 294 -12.12 70.91 -9.84
N ARG L 295 -11.04 71.68 -9.66
CA ARG L 295 -11.02 72.71 -8.62
C ARG L 295 -10.58 74.09 -9.13
#